data_8JR3
#
_entry.id   8JR3
#
_cell.length_a   110.843
_cell.length_b   257.014
_cell.length_c   193.518
_cell.angle_alpha   90.00
_cell.angle_beta   90.00
_cell.angle_gamma   90.00
#
_symmetry.space_group_name_H-M   'C 2 2 21'
#
loop_
_entity.id
_entity.type
_entity.pdbx_description
1 polymer 'Glycoprotein G'
2 polymer 'Heavy chain of neutralizing antibody 14F8'
3 polymer 'Light chain of neutralizing antibody 14F8'
4 branched beta-D-mannopyranose-(1-4)-2-acetamido-2-deoxy-beta-D-glucopyranose-(1-4)-2-acetamido-2-deoxy-beta-D-glucopyranose
5 branched 2-acetamido-2-deoxy-beta-D-glucopyranose-(1-4)-[alpha-L-fucopyranose-(1-6)]2-acetamido-2-deoxy-beta-D-glucopyranose
6 branched 2-acetamido-2-deoxy-beta-D-glucopyranose-(1-4)-2-acetamido-2-deoxy-beta-D-glucopyranose
7 branched beta-D-mannopyranose-(1-4)-2-acetamido-2-deoxy-beta-D-glucopyranose-(1-4)-[alpha-L-fucopyranose-(1-6)]2-acetamido-2-deoxy-beta-D-glucopyranose
8 non-polymer 2-acetamido-2-deoxy-beta-D-glucopyranose
#
loop_
_entity_poly.entity_id
_entity_poly.type
_entity_poly.pdbx_seq_one_letter_code
_entity_poly.pdbx_strand_id
1 'polypeptide(L)'
;ICLQKTTSTILKPRLISYTLPINTREGVCITDPLLAVDNGFFAYSHLEKIGSCTRGIAKQRIIGVGEVLDRGDKVPSMFM
TNVWTPPNPSTIHHCSSTYHEDFYYTLCAVSHVGDPILNSTSWTESLSLIRLAVRPKSDSGDYNQKYIAITKVERGKYDK
VMPYGPSGIKQGDTLYFPAVGFLPRTEFQYNDSNCPIIHCKYSKAENCRLSMGVNSKSHYILRSGLLKYNLSLGGDIILQ
FIEIADNRLTIGSPSKIYNSLGQPVFYQASYSWDTMIKLGDVDTVDPLRVQWRNNSVISRPGQSQCPRFNVCPEVCWEGT
YNDAFLIDRLNWVSAGVYLNSNQTAENPVFAVFKDNEILYQVPLAEDDTNAQKTITDCFLLENVIWCISLVEIYDTGDNV
IRPKLFAVKIPAQCSE
;
E,F
2 'polypeptide(L)'
;QVQLKESGPGLVAPSQSLSITCTVSGFSLTSYDISWIRQPPGKGLEWLGVIWTGGVTNYNSAFLSRLSISKDNSKSQVFL
KMNSLQTDDTAIYYCVREGDWFFDVWGAGTTVTVSSASTKGPSVFPLAPSSKSTSGGTAALGCLVKDYFPEPVTVSWNSG
ALTSGVHTFPAVLQSSGLYSLSSVVTVPSSSLGTQTYICNVNHKPSNTKVDKKVEPK
;
A,B
3 'polypeptide(L)'
;DVLMTQTPLSLPVSLGDQASISCRSSQSIVHSNGNTYLEWYLQKPGQSPQLLIYKVSNRFSGVPDRFSGSGSGTDFTLKI
NRVEAEDLGLYYCFQASHVPYTFGGGTKLEIKRTVAAPSVFIFPPSDEQLKSGTASVVCLLNNFYPREAKVQWKVDNALQ
SGNSQESVTEQDSKDSTYSLSSTLTLSKADYEKHKLYACEVTHQGLSSPVTK
;
D,C
#
# COMPACT_ATOMS: atom_id res chain seq x y z
N ILE A 1 32.16 -2.68 -18.31
CA ILE A 1 31.23 -3.70 -18.79
C ILE A 1 31.87 -5.00 -19.31
N CYS A 2 31.55 -6.10 -18.63
CA CYS A 2 31.94 -7.43 -19.11
C CYS A 2 31.40 -7.68 -20.52
N LEU A 3 32.24 -8.33 -21.34
CA LEU A 3 31.84 -8.76 -22.69
C LEU A 3 32.20 -10.21 -22.99
N GLN A 4 32.53 -11.01 -21.99
CA GLN A 4 33.04 -12.36 -22.22
C GLN A 4 32.04 -13.42 -21.76
N LYS A 5 31.83 -14.41 -22.61
CA LYS A 5 30.95 -15.52 -22.25
C LYS A 5 31.51 -16.30 -21.08
N THR A 6 30.63 -16.65 -20.15
CA THR A 6 31.03 -17.42 -18.97
C THR A 6 29.83 -18.21 -18.48
N THR A 7 30.11 -19.32 -17.79
CA THR A 7 29.05 -20.05 -17.10
C THR A 7 29.12 -19.90 -15.59
N SER A 8 30.21 -19.37 -15.05
CA SER A 8 30.21 -19.01 -13.63
C SER A 8 29.29 -17.81 -13.45
N THR A 9 28.46 -17.87 -12.42
CA THR A 9 27.43 -16.85 -12.20
C THR A 9 28.02 -15.63 -11.51
N ILE A 10 28.19 -14.57 -12.30
CA ILE A 10 28.71 -13.28 -11.86
C ILE A 10 27.60 -12.29 -11.58
N LEU A 11 26.35 -12.69 -11.77
CA LEU A 11 25.20 -11.80 -11.63
C LEU A 11 24.50 -12.11 -10.32
N LYS A 12 24.46 -11.14 -9.41
CA LYS A 12 23.74 -11.32 -8.15
C LYS A 12 22.55 -10.39 -8.13
N PRO A 13 21.33 -10.90 -8.28
CA PRO A 13 20.14 -10.04 -8.29
C PRO A 13 19.65 -9.72 -6.88
N ARG A 14 19.12 -8.51 -6.72
CA ARG A 14 18.67 -8.01 -5.44
C ARG A 14 17.22 -7.56 -5.52
N LEU A 15 16.43 -7.88 -4.48
CA LEU A 15 14.98 -7.61 -4.49
C LEU A 15 14.73 -6.20 -3.93
N ILE A 16 14.22 -5.31 -4.79
CA ILE A 16 13.94 -3.93 -4.44
C ILE A 16 12.45 -3.64 -4.32
N SER A 17 11.60 -4.67 -4.34
CA SER A 17 10.16 -4.46 -4.47
C SER A 17 9.57 -3.75 -3.26
N TYR A 18 10.22 -3.90 -2.12
CA TYR A 18 9.69 -3.52 -0.82
C TYR A 18 9.45 -2.01 -0.66
N THR A 19 10.21 -1.18 -1.36
CA THR A 19 9.91 0.25 -1.36
C THR A 19 8.62 0.60 -2.10
N LEU A 20 8.25 -0.14 -3.15
CA LEU A 20 7.02 0.19 -3.86
C LEU A 20 5.75 -0.36 -3.21
N PRO A 21 4.58 0.25 -3.52
CA PRO A 21 3.32 -0.13 -2.86
C PRO A 21 2.72 -1.45 -3.34
N ILE A 22 3.29 -2.56 -2.89
CA ILE A 22 2.79 -3.89 -3.22
C ILE A 22 2.67 -4.67 -1.92
N ASN A 23 1.43 -5.04 -1.54
CA ASN A 23 1.20 -5.74 -0.26
C ASN A 23 1.01 -7.23 -0.46
N THR A 24 2.01 -7.99 -0.05
CA THR A 24 1.97 -9.47 -0.15
C THR A 24 0.85 -10.05 0.72
N ARG A 25 0.62 -9.52 1.91
CA ARG A 25 -0.36 -10.09 2.88
C ARG A 25 -1.82 -10.11 2.40
N GLU A 26 -2.29 -9.10 1.66
CA GLU A 26 -3.72 -8.97 1.27
C GLU A 26 -4.19 -10.13 0.39
N GLY A 27 -3.39 -10.69 -0.52
CA GLY A 27 -3.93 -11.74 -1.41
C GLY A 27 -4.56 -11.20 -2.67
N VAL A 28 -4.43 -9.91 -2.89
CA VAL A 28 -4.94 -9.25 -4.11
C VAL A 28 -4.09 -9.63 -5.33
N CYS A 29 -4.70 -9.64 -6.53
CA CYS A 29 -3.94 -9.90 -7.78
C CYS A 29 -3.43 -8.57 -8.30
N ILE A 30 -2.16 -8.50 -8.63
CA ILE A 30 -1.52 -7.28 -9.11
C ILE A 30 -1.16 -7.57 -10.56
N THR A 31 -1.87 -6.95 -11.49
CA THR A 31 -1.73 -7.21 -12.91
C THR A 31 -1.62 -5.89 -13.67
N ASP A 32 -1.46 -6.01 -14.99
CA ASP A 32 -1.23 -4.86 -15.87
C ASP A 32 -0.12 -3.95 -15.34
N PRO A 33 1.07 -4.49 -15.07
CA PRO A 33 2.11 -3.68 -14.46
C PRO A 33 2.82 -2.81 -15.48
N LEU A 34 3.30 -1.67 -15.01
CA LEU A 34 3.98 -0.71 -15.87
C LEU A 34 5.21 -0.22 -15.14
N LEU A 35 6.36 -0.30 -15.82
CA LEU A 35 7.63 0.19 -15.31
C LEU A 35 8.30 1.04 -16.39
N ALA A 36 8.67 2.25 -16.01
CA ALA A 36 9.45 3.10 -16.88
C ALA A 36 10.51 3.79 -16.02
N VAL A 37 11.73 3.90 -16.54
CA VAL A 37 12.84 4.53 -15.82
C VAL A 37 13.54 5.46 -16.79
N ASP A 38 13.62 6.74 -16.43
CA ASP A 38 14.37 7.65 -17.28
C ASP A 38 14.92 8.79 -16.43
N ASN A 39 16.21 9.09 -16.62
CA ASN A 39 16.89 10.24 -15.99
C ASN A 39 16.77 10.20 -14.47
N GLY A 40 16.97 9.02 -13.89
CA GLY A 40 16.94 8.93 -12.44
C GLY A 40 15.57 9.05 -11.83
N PHE A 41 14.52 8.95 -12.64
CA PHE A 41 13.15 8.92 -12.15
C PHE A 41 12.49 7.66 -12.65
N PHE A 42 11.35 7.32 -12.05
CA PHE A 42 10.61 6.14 -12.47
C PHE A 42 9.11 6.42 -12.42
N ALA A 43 8.39 5.64 -13.23
CA ALA A 43 6.94 5.59 -13.28
C ALA A 43 6.53 4.14 -13.12
N TYR A 44 5.59 3.89 -12.25
CA TYR A 44 5.08 2.56 -11.95
C TYR A 44 3.56 2.60 -11.96
N SER A 45 2.96 1.49 -12.38
CA SER A 45 1.51 1.40 -12.31
C SER A 45 1.08 -0.04 -12.16
N HIS A 46 -0.04 -0.26 -11.46
CA HIS A 46 -0.68 -1.57 -11.56
C HIS A 46 -2.18 -1.50 -11.29
N LEU A 47 -2.84 -2.62 -11.60
CA LEU A 47 -4.24 -2.87 -11.31
C LEU A 47 -4.32 -3.97 -10.26
N GLU A 48 -5.03 -3.69 -9.18
CA GLU A 48 -5.17 -4.58 -8.04
C GLU A 48 -6.61 -5.08 -8.01
N LYS A 49 -6.77 -6.40 -8.17
CA LYS A 49 -8.04 -7.10 -8.28
C LYS A 49 -8.23 -8.01 -7.07
N ILE A 50 -9.46 -8.09 -6.55
CA ILE A 50 -9.80 -9.07 -5.54
C ILE A 50 -10.30 -10.34 -6.22
N GLY A 51 -9.51 -11.43 -6.15
CA GLY A 51 -9.98 -12.69 -6.67
C GLY A 51 -9.21 -13.20 -7.86
N SER A 52 -9.92 -13.82 -8.80
CA SER A 52 -9.25 -14.35 -9.99
C SER A 52 -8.52 -13.24 -10.73
N CYS A 53 -7.33 -13.56 -11.25
CA CYS A 53 -6.54 -12.57 -11.94
C CYS A 53 -7.21 -12.13 -13.24
N THR A 54 -7.56 -13.10 -14.09
CA THR A 54 -8.12 -12.77 -15.39
C THR A 54 -9.55 -12.22 -15.27
N ARG A 55 -10.31 -12.68 -14.28
CA ARG A 55 -11.66 -12.15 -14.00
C ARG A 55 -11.86 -11.97 -12.50
N GLY A 56 -11.60 -10.77 -12.01
CA GLY A 56 -11.73 -10.53 -10.58
C GLY A 56 -12.21 -9.13 -10.30
N ILE A 57 -12.74 -8.95 -9.10
CA ILE A 57 -13.33 -7.67 -8.68
C ILE A 57 -12.24 -6.62 -8.72
N ALA A 58 -12.36 -5.66 -9.63
CA ALA A 58 -11.33 -4.64 -9.77
C ALA A 58 -11.38 -3.72 -8.55
N LYS A 59 -10.26 -3.61 -7.84
CA LYS A 59 -10.23 -2.89 -6.57
C LYS A 59 -9.59 -1.51 -6.72
N GLN A 60 -8.33 -1.45 -7.15
CA GLN A 60 -7.76 -0.12 -7.40
C GLN A 60 -6.65 -0.16 -8.44
N ARG A 61 -6.57 0.90 -9.22
CA ARG A 61 -5.48 1.09 -10.16
C ARG A 61 -4.67 2.28 -9.67
N ILE A 62 -3.35 2.16 -9.69
CA ILE A 62 -2.49 3.24 -9.24
C ILE A 62 -1.46 3.55 -10.30
N ILE A 63 -1.17 4.84 -10.44
CA ILE A 63 -0.10 5.35 -11.30
C ILE A 63 0.75 6.27 -10.45
N GLY A 64 2.05 5.97 -10.35
CA GLY A 64 2.91 6.71 -9.46
C GLY A 64 4.24 7.01 -10.10
N VAL A 65 4.87 8.07 -9.60
CA VAL A 65 6.17 8.50 -10.05
C VAL A 65 7.05 8.80 -8.84
N GLY A 66 8.34 8.63 -9.03
CA GLY A 66 9.27 8.84 -7.93
C GLY A 66 10.70 8.86 -8.42
N GLU A 67 11.61 8.91 -7.44
CA GLU A 67 13.04 8.97 -7.72
C GLU A 67 13.69 7.62 -7.53
N VAL A 68 14.55 7.24 -8.46
CA VAL A 68 15.32 5.98 -8.36
C VAL A 68 16.64 6.37 -7.72
N LEU A 69 16.85 6.03 -6.47
CA LEU A 69 18.04 6.49 -5.72
C LEU A 69 18.65 5.29 -5.01
N ASP A 70 19.94 5.36 -4.66
CA ASP A 70 20.58 4.26 -3.91
C ASP A 70 19.93 4.09 -2.55
N ARG A 71 19.68 2.85 -2.15
CA ARG A 71 19.09 2.52 -0.83
C ARG A 71 20.08 2.94 0.26
N GLY A 72 21.38 2.78 0.00
CA GLY A 72 22.42 3.00 1.01
C GLY A 72 23.28 1.76 1.06
N ASP A 73 22.86 0.69 0.39
CA ASP A 73 23.67 -0.54 0.26
C ASP A 73 24.39 -0.43 -1.08
N LYS A 74 24.23 0.70 -1.78
CA LYS A 74 24.81 0.89 -3.13
C LYS A 74 23.92 0.16 -4.13
N VAL A 75 22.73 -0.24 -3.68
CA VAL A 75 21.76 -0.95 -4.56
C VAL A 75 20.60 -0.01 -4.81
N PRO A 76 20.19 0.20 -6.06
CA PRO A 76 19.14 1.12 -6.33
C PRO A 76 17.78 0.61 -5.86
N SER A 77 16.89 1.51 -5.48
CA SER A 77 15.53 1.15 -5.10
C SER A 77 14.63 2.28 -5.58
N MET A 78 13.33 2.02 -5.63
CA MET A 78 12.38 2.97 -6.18
C MET A 78 11.52 3.57 -5.08
N PHE A 79 11.49 4.89 -5.02
CA PHE A 79 10.82 5.60 -3.93
C PHE A 79 9.83 6.56 -4.56
N MET A 80 8.53 6.27 -4.41
CA MET A 80 7.52 7.17 -4.94
C MET A 80 7.47 8.50 -4.21
N THR A 81 7.15 9.52 -4.98
CA THR A 81 6.83 10.84 -4.50
C THR A 81 5.40 11.25 -4.81
N ASN A 82 4.83 10.76 -5.91
CA ASN A 82 3.49 11.19 -6.34
C ASN A 82 2.68 9.98 -6.79
N VAL A 83 1.44 9.88 -6.33
CA VAL A 83 0.58 8.73 -6.65
C VAL A 83 -0.80 9.24 -7.01
N TRP A 84 -1.37 8.70 -8.08
CA TRP A 84 -2.67 9.09 -8.59
C TRP A 84 -3.53 7.84 -8.71
N THR A 85 -4.79 7.98 -8.32
CA THR A 85 -5.76 6.89 -8.33
C THR A 85 -6.98 7.31 -9.14
N PRO A 86 -7.30 6.61 -10.23
CA PRO A 86 -8.52 6.95 -10.95
C PRO A 86 -9.74 6.61 -10.15
N PRO A 87 -10.81 7.40 -10.26
CA PRO A 87 -12.03 7.10 -9.51
C PRO A 87 -12.63 5.77 -9.89
N ASN A 88 -12.48 5.34 -11.14
CA ASN A 88 -13.20 4.18 -11.67
C ASN A 88 -12.14 3.29 -12.26
N PRO A 89 -11.68 2.29 -11.55
CA PRO A 89 -10.53 1.55 -12.02
C PRO A 89 -10.80 0.66 -13.21
N SER A 90 -12.05 0.29 -13.44
CA SER A 90 -12.39 -0.65 -14.51
C SER A 90 -12.13 -0.04 -15.88
N THR A 91 -12.15 1.30 -15.97
CA THR A 91 -12.13 1.96 -17.26
C THR A 91 -10.73 2.11 -17.83
N ILE A 92 -9.72 2.37 -16.99
CA ILE A 92 -8.39 2.71 -17.48
C ILE A 92 -7.68 1.48 -18.02
N HIS A 93 -7.12 1.59 -19.23
CA HIS A 93 -6.45 0.48 -19.91
C HIS A 93 -5.19 0.96 -20.64
N HIS A 94 -4.21 0.07 -20.72
CA HIS A 94 -3.04 0.23 -21.58
C HIS A 94 -2.32 1.56 -21.36
N CYS A 95 -1.94 1.83 -20.12
CA CYS A 95 -1.14 3.00 -19.81
C CYS A 95 0.23 2.90 -20.50
N SER A 96 0.78 4.06 -20.88
CA SER A 96 2.14 4.13 -21.43
C SER A 96 2.74 5.47 -21.04
N SER A 97 3.97 5.48 -20.54
CA SER A 97 4.46 6.70 -19.91
C SER A 97 5.84 7.10 -20.42
N THR A 98 6.04 8.42 -20.53
CA THR A 98 7.26 9.04 -21.06
C THR A 98 7.60 10.25 -20.21
N TYR A 99 8.90 10.60 -20.13
CA TYR A 99 9.36 11.63 -19.19
C TYR A 99 9.79 12.89 -19.93
N HIS A 100 9.40 14.05 -19.40
CA HIS A 100 9.94 15.29 -19.92
C HIS A 100 9.94 16.36 -18.83
N GLU A 101 11.10 16.98 -18.61
CA GLU A 101 11.26 18.22 -17.86
C GLU A 101 10.46 18.24 -16.56
N ASP A 102 10.73 17.27 -15.69
CA ASP A 102 10.17 17.24 -14.34
C ASP A 102 8.68 16.98 -14.33
N PHE A 103 8.14 16.47 -15.43
CA PHE A 103 6.81 15.89 -15.44
C PHE A 103 6.94 14.52 -16.07
N TYR A 104 6.01 13.63 -15.78
CA TYR A 104 6.08 12.36 -16.44
C TYR A 104 4.66 12.03 -16.89
N TYR A 105 4.53 11.91 -18.21
CA TYR A 105 3.29 11.92 -18.96
C TYR A 105 2.89 10.50 -19.29
N THR A 106 1.75 10.05 -18.78
CA THR A 106 1.30 8.68 -18.98
C THR A 106 -0.06 8.70 -19.64
N LEU A 107 -0.17 7.94 -20.73
CA LEU A 107 -1.24 8.04 -21.72
C LEU A 107 -2.05 6.75 -21.67
N CYS A 108 -3.34 6.88 -21.43
CA CYS A 108 -4.22 5.76 -21.17
C CYS A 108 -5.35 5.72 -22.18
N ALA A 109 -5.89 4.52 -22.36
CA ALA A 109 -7.13 4.33 -23.09
C ALA A 109 -8.26 4.17 -22.09
N VAL A 110 -9.40 4.78 -22.39
CA VAL A 110 -10.58 4.69 -21.55
C VAL A 110 -11.60 3.82 -22.27
N SER A 111 -12.11 2.80 -21.58
CA SER A 111 -13.00 1.85 -22.21
C SER A 111 -14.09 1.40 -21.24
N HIS A 112 -15.31 1.36 -21.75
CA HIS A 112 -16.44 0.83 -21.01
C HIS A 112 -16.83 -0.54 -21.53
N VAL A 113 -16.10 -1.04 -22.52
CA VAL A 113 -16.31 -2.37 -23.08
C VAL A 113 -15.12 -3.29 -22.76
N GLY A 114 -14.31 -2.93 -21.77
CA GLY A 114 -13.19 -3.76 -21.39
C GLY A 114 -11.96 -3.53 -22.26
N ASP A 115 -11.08 -4.51 -22.27
CA ASP A 115 -9.82 -4.42 -23.01
C ASP A 115 -10.11 -4.14 -24.48
N PRO A 116 -9.69 -3.00 -25.02
CA PRO A 116 -10.03 -2.66 -26.41
C PRO A 116 -9.55 -3.68 -27.42
N ILE A 117 -8.43 -4.35 -27.18
CA ILE A 117 -7.97 -5.37 -28.11
C ILE A 117 -9.03 -6.44 -28.30
N LEU A 118 -9.62 -6.90 -27.20
CA LEU A 118 -10.53 -8.04 -27.22
C LEU A 118 -11.94 -7.65 -27.65
N ASN A 119 -12.34 -6.43 -27.34
CA ASN A 119 -13.68 -5.96 -27.64
C ASN A 119 -13.53 -4.80 -28.62
N SER A 120 -12.81 -5.08 -29.70
CA SER A 120 -12.27 -4.03 -30.55
C SER A 120 -13.37 -3.28 -31.30
N THR A 121 -14.32 -4.02 -31.85
CA THR A 121 -15.38 -3.42 -32.65
C THR A 121 -16.29 -2.52 -31.81
N SER A 122 -16.53 -2.87 -30.54
CA SER A 122 -17.46 -2.12 -29.71
C SER A 122 -16.86 -0.87 -29.09
N TRP A 123 -15.53 -0.74 -29.10
CA TRP A 123 -14.88 0.36 -28.41
C TRP A 123 -14.85 1.60 -29.28
N THR A 124 -15.17 2.75 -28.69
CA THR A 124 -15.01 4.05 -29.31
C THR A 124 -13.80 4.71 -28.67
N GLU A 125 -12.85 5.17 -29.49
CA GLU A 125 -11.56 5.54 -28.92
C GLU A 125 -11.73 6.70 -27.96
N SER A 126 -11.22 6.51 -26.75
CA SER A 126 -11.15 7.56 -25.75
C SER A 126 -9.75 7.51 -25.21
N LEU A 127 -8.97 8.54 -25.44
CA LEU A 127 -7.64 8.57 -24.87
C LEU A 127 -7.60 9.70 -23.86
N SER A 128 -6.82 9.49 -22.82
CA SER A 128 -6.67 10.50 -21.78
C SER A 128 -5.24 10.43 -21.29
N LEU A 129 -4.80 11.53 -20.70
CA LEU A 129 -3.42 11.63 -20.27
C LEU A 129 -3.37 12.12 -18.84
N ILE A 130 -2.44 11.57 -18.08
CA ILE A 130 -2.20 11.94 -16.69
C ILE A 130 -0.75 12.36 -16.61
N ARG A 131 -0.50 13.57 -16.15
CA ARG A 131 0.89 13.95 -15.94
C ARG A 131 1.09 14.16 -14.46
N LEU A 132 2.20 13.60 -13.96
CA LEU A 132 2.51 13.61 -12.55
C LEU A 132 3.86 14.28 -12.36
N ALA A 133 3.94 15.17 -11.37
CA ALA A 133 5.20 15.86 -11.10
C ALA A 133 6.09 14.94 -10.31
N VAL A 134 7.29 14.72 -10.81
CA VAL A 134 8.20 13.75 -10.17
C VAL A 134 8.71 14.34 -8.85
N ARG A 135 8.70 15.67 -8.74
CA ARG A 135 9.17 16.35 -7.51
C ARG A 135 8.08 17.33 -7.11
N PRO A 136 7.04 16.90 -6.37
CA PRO A 136 5.90 17.77 -6.09
C PRO A 136 6.03 19.05 -5.24
N LYS A 137 5.63 20.21 -5.78
CA LYS A 137 5.55 21.50 -5.05
C LYS A 137 4.33 21.45 -4.12
N SER A 138 4.26 22.32 -3.11
CA SER A 138 3.14 22.18 -2.14
C SER A 138 1.99 23.12 -2.48
N ASP A 139 0.81 22.56 -2.77
CA ASP A 139 -0.41 23.35 -3.06
C ASP A 139 -0.09 24.29 -4.23
N SER A 140 0.71 23.84 -5.18
CA SER A 140 1.10 24.72 -6.29
C SER A 140 -0.08 24.90 -7.24
N GLY A 141 -0.83 23.83 -7.50
CA GLY A 141 -1.86 23.98 -8.54
C GLY A 141 -1.94 22.70 -9.33
N ASP A 142 -2.16 22.81 -10.63
CA ASP A 142 -2.26 21.65 -11.54
C ASP A 142 -0.94 20.91 -11.60
N TYR A 143 0.16 21.52 -11.18
CA TYR A 143 1.48 20.89 -11.41
C TYR A 143 1.62 19.53 -10.75
N ASN A 144 1.19 19.37 -9.51
CA ASN A 144 1.45 18.04 -8.90
C ASN A 144 0.70 16.93 -9.65
N GLN A 145 -0.58 17.13 -9.99
CA GLN A 145 -1.30 16.13 -10.85
C GLN A 145 -2.19 16.83 -11.87
N LYS A 146 -2.12 16.50 -13.15
CA LYS A 146 -3.08 17.05 -14.14
C LYS A 146 -3.69 15.94 -14.99
N TYR A 147 -5.01 15.93 -15.15
CA TYR A 147 -5.68 14.93 -15.99
C TYR A 147 -6.29 15.63 -17.20
N ILE A 148 -6.26 14.97 -18.34
CA ILE A 148 -6.72 15.58 -19.58
C ILE A 148 -7.42 14.54 -20.43
N ALA A 149 -8.65 14.82 -20.84
CA ALA A 149 -9.25 14.05 -21.91
C ALA A 149 -8.72 14.58 -23.24
N ILE A 150 -8.33 13.68 -24.13
CA ILE A 150 -7.67 14.05 -25.38
C ILE A 150 -8.70 14.01 -26.50
N THR A 151 -8.93 15.16 -27.12
CA THR A 151 -10.03 15.36 -28.06
C THR A 151 -9.66 15.18 -29.52
N LYS A 152 -8.45 15.58 -29.92
CA LYS A 152 -8.05 15.54 -31.33
C LYS A 152 -6.97 14.49 -31.52
N VAL A 153 -7.29 13.44 -32.27
CA VAL A 153 -6.34 12.39 -32.59
C VAL A 153 -6.24 12.29 -34.11
N GLU A 154 -5.02 12.45 -34.64
CA GLU A 154 -4.75 12.30 -36.07
C GLU A 154 -4.30 10.87 -36.29
N ARG A 155 -5.14 10.07 -36.95
CA ARG A 155 -4.86 8.65 -37.13
C ARG A 155 -4.84 8.26 -38.60
N GLY A 156 -5.00 9.22 -39.50
CA GLY A 156 -4.91 8.92 -40.93
C GLY A 156 -5.91 7.86 -41.35
N LYS A 157 -5.40 6.87 -42.08
CA LYS A 157 -6.25 5.80 -42.59
C LYS A 157 -6.82 4.93 -41.47
N TYR A 158 -6.09 4.80 -40.37
CA TYR A 158 -6.50 3.94 -39.25
C TYR A 158 -7.82 4.37 -38.64
N ASP A 159 -8.60 3.36 -38.26
CA ASP A 159 -9.96 3.58 -37.77
C ASP A 159 -9.96 3.97 -36.29
N LYS A 160 -9.04 3.40 -35.51
CA LYS A 160 -8.87 3.74 -34.11
C LYS A 160 -7.41 3.49 -33.73
N VAL A 161 -6.91 4.22 -32.74
CA VAL A 161 -5.54 4.09 -32.29
C VAL A 161 -5.51 4.16 -30.77
N MET A 162 -4.52 3.47 -30.18
CA MET A 162 -4.46 3.38 -28.73
C MET A 162 -3.01 3.12 -28.32
N PRO A 163 -2.56 3.65 -27.18
CA PRO A 163 -1.21 3.35 -26.72
C PRO A 163 -1.08 1.89 -26.32
N TYR A 164 0.07 1.30 -26.63
CA TYR A 164 0.12 -0.15 -26.47
C TYR A 164 1.58 -0.57 -26.22
N GLY A 165 2.07 -0.14 -25.05
CA GLY A 165 3.41 -0.43 -24.61
C GLY A 165 3.68 0.21 -23.25
N PRO A 166 4.74 -0.21 -22.57
CA PRO A 166 5.00 0.34 -21.23
C PRO A 166 5.58 1.76 -21.22
N SER A 167 6.63 2.03 -22.00
CA SER A 167 7.36 3.28 -21.88
C SER A 167 7.68 3.84 -23.26
N GLY A 168 8.10 5.10 -23.28
CA GLY A 168 8.31 5.83 -24.53
C GLY A 168 9.45 6.81 -24.40
N ILE A 169 9.69 7.56 -25.47
CA ILE A 169 10.85 8.45 -25.55
C ILE A 169 10.42 9.90 -25.68
N LYS A 170 11.41 10.77 -25.53
CA LYS A 170 11.29 12.20 -25.78
C LYS A 170 12.37 12.59 -26.77
N GLN A 171 12.02 13.46 -27.70
CA GLN A 171 12.98 14.09 -28.61
C GLN A 171 12.69 15.57 -28.59
N GLY A 172 13.59 16.35 -27.99
CA GLY A 172 13.35 17.76 -27.84
C GLY A 172 12.18 18.03 -26.91
N ASP A 173 11.18 18.75 -27.42
CA ASP A 173 9.95 18.99 -26.69
C ASP A 173 8.81 18.12 -27.21
N THR A 174 9.14 17.02 -27.90
CA THR A 174 8.14 16.15 -28.49
C THR A 174 8.22 14.77 -27.86
N LEU A 175 7.08 14.19 -27.52
CA LEU A 175 6.99 12.91 -26.85
C LEU A 175 6.49 11.87 -27.84
N TYR A 176 7.11 10.70 -27.82
CA TYR A 176 6.66 9.57 -28.64
C TYR A 176 6.34 8.40 -27.72
N PHE A 177 5.10 7.93 -27.80
CA PHE A 177 4.48 6.83 -27.06
C PHE A 177 4.36 5.60 -27.94
N PRO A 178 4.69 4.41 -27.46
CA PRO A 178 4.38 3.21 -28.25
C PRO A 178 2.89 3.00 -28.34
N ALA A 179 2.41 2.62 -29.51
CA ALA A 179 0.98 2.54 -29.74
C ALA A 179 0.68 1.53 -30.84
N VAL A 180 -0.62 1.36 -31.10
CA VAL A 180 -1.12 0.41 -32.07
C VAL A 180 -2.33 1.03 -32.77
N GLY A 181 -2.50 0.68 -34.03
CA GLY A 181 -3.63 1.14 -34.82
C GLY A 181 -4.44 -0.03 -35.33
N PHE A 182 -5.76 0.11 -35.25
CA PHE A 182 -6.72 -0.88 -35.74
C PHE A 182 -7.13 -0.48 -37.14
N LEU A 183 -6.85 -1.33 -38.12
CA LEU A 183 -7.25 -1.02 -39.48
C LEU A 183 -8.13 -2.13 -40.04
N PRO A 184 -9.30 -1.83 -40.60
CA PRO A 184 -10.17 -2.91 -41.10
C PRO A 184 -9.48 -3.69 -42.22
N ARG A 185 -9.53 -5.03 -42.13
CA ARG A 185 -8.72 -5.84 -43.04
C ARG A 185 -9.09 -5.65 -44.50
N THR A 186 -10.30 -5.16 -44.78
CA THR A 186 -10.62 -4.84 -46.16
C THR A 186 -9.68 -3.76 -46.67
N GLU A 187 -9.34 -2.79 -45.81
CA GLU A 187 -8.41 -1.73 -46.18
C GLU A 187 -6.97 -2.22 -46.19
N PHE A 188 -6.64 -3.28 -45.44
CA PHE A 188 -5.26 -3.72 -45.34
C PHE A 188 -4.76 -4.25 -46.67
N GLN A 189 -3.63 -3.71 -47.11
CA GLN A 189 -3.02 -4.07 -48.38
C GLN A 189 -1.79 -4.93 -48.09
N TYR A 190 -1.80 -6.17 -48.58
CA TYR A 190 -0.67 -7.04 -48.36
C TYR A 190 -0.56 -7.99 -49.55
N ASN A 191 0.65 -8.10 -50.09
CA ASN A 191 0.94 -9.01 -51.21
C ASN A 191 1.42 -10.31 -50.58
N ASP A 192 0.59 -11.35 -50.68
CA ASP A 192 0.89 -12.61 -50.00
C ASP A 192 2.21 -13.22 -50.44
N SER A 193 2.70 -12.85 -51.63
CA SER A 193 4.00 -13.35 -52.08
C SER A 193 5.11 -12.96 -51.12
N ASN A 194 4.97 -11.83 -50.42
CA ASN A 194 6.01 -11.38 -49.49
C ASN A 194 6.24 -12.41 -48.40
N CYS A 195 5.17 -13.10 -47.97
CA CYS A 195 5.20 -14.03 -46.85
C CYS A 195 6.19 -15.16 -47.12
N PRO A 196 7.21 -15.36 -46.26
CA PRO A 196 8.28 -16.32 -46.57
C PRO A 196 8.05 -17.75 -46.07
N ILE A 197 7.69 -18.67 -46.96
CA ILE A 197 7.43 -20.05 -46.58
C ILE A 197 8.46 -21.00 -47.17
N ILE A 198 9.63 -20.49 -47.58
CA ILE A 198 10.53 -21.24 -48.45
C ILE A 198 10.90 -22.58 -47.82
N HIS A 199 11.39 -22.55 -46.59
CA HIS A 199 11.81 -23.75 -45.88
C HIS A 199 10.78 -24.15 -44.84
N CYS A 200 9.67 -23.44 -44.79
CA CYS A 200 8.55 -23.78 -43.92
C CYS A 200 7.65 -24.76 -44.66
N LYS A 201 7.71 -26.02 -44.26
CA LYS A 201 6.98 -27.04 -44.98
C LYS A 201 5.50 -26.91 -44.76
N TYR A 202 5.07 -26.55 -43.55
CA TYR A 202 3.64 -26.73 -43.30
C TYR A 202 2.82 -25.49 -43.47
N SER A 203 3.40 -24.39 -43.90
CA SER A 203 2.78 -23.07 -43.80
C SER A 203 2.30 -22.59 -45.14
N LYS A 204 1.04 -22.16 -45.19
CA LYS A 204 0.48 -21.66 -46.43
C LYS A 204 0.95 -20.22 -46.68
N ALA A 205 0.80 -19.79 -47.93
CA ALA A 205 1.34 -18.49 -48.31
C ALA A 205 0.59 -17.34 -47.64
N GLU A 206 -0.72 -17.47 -47.48
CA GLU A 206 -1.52 -16.38 -46.96
C GLU A 206 -1.45 -16.20 -45.44
N ASN A 207 -0.78 -17.13 -44.72
CA ASN A 207 -0.84 -17.13 -43.26
C ASN A 207 -0.40 -15.78 -42.69
N CYS A 208 0.68 -15.19 -43.22
CA CYS A 208 1.16 -13.92 -42.66
C CYS A 208 0.07 -12.87 -42.68
N ARG A 209 -0.63 -12.72 -43.81
CA ARG A 209 -1.68 -11.70 -43.86
C ARG A 209 -2.77 -12.03 -42.86
N LEU A 210 -3.13 -13.31 -42.76
CA LEU A 210 -4.17 -13.68 -41.82
C LEU A 210 -3.73 -13.41 -40.40
N SER A 211 -2.43 -13.57 -40.12
CA SER A 211 -1.92 -13.37 -38.77
C SER A 211 -1.89 -11.89 -38.37
N MET A 212 -2.21 -10.98 -39.28
CA MET A 212 -2.28 -9.58 -38.85
C MET A 212 -3.43 -9.33 -37.89
N GLY A 213 -4.49 -10.12 -37.96
CA GLY A 213 -5.56 -10.04 -36.99
C GLY A 213 -5.42 -11.03 -35.85
N VAL A 214 -6.24 -10.83 -34.81
CA VAL A 214 -6.35 -11.81 -33.74
C VAL A 214 -6.94 -13.12 -34.28
N ASN A 215 -7.93 -13.02 -35.16
CA ASN A 215 -8.54 -14.16 -35.83
C ASN A 215 -8.27 -14.05 -37.32
N SER A 216 -8.31 -15.20 -38.00
CA SER A 216 -8.24 -15.16 -39.45
C SER A 216 -9.40 -14.36 -40.03
N LYS A 217 -10.55 -14.41 -39.36
CA LYS A 217 -11.74 -13.66 -39.77
C LYS A 217 -11.91 -12.38 -38.97
N SER A 218 -10.87 -11.91 -38.27
CA SER A 218 -11.02 -10.74 -37.43
C SER A 218 -11.38 -9.51 -38.27
N HIS A 219 -12.12 -8.58 -37.65
CA HIS A 219 -12.57 -7.40 -38.39
C HIS A 219 -11.42 -6.43 -38.64
N TYR A 220 -10.49 -6.31 -37.69
CA TYR A 220 -9.37 -5.40 -37.80
C TYR A 220 -8.06 -6.16 -37.90
N ILE A 221 -7.01 -5.43 -38.26
CA ILE A 221 -5.63 -5.86 -38.07
C ILE A 221 -4.99 -4.84 -37.14
N LEU A 222 -3.88 -5.25 -36.53
CA LEU A 222 -3.19 -4.43 -35.56
C LEU A 222 -1.81 -4.08 -36.10
N ARG A 223 -1.53 -2.78 -36.21
CA ARG A 223 -0.24 -2.30 -36.69
C ARG A 223 0.43 -1.49 -35.59
N SER A 224 1.67 -1.85 -35.24
CA SER A 224 2.33 -1.05 -34.22
C SER A 224 2.80 0.29 -34.79
N GLY A 225 3.09 1.21 -33.88
CA GLY A 225 3.57 2.52 -34.27
C GLY A 225 3.81 3.36 -33.04
N LEU A 226 3.83 4.67 -33.25
CA LEU A 226 3.96 5.64 -32.18
C LEU A 226 2.78 6.60 -32.19
N LEU A 227 2.48 7.16 -31.02
CA LEU A 227 1.70 8.38 -30.92
C LEU A 227 2.63 9.51 -30.57
N LYS A 228 2.58 10.58 -31.36
CA LYS A 228 3.46 11.72 -31.22
C LYS A 228 2.65 12.86 -30.62
N TYR A 229 3.26 13.53 -29.64
CA TYR A 229 2.63 14.59 -28.86
C TYR A 229 3.66 15.71 -28.67
N ASN A 230 3.43 16.84 -29.32
CA ASN A 230 4.38 17.95 -29.29
C ASN A 230 3.98 18.93 -28.21
N LEU A 231 4.83 19.08 -27.21
CA LEU A 231 4.50 19.99 -26.11
C LEU A 231 4.61 21.44 -26.57
N SER A 232 5.42 21.70 -27.59
CA SER A 232 5.61 23.06 -28.07
C SER A 232 4.33 23.67 -28.62
N LEU A 233 3.41 22.86 -29.15
CA LEU A 233 2.16 23.41 -29.67
C LEU A 233 1.25 23.82 -28.52
N GLY A 234 0.34 24.75 -28.80
CA GLY A 234 -0.66 25.18 -27.84
C GLY A 234 -2.00 24.49 -28.04
N GLY A 235 -3.01 25.08 -27.43
CA GLY A 235 -4.37 24.58 -27.55
C GLY A 235 -4.54 23.13 -27.09
N ASP A 236 -5.70 22.57 -27.42
CA ASP A 236 -5.93 21.14 -27.17
C ASP A 236 -4.80 20.28 -27.73
N ILE A 237 -4.32 19.40 -26.86
CA ILE A 237 -3.37 18.38 -27.23
C ILE A 237 -3.82 17.68 -28.50
N ILE A 238 -2.88 17.49 -29.42
CA ILE A 238 -3.14 16.73 -30.64
C ILE A 238 -2.17 15.57 -30.64
N LEU A 239 -2.69 14.37 -30.85
CA LEU A 239 -1.87 13.18 -30.91
C LEU A 239 -1.89 12.68 -32.34
N GLN A 240 -0.72 12.39 -32.88
CA GLN A 240 -0.64 11.90 -34.26
C GLN A 240 -0.17 10.45 -34.24
N PHE A 241 -0.74 9.63 -35.10
CA PHE A 241 -0.36 8.22 -35.14
C PHE A 241 0.62 8.02 -36.29
N ILE A 242 1.80 7.51 -35.96
CA ILE A 242 2.83 7.15 -36.92
C ILE A 242 2.87 5.63 -36.97
N GLU A 243 2.71 5.06 -38.16
CA GLU A 243 2.74 3.62 -38.30
C GLU A 243 4.17 3.13 -38.51
N ILE A 244 4.43 1.90 -38.04
CA ILE A 244 5.71 1.25 -38.31
C ILE A 244 5.76 0.80 -39.77
N ALA A 245 6.98 0.71 -40.31
CA ALA A 245 7.19 0.23 -41.66
C ALA A 245 6.90 -1.25 -41.78
N ASP A 246 6.72 -1.71 -43.02
CA ASP A 246 6.44 -3.12 -43.20
C ASP A 246 7.66 -4.06 -43.19
N ASN A 247 8.94 -3.58 -43.12
CA ASN A 247 10.08 -4.49 -42.94
C ASN A 247 9.83 -5.36 -41.73
N ARG A 248 9.79 -6.64 -41.98
CA ARG A 248 9.72 -7.64 -40.95
C ARG A 248 8.54 -7.37 -39.99
N LEU A 249 7.41 -6.98 -40.56
CA LEU A 249 6.23 -6.75 -39.74
C LEU A 249 5.63 -8.02 -39.16
N THR A 250 4.99 -7.84 -38.01
CA THR A 250 4.16 -8.84 -37.37
C THR A 250 2.98 -8.09 -36.76
N ILE A 251 2.03 -8.85 -36.21
CA ILE A 251 0.85 -8.23 -35.61
C ILE A 251 1.25 -7.16 -34.60
N GLY A 252 0.54 -6.03 -34.63
CA GLY A 252 0.78 -4.96 -33.68
C GLY A 252 0.67 -5.49 -32.27
N SER A 253 1.71 -5.27 -31.47
CA SER A 253 1.83 -5.94 -30.18
C SER A 253 2.47 -4.97 -29.21
N PRO A 254 2.40 -5.24 -27.90
CA PRO A 254 2.99 -4.32 -26.92
C PRO A 254 4.45 -4.06 -27.25
N SER A 255 4.82 -2.79 -27.24
CA SER A 255 6.13 -2.41 -27.73
C SER A 255 6.64 -1.23 -26.91
N LYS A 256 7.95 -1.08 -26.88
CA LYS A 256 8.64 -0.12 -26.03
C LYS A 256 9.71 0.60 -26.83
N ILE A 257 9.80 1.91 -26.67
CA ILE A 257 10.83 2.72 -27.32
C ILE A 257 11.61 3.46 -26.24
N TYR A 258 12.94 3.43 -26.33
CA TYR A 258 13.77 4.00 -25.28
C TYR A 258 15.08 4.52 -25.85
N ASN A 259 15.63 5.55 -25.22
CA ASN A 259 16.95 6.06 -25.59
C ASN A 259 18.02 5.38 -24.76
N SER A 260 18.99 4.77 -25.43
CA SER A 260 20.19 4.28 -24.75
C SER A 260 21.41 4.81 -25.50
N LEU A 261 22.39 5.31 -24.73
CA LEU A 261 23.64 5.82 -25.26
C LEU A 261 23.40 6.79 -26.42
N GLY A 262 22.56 7.77 -26.16
CA GLY A 262 22.29 8.78 -27.16
C GLY A 262 21.18 8.44 -28.15
N GLN A 263 21.09 7.18 -28.56
CA GLN A 263 20.24 6.89 -29.70
C GLN A 263 19.02 6.07 -29.29
N PRO A 264 17.93 6.16 -30.04
CA PRO A 264 16.72 5.38 -29.69
C PRO A 264 16.74 3.95 -30.21
N VAL A 265 16.11 3.08 -29.40
CA VAL A 265 16.00 1.65 -29.61
C VAL A 265 14.54 1.26 -29.43
N PHE A 266 14.11 0.21 -30.14
CA PHE A 266 12.72 -0.20 -30.18
C PHE A 266 12.62 -1.72 -29.99
N TYR A 267 11.66 -2.13 -29.16
CA TYR A 267 11.34 -3.53 -28.89
C TYR A 267 9.87 -3.76 -29.15
N GLN A 268 9.54 -4.77 -29.94
CA GLN A 268 8.15 -5.15 -30.19
C GLN A 268 7.92 -6.59 -29.75
N ALA A 269 6.80 -6.81 -29.09
CA ALA A 269 6.51 -8.14 -28.56
C ALA A 269 6.18 -9.11 -29.67
N SER A 270 6.59 -10.37 -29.51
CA SER A 270 6.21 -11.38 -30.52
C SER A 270 4.97 -12.12 -30.03
N TYR A 271 3.81 -11.79 -30.59
CA TYR A 271 2.54 -12.47 -30.27
C TYR A 271 2.14 -13.28 -31.49
N SER A 272 3.04 -13.37 -32.47
CA SER A 272 2.69 -14.00 -33.76
C SER A 272 3.64 -15.14 -34.09
N TRP A 273 3.66 -15.53 -35.35
CA TRP A 273 4.50 -16.67 -35.82
C TRP A 273 5.98 -16.40 -35.59
N ASP A 274 6.46 -15.18 -35.76
CA ASP A 274 7.92 -15.01 -35.58
C ASP A 274 8.15 -14.90 -34.08
N THR A 275 8.79 -15.93 -33.51
CA THR A 275 9.01 -15.96 -32.05
C THR A 275 10.35 -15.36 -31.68
N MET A 276 11.17 -15.09 -32.67
CA MET A 276 12.53 -14.62 -32.33
C MET A 276 12.47 -13.17 -31.85
N ILE A 277 13.39 -12.76 -30.97
CA ILE A 277 13.29 -11.41 -30.36
C ILE A 277 13.39 -10.36 -31.46
N LYS A 278 12.57 -9.32 -31.35
CA LYS A 278 12.60 -8.22 -32.34
C LYS A 278 12.98 -6.94 -31.61
N LEU A 279 14.21 -6.47 -31.80
CA LEU A 279 14.62 -5.22 -31.18
C LEU A 279 15.76 -4.66 -32.00
N GLY A 280 15.87 -3.33 -32.00
CA GLY A 280 16.97 -2.72 -32.72
C GLY A 280 16.98 -1.22 -32.60
N ASP A 281 18.06 -0.62 -33.10
CA ASP A 281 18.10 0.82 -33.26
C ASP A 281 17.10 1.24 -34.33
N VAL A 282 16.61 2.47 -34.21
CA VAL A 282 15.63 3.01 -35.15
C VAL A 282 16.34 3.96 -36.09
N ASP A 283 16.24 3.69 -37.39
CA ASP A 283 16.83 4.58 -38.39
C ASP A 283 16.17 5.94 -38.36
N THR A 284 14.85 5.96 -38.45
CA THR A 284 14.08 7.19 -38.52
C THR A 284 12.85 7.05 -37.64
N VAL A 285 12.45 8.15 -36.98
CA VAL A 285 11.31 8.09 -36.08
C VAL A 285 10.00 8.47 -36.77
N ASP A 286 9.95 9.65 -37.41
CA ASP A 286 8.68 10.07 -38.00
C ASP A 286 8.24 9.16 -39.14
N PRO A 287 9.09 8.81 -40.11
CA PRO A 287 8.75 7.60 -40.89
C PRO A 287 9.33 6.36 -40.22
N LEU A 288 8.61 5.85 -39.22
CA LEU A 288 9.16 4.88 -38.28
C LEU A 288 9.72 3.66 -39.00
N ARG A 289 10.97 3.32 -38.68
CA ARG A 289 11.68 2.22 -39.32
C ARG A 289 12.70 1.70 -38.33
N VAL A 290 12.68 0.38 -38.13
CA VAL A 290 13.61 -0.23 -37.18
C VAL A 290 14.47 -1.24 -37.86
N GLN A 291 15.70 -1.29 -37.40
CA GLN A 291 16.72 -2.18 -37.92
C GLN A 291 16.73 -3.38 -36.99
N TRP A 292 15.86 -4.37 -37.17
CA TRP A 292 15.82 -5.47 -36.22
C TRP A 292 17.12 -6.25 -36.28
N ARG A 293 17.63 -6.58 -35.11
CA ARG A 293 18.79 -7.44 -35.03
C ARG A 293 18.39 -8.85 -35.45
N ASN A 294 19.31 -9.51 -36.16
CA ASN A 294 19.10 -10.89 -36.56
C ASN A 294 19.52 -11.77 -35.37
N ASN A 295 18.66 -11.81 -34.37
CA ASN A 295 18.94 -12.57 -33.15
C ASN A 295 18.45 -14.00 -33.32
N SER A 296 19.29 -14.94 -32.87
CA SER A 296 19.00 -16.37 -33.02
C SER A 296 19.07 -17.15 -31.70
N VAL A 297 19.13 -16.49 -30.56
CA VAL A 297 19.22 -17.20 -29.29
C VAL A 297 18.09 -16.88 -28.32
N ILE A 298 17.35 -15.78 -28.50
CA ILE A 298 16.32 -15.42 -27.49
C ILE A 298 14.91 -15.48 -28.10
N SER A 299 13.99 -16.19 -27.45
CA SER A 299 12.59 -16.31 -27.96
C SER A 299 11.57 -16.27 -26.82
N ARG A 300 10.31 -16.56 -27.13
CA ARG A 300 9.20 -16.46 -26.15
C ARG A 300 8.42 -17.75 -26.01
N PRO A 301 8.12 -18.23 -24.80
CA PRO A 301 7.25 -19.38 -24.65
C PRO A 301 6.03 -19.23 -25.56
N GLY A 302 5.78 -20.18 -26.46
CA GLY A 302 4.69 -20.04 -27.43
C GLY A 302 3.37 -20.75 -27.22
N GLN A 303 3.24 -21.62 -26.24
CA GLN A 303 1.89 -22.19 -25.97
C GLN A 303 1.17 -22.84 -27.15
N SER A 304 1.78 -23.71 -27.96
CA SER A 304 1.06 -24.53 -28.98
C SER A 304 1.50 -24.34 -30.44
N GLN A 305 0.67 -23.73 -31.27
CA GLN A 305 0.95 -23.66 -32.73
C GLN A 305 2.24 -22.90 -33.01
N CYS A 306 2.48 -21.82 -32.30
CA CYS A 306 3.71 -21.01 -32.50
C CYS A 306 4.57 -21.09 -31.25
N PRO A 307 5.33 -22.18 -31.09
CA PRO A 307 6.19 -22.40 -29.93
C PRO A 307 7.54 -21.70 -30.04
N ARG A 308 8.31 -21.73 -28.96
CA ARG A 308 9.60 -21.00 -28.95
C ARG A 308 10.49 -21.53 -30.06
N PHE A 309 11.17 -20.62 -30.76
CA PHE A 309 12.13 -20.99 -31.83
C PHE A 309 11.40 -21.22 -33.14
N ASN A 310 10.08 -21.07 -33.18
CA ASN A 310 9.36 -21.10 -34.44
C ASN A 310 9.80 -19.94 -35.31
N VAL A 311 10.06 -20.21 -36.59
CA VAL A 311 10.31 -19.16 -37.56
C VAL A 311 9.31 -19.19 -38.70
N CYS A 312 8.51 -20.25 -38.80
CA CYS A 312 7.56 -20.52 -39.88
C CYS A 312 6.22 -19.83 -39.64
N PRO A 313 5.70 -19.13 -40.65
CA PRO A 313 4.43 -18.44 -40.49
C PRO A 313 3.27 -19.39 -40.22
N GLU A 314 2.50 -19.06 -39.20
CA GLU A 314 1.32 -19.81 -38.81
C GLU A 314 0.33 -18.81 -38.24
N VAL A 315 -0.94 -19.18 -38.24
CA VAL A 315 -1.99 -18.31 -37.71
C VAL A 315 -2.11 -18.62 -36.22
N CYS A 316 -1.67 -17.68 -35.39
CA CYS A 316 -1.70 -17.83 -33.94
C CYS A 316 -1.63 -16.43 -33.33
N TRP A 317 -2.21 -16.30 -32.13
CA TRP A 317 -2.11 -15.05 -31.37
C TRP A 317 -1.79 -15.45 -29.95
N GLU A 318 -0.50 -15.48 -29.64
CA GLU A 318 -0.04 -16.05 -28.37
C GLU A 318 1.40 -15.64 -28.14
N GLY A 319 1.73 -15.49 -26.87
CA GLY A 319 3.05 -15.03 -26.47
C GLY A 319 2.94 -14.20 -25.21
N THR A 320 4.09 -13.65 -24.81
CA THR A 320 4.20 -12.81 -23.63
C THR A 320 5.21 -11.71 -23.90
N TYR A 321 5.01 -10.57 -23.23
CA TYR A 321 5.91 -9.43 -23.40
C TYR A 321 7.11 -9.65 -22.50
N ASN A 322 8.27 -9.90 -23.12
CA ASN A 322 9.54 -10.02 -22.40
C ASN A 322 10.55 -9.17 -23.15
N ASP A 323 10.93 -8.04 -22.57
CA ASP A 323 11.75 -7.06 -23.29
C ASP A 323 13.18 -7.07 -22.77
N ALA A 324 14.06 -6.45 -23.56
CA ALA A 324 15.46 -6.28 -23.24
C ALA A 324 15.86 -4.83 -23.50
N PHE A 325 16.93 -4.40 -22.84
CA PHE A 325 17.47 -3.02 -22.99
C PHE A 325 18.92 -3.13 -23.45
N LEU A 326 19.44 -2.18 -24.23
CA LEU A 326 20.80 -2.28 -24.83
C LEU A 326 21.90 -1.64 -23.98
N ILE A 327 22.62 -2.42 -23.19
CA ILE A 327 23.79 -1.89 -22.42
C ILE A 327 24.98 -1.40 -23.28
N ASP A 328 25.43 -2.12 -24.32
CA ASP A 328 26.54 -1.59 -25.19
C ASP A 328 26.23 -1.69 -26.70
N ARG A 329 26.38 -0.59 -27.45
CA ARG A 329 25.99 -0.61 -28.89
C ARG A 329 27.13 -1.11 -29.76
N LEU A 330 28.38 -0.86 -29.39
CA LEU A 330 29.44 -1.28 -30.34
C LEU A 330 29.40 -2.80 -30.51
N ASN A 331 29.25 -3.54 -29.42
CA ASN A 331 29.08 -5.00 -29.53
C ASN A 331 27.59 -5.36 -29.55
N TRP A 332 26.68 -4.40 -29.36
CA TRP A 332 25.20 -4.62 -29.32
C TRP A 332 24.84 -5.66 -28.28
N VAL A 333 25.51 -5.65 -27.13
CA VAL A 333 25.09 -6.53 -26.01
C VAL A 333 23.80 -5.94 -25.42
N SER A 334 22.86 -6.81 -25.00
CA SER A 334 21.59 -6.34 -24.42
C SER A 334 21.27 -7.14 -23.16
N ALA A 335 20.52 -6.56 -22.24
CA ALA A 335 20.13 -7.27 -20.99
C ALA A 335 18.61 -7.37 -20.91
N GLY A 336 18.11 -8.53 -20.48
CA GLY A 336 16.66 -8.73 -20.39
C GLY A 336 16.28 -9.99 -19.65
N VAL A 337 15.01 -10.12 -19.26
CA VAL A 337 14.52 -11.35 -18.58
C VAL A 337 13.67 -12.15 -19.57
N TYR A 338 13.95 -13.45 -19.68
CA TYR A 338 13.20 -14.32 -20.60
C TYR A 338 12.77 -15.55 -19.82
N LEU A 339 11.81 -16.30 -20.36
CA LEU A 339 11.31 -17.48 -19.66
C LEU A 339 11.80 -18.72 -20.42
N ASN A 340 12.53 -19.61 -19.74
CA ASN A 340 13.10 -20.79 -20.42
C ASN A 340 12.09 -21.92 -20.46
N SER A 341 10.97 -21.72 -21.11
CA SER A 341 10.02 -22.84 -21.32
C SER A 341 9.60 -22.82 -22.78
N ASN A 342 9.63 -23.94 -23.47
CA ASN A 342 9.12 -23.94 -24.85
C ASN A 342 7.61 -23.66 -24.95
N GLN A 343 6.79 -24.26 -24.09
CA GLN A 343 5.33 -24.09 -24.28
C GLN A 343 4.60 -23.41 -23.12
N THR A 344 5.29 -23.07 -22.04
CA THR A 344 4.58 -22.55 -20.85
C THR A 344 5.35 -21.39 -20.26
N ALA A 345 4.68 -20.57 -19.45
CA ALA A 345 5.38 -19.45 -18.81
C ALA A 345 5.97 -19.95 -17.51
N GLU A 346 7.28 -20.11 -17.48
CA GLU A 346 7.95 -20.69 -16.29
C GLU A 346 9.44 -20.36 -16.32
N ASN A 347 10.15 -20.63 -15.23
CA ASN A 347 11.62 -20.50 -15.24
C ASN A 347 12.14 -19.13 -15.68
N PRO A 348 11.70 -17.99 -15.12
CA PRO A 348 12.26 -16.74 -15.58
C PRO A 348 13.77 -16.67 -15.34
N VAL A 349 14.54 -16.24 -16.35
CA VAL A 349 16.04 -16.12 -16.25
C VAL A 349 16.48 -14.74 -16.72
N PHE A 350 17.35 -14.07 -15.97
CA PHE A 350 17.88 -12.75 -16.40
C PHE A 350 19.15 -13.00 -17.18
N ALA A 351 19.29 -12.36 -18.33
CA ALA A 351 20.44 -12.67 -19.16
C ALA A 351 21.03 -11.42 -19.77
N VAL A 352 22.34 -11.48 -19.97
CA VAL A 352 23.09 -10.54 -20.80
C VAL A 352 23.55 -11.32 -22.02
N PHE A 353 23.14 -10.86 -23.20
CA PHE A 353 23.26 -11.65 -24.42
C PHE A 353 23.58 -10.75 -25.60
N LYS A 354 24.10 -11.35 -26.64
CA LYS A 354 24.42 -10.72 -27.92
C LYS A 354 23.57 -11.41 -28.99
N ASP A 355 23.79 -11.02 -30.26
CA ASP A 355 22.88 -11.46 -31.32
C ASP A 355 22.81 -12.98 -31.44
N ASN A 356 23.95 -13.67 -31.27
CA ASN A 356 23.99 -15.11 -31.47
C ASN A 356 24.56 -15.85 -30.28
N GLU A 357 24.63 -15.22 -29.11
CA GLU A 357 25.30 -15.83 -27.98
C GLU A 357 24.75 -15.22 -26.69
N ILE A 358 24.62 -16.05 -25.66
CA ILE A 358 24.20 -15.58 -24.35
C ILE A 358 25.46 -15.55 -23.50
N LEU A 359 25.93 -14.35 -23.18
CA LEU A 359 27.16 -14.22 -22.42
C LEU A 359 27.00 -14.80 -21.03
N TYR A 360 26.04 -14.29 -20.26
CA TYR A 360 25.88 -14.85 -18.93
C TYR A 360 24.51 -14.51 -18.37
N GLN A 361 24.01 -15.40 -17.52
CA GLN A 361 22.62 -15.32 -17.08
C GLN A 361 22.51 -15.89 -15.68
N VAL A 362 21.43 -15.52 -15.01
CA VAL A 362 21.10 -16.05 -13.69
C VAL A 362 19.60 -16.27 -13.59
N PRO A 363 19.15 -17.38 -13.02
CA PRO A 363 17.71 -17.57 -12.80
C PRO A 363 17.21 -16.78 -11.61
N LEU A 364 16.02 -16.21 -11.76
CA LEU A 364 15.39 -15.41 -10.72
C LEU A 364 14.48 -16.21 -9.80
N ALA A 365 14.12 -17.44 -10.16
CA ALA A 365 13.27 -18.23 -9.29
C ALA A 365 13.48 -19.72 -9.53
N GLU A 366 12.83 -20.52 -8.69
CA GLU A 366 12.86 -21.97 -8.75
C GLU A 366 12.26 -22.45 -10.07
N ASP A 367 12.51 -23.72 -10.42
CA ASP A 367 12.08 -24.23 -11.73
C ASP A 367 10.58 -24.35 -11.86
N ASP A 368 9.84 -24.47 -10.76
CA ASP A 368 8.40 -24.60 -10.89
C ASP A 368 7.72 -23.26 -11.12
N THR A 369 8.34 -22.16 -10.72
CA THR A 369 7.65 -20.89 -10.63
C THR A 369 7.10 -20.45 -11.99
N ASN A 370 5.83 -20.07 -12.00
CA ASN A 370 5.21 -19.51 -13.19
C ASN A 370 5.44 -18.00 -13.20
N ALA A 371 5.75 -17.47 -14.38
CA ALA A 371 5.96 -16.04 -14.55
C ALA A 371 5.38 -15.65 -15.90
N GLN A 372 5.09 -14.36 -16.07
CA GLN A 372 4.45 -13.96 -17.32
C GLN A 372 5.16 -12.78 -17.97
N LYS A 373 4.96 -11.57 -17.44
CA LYS A 373 5.42 -10.36 -18.09
C LYS A 373 6.68 -9.85 -17.42
N THR A 374 7.69 -9.53 -18.22
CA THR A 374 8.96 -9.04 -17.71
C THR A 374 9.28 -7.74 -18.43
N ILE A 375 9.66 -6.73 -17.65
CA ILE A 375 9.99 -5.39 -18.14
C ILE A 375 11.36 -5.02 -17.59
N THR A 376 12.27 -4.64 -18.47
CA THR A 376 13.64 -4.38 -18.05
C THR A 376 14.09 -3.01 -18.53
N ASP A 377 14.60 -2.19 -17.60
CA ASP A 377 15.15 -0.88 -17.89
C ASP A 377 16.48 -0.73 -17.18
N CYS A 378 17.51 -0.32 -17.92
CA CYS A 378 18.84 -0.20 -17.35
C CYS A 378 19.22 1.28 -17.33
N PHE A 379 20.08 1.61 -16.39
CA PHE A 379 20.51 2.98 -16.22
C PHE A 379 21.90 2.90 -15.59
N LEU A 380 22.48 4.05 -15.35
CA LEU A 380 23.84 4.10 -14.84
C LEU A 380 23.80 4.94 -13.57
N LEU A 381 24.26 4.34 -12.46
CA LEU A 381 24.23 4.93 -11.14
C LEU A 381 25.64 4.98 -10.55
N GLU A 382 26.05 6.17 -10.14
CA GLU A 382 27.36 6.37 -9.49
C GLU A 382 28.46 5.73 -10.31
N ASN A 383 28.36 5.88 -11.63
CA ASN A 383 29.37 5.45 -12.58
C ASN A 383 29.48 3.91 -12.59
N VAL A 384 28.32 3.25 -12.44
CA VAL A 384 28.18 1.80 -12.54
C VAL A 384 26.88 1.46 -13.27
N ILE A 385 26.84 0.36 -14.01
CA ILE A 385 25.66 -0.01 -14.77
C ILE A 385 24.73 -0.89 -13.94
N TRP A 386 23.46 -0.47 -13.81
CA TRP A 386 22.44 -1.22 -13.09
C TRP A 386 21.26 -1.47 -14.03
N CYS A 387 20.60 -2.61 -13.86
CA CYS A 387 19.38 -2.95 -14.57
C CYS A 387 18.28 -3.30 -13.59
N ILE A 388 17.12 -2.70 -13.76
CA ILE A 388 15.93 -3.04 -12.98
C ILE A 388 15.02 -3.89 -13.85
N SER A 389 14.62 -5.05 -13.34
CA SER A 389 13.63 -5.87 -14.01
C SER A 389 12.41 -6.06 -13.12
N LEU A 390 11.24 -5.97 -13.75
CA LEU A 390 9.96 -6.27 -13.13
C LEU A 390 9.48 -7.59 -13.72
N VAL A 391 9.12 -8.53 -12.84
CA VAL A 391 8.72 -9.86 -13.28
C VAL A 391 7.40 -10.19 -12.61
N GLU A 392 6.40 -10.53 -13.41
CA GLU A 392 5.13 -11.01 -12.83
C GLU A 392 5.41 -12.44 -12.40
N ILE A 393 5.12 -12.78 -11.15
CA ILE A 393 5.45 -14.13 -10.61
C ILE A 393 4.20 -14.66 -9.93
N TYR A 394 4.08 -15.97 -9.81
CA TYR A 394 2.86 -16.59 -9.29
C TYR A 394 3.07 -17.11 -7.87
N ASP A 395 2.14 -16.81 -6.98
CA ASP A 395 2.20 -17.33 -5.59
C ASP A 395 1.32 -18.55 -5.51
N THR A 396 1.88 -19.65 -5.04
CA THR A 396 1.09 -20.90 -4.84
C THR A 396 0.03 -20.66 -3.76
N GLY A 397 0.34 -19.93 -2.70
CA GLY A 397 -0.58 -19.78 -1.56
C GLY A 397 -1.88 -19.12 -1.91
N ASP A 398 -1.86 -18.09 -2.74
CA ASP A 398 -3.09 -17.47 -3.25
C ASP A 398 -2.94 -17.71 -4.74
N ASN A 399 -3.95 -18.14 -5.45
CA ASN A 399 -3.65 -18.49 -6.85
C ASN A 399 -3.65 -17.14 -7.54
N VAL A 400 -2.63 -16.33 -7.23
CA VAL A 400 -2.59 -14.94 -7.75
C VAL A 400 -1.18 -14.62 -8.26
N ILE A 401 -1.09 -13.75 -9.26
CA ILE A 401 0.22 -13.29 -9.78
C ILE A 401 0.45 -11.90 -9.20
N ARG A 402 1.64 -11.67 -8.64
CA ARG A 402 2.00 -10.34 -8.14
C ARG A 402 3.38 -10.02 -8.69
N PRO A 403 3.72 -8.74 -8.90
CA PRO A 403 5.00 -8.38 -9.47
C PRO A 403 6.18 -8.38 -8.50
N LYS A 404 7.38 -8.64 -9.00
CA LYS A 404 8.57 -8.59 -8.16
C LYS A 404 9.62 -7.79 -8.91
N LEU A 405 10.32 -6.93 -8.19
CA LEU A 405 11.32 -6.04 -8.79
C LEU A 405 12.70 -6.43 -8.32
N PHE A 406 13.59 -6.70 -9.28
CA PHE A 406 14.97 -7.05 -9.03
C PHE A 406 15.87 -5.94 -9.55
N ALA A 407 16.95 -5.70 -8.81
CA ALA A 407 18.05 -4.89 -9.28
C ALA A 407 19.23 -5.80 -9.52
N VAL A 408 19.84 -5.70 -10.70
CA VAL A 408 20.97 -6.52 -11.07
C VAL A 408 22.05 -5.58 -11.54
N LYS A 409 23.26 -5.69 -10.96
CA LYS A 409 24.41 -4.84 -11.38
C LYS A 409 25.18 -5.56 -12.47
N ILE A 410 25.19 -5.01 -13.68
CA ILE A 410 25.96 -5.63 -14.78
C ILE A 410 27.42 -5.54 -14.33
N PRO A 411 28.23 -6.61 -14.45
CA PRO A 411 29.56 -6.58 -13.91
C PRO A 411 30.60 -6.16 -14.94
N ALA A 412 31.46 -5.22 -14.57
CA ALA A 412 32.58 -4.83 -15.46
C ALA A 412 33.53 -6.01 -15.64
N GLN A 413 33.77 -6.75 -14.56
CA GLN A 413 34.76 -7.85 -14.63
C GLN A 413 34.06 -9.20 -14.62
N CYS A 414 34.28 -10.00 -15.65
CA CYS A 414 33.73 -11.37 -15.80
C CYS A 414 34.25 -12.35 -14.74
N SER A 415 35.53 -12.28 -14.40
CA SER A 415 36.12 -13.29 -13.49
C SER A 415 35.44 -13.26 -12.12
N GLU A 416 35.17 -12.07 -11.60
CA GLU A 416 34.53 -11.92 -10.27
C GLU A 416 34.79 -10.48 -9.81
N ILE B 1 -17.94 -12.85 29.28
CA ILE B 1 -17.19 -11.68 29.70
C ILE B 1 -16.86 -11.68 31.19
N CYS B 2 -15.57 -11.78 31.48
CA CYS B 2 -15.11 -11.62 32.86
C CYS B 2 -15.52 -10.27 33.42
N LEU B 3 -15.89 -10.26 34.71
CA LEU B 3 -16.16 -9.01 35.41
C LEU B 3 -15.40 -8.92 36.72
N GLN B 4 -14.40 -9.78 36.94
CA GLN B 4 -13.68 -9.84 38.20
C GLN B 4 -12.24 -9.39 37.95
N LYS B 5 -11.75 -8.51 38.83
CA LYS B 5 -10.41 -7.97 38.72
C LYS B 5 -9.35 -9.06 38.87
N THR B 6 -8.30 -8.99 38.05
CA THR B 6 -7.25 -9.99 38.08
C THR B 6 -5.93 -9.39 37.64
N THR B 7 -4.84 -10.07 38.05
CA THR B 7 -3.48 -9.80 37.59
C THR B 7 -3.00 -10.83 36.58
N SER B 8 -3.79 -11.88 36.35
CA SER B 8 -3.47 -12.87 35.33
C SER B 8 -3.51 -12.23 33.95
N THR B 9 -2.55 -12.60 33.11
CA THR B 9 -2.56 -12.08 31.74
C THR B 9 -3.52 -13.00 30.98
N ILE B 10 -4.79 -12.58 30.93
CA ILE B 10 -5.84 -13.33 30.26
C ILE B 10 -6.18 -12.73 28.91
N LEU B 11 -5.53 -11.62 28.56
CA LEU B 11 -5.76 -10.91 27.30
C LEU B 11 -4.53 -11.14 26.42
N LYS B 12 -4.72 -11.78 25.28
CA LYS B 12 -3.63 -11.96 24.33
C LYS B 12 -3.89 -11.21 23.03
N PRO B 13 -3.20 -10.09 22.79
CA PRO B 13 -3.46 -9.28 21.60
C PRO B 13 -2.75 -9.81 20.37
N ARG B 14 -3.42 -9.70 19.22
CA ARG B 14 -2.85 -10.21 17.97
C ARG B 14 -2.88 -9.12 16.90
N LEU B 15 -1.81 -9.06 16.10
CA LEU B 15 -1.62 -7.96 15.16
C LEU B 15 -2.37 -8.24 13.85
N ILE B 16 -3.36 -7.39 13.54
CA ILE B 16 -4.15 -7.51 12.32
C ILE B 16 -3.74 -6.48 11.28
N SER B 17 -2.65 -5.76 11.51
CA SER B 17 -2.30 -4.59 10.70
C SER B 17 -1.98 -4.99 9.27
N TYR B 18 -1.49 -6.20 9.09
CA TYR B 18 -0.85 -6.62 7.85
C TYR B 18 -1.84 -6.70 6.68
N THR B 19 -3.11 -6.98 6.95
CA THR B 19 -4.11 -6.94 5.88
C THR B 19 -4.33 -5.51 5.37
N LEU B 20 -4.25 -4.51 6.24
CA LEU B 20 -4.50 -3.14 5.83
C LEU B 20 -3.29 -2.53 5.10
N PRO B 21 -3.52 -1.50 4.26
CA PRO B 21 -2.44 -0.91 3.43
C PRO B 21 -1.54 0.09 4.16
N ILE B 22 -0.64 -0.42 4.99
CA ILE B 22 0.32 0.41 5.72
C ILE B 22 1.68 -0.23 5.50
N ASN B 23 2.59 0.43 4.79
CA ASN B 23 3.86 -0.18 4.40
C ASN B 23 4.99 0.27 5.32
N THR B 24 5.68 -0.69 5.92
CA THR B 24 6.69 -0.34 6.93
C THR B 24 8.05 -0.06 6.29
N ARG B 25 8.34 -0.69 5.17
CA ARG B 25 9.65 -0.53 4.47
C ARG B 25 9.88 0.89 3.94
N GLU B 26 8.86 1.59 3.43
CA GLU B 26 9.00 2.91 2.75
C GLU B 26 9.58 3.99 3.66
N GLY B 27 9.28 4.05 4.95
CA GLY B 27 9.90 5.08 5.79
C GLY B 27 9.08 6.36 5.89
N VAL B 28 7.88 6.33 5.35
CA VAL B 28 6.93 7.47 5.44
C VAL B 28 6.37 7.59 6.86
N CYS B 29 5.90 8.78 7.25
CA CYS B 29 5.23 8.94 8.57
C CYS B 29 3.75 8.87 8.30
N ILE B 30 3.04 8.00 9.03
CA ILE B 30 1.58 7.83 8.84
C ILE B 30 0.84 8.48 10.02
N THR B 31 0.16 9.61 9.78
CA THR B 31 -0.48 10.38 10.84
C THR B 31 -1.91 10.72 10.43
N ASP B 32 -2.60 11.44 11.31
CA ASP B 32 -4.02 11.77 11.16
C ASP B 32 -4.85 10.51 10.89
N PRO B 33 -4.75 9.49 11.75
CA PRO B 33 -5.42 8.21 11.47
C PRO B 33 -6.88 8.22 11.87
N LEU B 34 -7.66 7.40 11.17
CA LEU B 34 -9.10 7.27 11.39
C LEU B 34 -9.48 5.81 11.32
N LEU B 35 -10.22 5.34 12.33
CA LEU B 35 -10.73 3.99 12.32
C LEU B 35 -12.19 4.00 12.72
N ALA B 36 -13.04 3.37 11.92
CA ALA B 36 -14.44 3.21 12.25
C ALA B 36 -14.89 1.80 11.90
N VAL B 37 -15.71 1.21 12.77
CA VAL B 37 -16.23 -0.15 12.58
C VAL B 37 -17.71 -0.12 12.89
N ASP B 38 -18.53 -0.55 11.93
CA ASP B 38 -19.98 -0.65 12.12
C ASP B 38 -20.50 -1.85 11.34
N ASN B 39 -21.26 -2.71 12.00
CA ASN B 39 -21.98 -3.79 11.33
C ASN B 39 -21.06 -4.68 10.50
N GLY B 40 -19.89 -5.01 11.04
CA GLY B 40 -19.00 -5.87 10.30
C GLY B 40 -18.32 -5.22 9.11
N PHE B 41 -18.37 -3.89 9.02
CA PHE B 41 -17.66 -3.13 8.01
C PHE B 41 -16.76 -2.13 8.72
N PHE B 42 -15.79 -1.60 7.99
CA PHE B 42 -14.87 -0.67 8.59
C PHE B 42 -14.51 0.44 7.61
N ALA B 43 -14.09 1.55 8.19
CA ALA B 43 -13.58 2.71 7.48
C ALA B 43 -12.23 3.05 8.09
N TYR B 44 -11.23 3.24 7.23
CA TYR B 44 -9.88 3.56 7.62
C TYR B 44 -9.39 4.74 6.80
N SER B 45 -8.54 5.57 7.38
CA SER B 45 -7.93 6.65 6.63
C SER B 45 -6.58 6.99 7.25
N HIS B 46 -5.63 7.39 6.41
CA HIS B 46 -4.44 8.01 6.97
C HIS B 46 -3.80 8.94 5.97
N LEU B 47 -2.80 9.69 6.47
CA LEU B 47 -1.93 10.56 5.68
C LEU B 47 -0.49 10.05 5.71
N GLU B 48 0.12 9.93 4.53
CA GLU B 48 1.51 9.51 4.37
C GLU B 48 2.32 10.73 3.99
N LYS B 49 3.32 11.05 4.83
CA LYS B 49 4.20 12.21 4.66
C LYS B 49 5.62 11.72 4.39
N ILE B 50 6.33 12.41 3.49
CA ILE B 50 7.74 12.15 3.27
C ILE B 50 8.53 13.02 4.26
N GLY B 51 9.11 12.40 5.27
CA GLY B 51 9.98 13.11 6.19
C GLY B 51 9.43 13.22 7.60
N SER B 52 9.72 14.32 8.28
CA SER B 52 9.23 14.51 9.64
C SER B 52 7.71 14.51 9.70
N CYS B 53 7.17 14.00 10.80
CA CYS B 53 5.72 13.90 10.94
C CYS B 53 5.06 15.27 10.99
N THR B 54 5.52 16.13 11.88
CA THR B 54 4.83 17.40 12.12
C THR B 54 4.97 18.36 10.95
N ARG B 55 6.10 18.35 10.24
CA ARG B 55 6.28 19.15 9.03
C ARG B 55 7.01 18.28 8.02
N GLY B 56 6.26 17.62 7.14
CA GLY B 56 6.90 16.77 6.16
C GLY B 56 6.12 16.79 4.87
N ILE B 57 6.82 16.43 3.79
CA ILE B 57 6.25 16.51 2.46
C ILE B 57 5.06 15.56 2.38
N ALA B 58 3.86 16.12 2.24
CA ALA B 58 2.65 15.29 2.22
C ALA B 58 2.62 14.50 0.92
N LYS B 59 2.54 13.18 1.03
CA LYS B 59 2.64 12.30 -0.14
C LYS B 59 1.27 11.82 -0.59
N GLN B 60 0.53 11.12 0.28
CA GLN B 60 -0.85 10.81 -0.13
C GLN B 60 -1.74 10.61 1.08
N ARG B 61 -3.01 10.94 0.90
CA ARG B 61 -4.03 10.63 1.88
C ARG B 61 -4.95 9.59 1.30
N ILE B 62 -5.35 8.61 2.11
CA ILE B 62 -6.26 7.57 1.65
C ILE B 62 -7.42 7.48 2.61
N ILE B 63 -8.60 7.22 2.03
CA ILE B 63 -9.83 6.91 2.74
C ILE B 63 -10.36 5.63 2.14
N GLY B 64 -10.53 4.59 2.95
CA GLY B 64 -10.91 3.30 2.44
C GLY B 64 -11.95 2.65 3.32
N VAL B 65 -12.71 1.76 2.71
CA VAL B 65 -13.73 1.00 3.42
C VAL B 65 -13.62 -0.46 3.02
N GLY B 66 -14.05 -1.33 3.92
CA GLY B 66 -13.94 -2.75 3.67
C GLY B 66 -14.72 -3.56 4.67
N GLU B 67 -14.56 -4.88 4.57
CA GLU B 67 -15.27 -5.82 5.42
C GLU B 67 -14.38 -6.33 6.54
N VAL B 68 -14.96 -6.46 7.73
CA VAL B 68 -14.27 -6.99 8.90
C VAL B 68 -14.63 -8.47 8.98
N LEU B 69 -13.70 -9.32 8.58
CA LEU B 69 -14.01 -10.76 8.51
C LEU B 69 -12.94 -11.58 9.23
N ASP B 70 -13.28 -12.79 9.65
CA ASP B 70 -12.30 -13.71 10.28
C ASP B 70 -11.30 -14.13 9.21
N ARG B 71 -10.05 -14.31 9.59
CA ARG B 71 -9.00 -14.66 8.61
C ARG B 71 -8.77 -16.17 8.68
N GLY B 72 -9.60 -16.87 9.43
CA GLY B 72 -9.49 -18.35 9.54
C GLY B 72 -8.65 -18.80 10.70
N ASP B 73 -8.06 -17.88 11.45
CA ASP B 73 -7.39 -18.26 12.71
C ASP B 73 -8.41 -17.94 13.79
N LYS B 74 -9.61 -17.55 13.38
CA LYS B 74 -10.68 -17.14 14.33
C LYS B 74 -10.36 -15.75 14.88
N VAL B 75 -9.49 -15.02 14.19
CA VAL B 75 -9.13 -13.64 14.62
C VAL B 75 -9.70 -12.66 13.62
N PRO B 76 -10.43 -11.64 14.09
CA PRO B 76 -10.99 -10.66 13.20
C PRO B 76 -9.89 -9.89 12.51
N SER B 77 -10.08 -9.56 11.24
CA SER B 77 -9.10 -8.70 10.54
C SER B 77 -9.84 -7.79 9.57
N MET B 78 -9.18 -6.75 9.09
CA MET B 78 -9.86 -5.73 8.26
C MET B 78 -9.33 -5.79 6.83
N PHE B 79 -10.22 -5.83 5.85
CA PHE B 79 -9.83 -6.00 4.43
C PHE B 79 -10.44 -4.89 3.56
N MET B 80 -9.59 -4.08 2.91
CA MET B 80 -10.05 -2.98 2.07
C MET B 80 -10.86 -3.52 0.90
N THR B 81 -11.92 -2.79 0.54
CA THR B 81 -12.68 -3.04 -0.68
C THR B 81 -12.70 -1.84 -1.60
N ASN B 82 -12.70 -0.64 -1.02
CA ASN B 82 -12.86 0.61 -1.75
C ASN B 82 -11.84 1.59 -1.21
N VAL B 83 -11.08 2.24 -2.08
CA VAL B 83 -10.02 3.15 -1.65
C VAL B 83 -10.10 4.41 -2.49
N TRP B 84 -10.02 5.56 -1.82
CA TRP B 84 -10.17 6.88 -2.41
C TRP B 84 -8.97 7.73 -2.04
N THR B 85 -8.48 8.51 -3.01
CA THR B 85 -7.35 9.41 -2.82
C THR B 85 -7.76 10.80 -3.26
N PRO B 86 -7.74 11.80 -2.38
CA PRO B 86 -8.01 13.16 -2.81
C PRO B 86 -6.89 13.66 -3.71
N PRO B 87 -7.20 14.48 -4.71
CA PRO B 87 -6.13 14.95 -5.61
C PRO B 87 -5.03 15.71 -4.92
N ASN B 88 -5.35 16.43 -3.86
CA ASN B 88 -4.38 17.23 -3.11
C ASN B 88 -4.44 16.86 -1.64
N PRO B 89 -3.50 16.05 -1.15
CA PRO B 89 -3.61 15.53 0.22
C PRO B 89 -3.41 16.58 1.29
N SER B 90 -2.77 17.71 0.96
CA SER B 90 -2.51 18.74 1.95
C SER B 90 -3.81 19.36 2.48
N THR B 91 -4.87 19.34 1.67
CA THR B 91 -6.08 20.10 1.97
C THR B 91 -7.03 19.36 2.91
N ILE B 92 -7.15 18.04 2.77
CA ILE B 92 -8.17 17.30 3.51
C ILE B 92 -7.76 17.18 4.97
N HIS B 93 -8.67 17.57 5.87
CA HIS B 93 -8.39 17.58 7.30
C HIS B 93 -9.60 17.08 8.08
N HIS B 94 -9.33 16.45 9.23
CA HIS B 94 -10.35 16.10 10.22
C HIS B 94 -11.52 15.35 9.60
N CYS B 95 -11.21 14.28 8.89
CA CYS B 95 -12.26 13.39 8.40
C CYS B 95 -12.96 12.70 9.57
N SER B 96 -14.25 12.43 9.37
CA SER B 96 -15.03 11.69 10.36
C SER B 96 -16.05 10.86 9.62
N SER B 97 -16.19 9.59 9.97
CA SER B 97 -16.94 8.69 9.11
C SER B 97 -18.00 7.91 9.87
N THR B 98 -19.15 7.71 9.21
CA THR B 98 -20.32 7.04 9.76
C THR B 98 -20.93 6.13 8.71
N TYR B 99 -21.54 5.04 9.14
CA TYR B 99 -22.02 3.99 8.24
C TYR B 99 -23.53 3.96 8.20
N HIS B 100 -24.10 3.82 7.00
CA HIS B 100 -25.54 3.63 6.90
C HIS B 100 -25.89 2.94 5.58
N GLU B 101 -26.79 1.95 5.64
CA GLU B 101 -27.41 1.32 4.46
C GLU B 101 -26.36 0.97 3.39
N ASP B 102 -25.34 0.25 3.82
CA ASP B 102 -24.33 -0.34 2.94
C ASP B 102 -23.41 0.69 2.28
N PHE B 103 -23.32 1.91 2.81
CA PHE B 103 -22.20 2.80 2.51
C PHE B 103 -21.58 3.36 3.78
N TYR B 104 -20.41 3.96 3.59
CA TYR B 104 -19.79 4.86 4.55
C TYR B 104 -19.72 6.30 4.03
N TYR B 105 -20.27 7.19 4.82
CA TYR B 105 -20.32 8.61 4.57
C TYR B 105 -19.22 9.21 5.43
N THR B 106 -18.21 9.79 4.81
CA THR B 106 -17.10 10.32 5.57
C THR B 106 -16.95 11.80 5.20
N LEU B 107 -16.89 12.63 6.24
CA LEU B 107 -17.04 14.07 6.14
C LEU B 107 -15.72 14.72 6.52
N CYS B 108 -15.17 15.49 5.60
CA CYS B 108 -13.85 16.06 5.77
C CYS B 108 -13.97 17.58 5.65
N ALA B 109 -13.06 18.29 6.29
CA ALA B 109 -12.92 19.73 6.12
C ALA B 109 -11.80 20.00 5.13
N VAL B 110 -12.01 20.99 4.27
CA VAL B 110 -11.01 21.38 3.28
C VAL B 110 -10.44 22.72 3.70
N SER B 111 -9.12 22.81 3.77
CA SER B 111 -8.48 24.02 4.25
C SER B 111 -7.21 24.28 3.46
N HIS B 112 -7.02 25.53 3.09
CA HIS B 112 -5.81 25.99 2.41
C HIS B 112 -4.90 26.77 3.34
N VAL B 113 -5.27 26.88 4.61
CA VAL B 113 -4.45 27.49 5.64
C VAL B 113 -3.96 26.44 6.64
N GLY B 114 -3.99 25.16 6.26
CA GLY B 114 -3.56 24.12 7.18
C GLY B 114 -4.66 23.72 8.13
N ASP B 115 -4.25 23.17 9.28
CA ASP B 115 -5.20 22.72 10.29
C ASP B 115 -6.11 23.85 10.75
N PRO B 116 -7.43 23.74 10.59
CA PRO B 116 -8.32 24.83 11.01
C PRO B 116 -8.27 25.11 12.50
N ILE B 117 -8.05 24.10 13.35
CA ILE B 117 -7.98 24.36 14.80
C ILE B 117 -6.89 25.37 15.10
N LEU B 118 -5.71 25.17 14.52
CA LEU B 118 -4.54 25.95 14.85
C LEU B 118 -4.57 27.30 14.14
N ASN B 119 -5.18 27.34 12.96
CA ASN B 119 -5.13 28.53 12.13
C ASN B 119 -6.56 29.01 11.95
N SER B 120 -7.26 29.20 13.08
CA SER B 120 -8.72 29.26 13.05
C SER B 120 -9.24 30.50 12.31
N THR B 121 -8.62 31.65 12.54
CA THR B 121 -9.12 32.90 11.96
C THR B 121 -9.02 32.92 10.43
N SER B 122 -7.98 32.31 9.86
CA SER B 122 -7.75 32.42 8.42
C SER B 122 -8.63 31.49 7.60
N TRP B 123 -9.29 30.54 8.24
CA TRP B 123 -10.09 29.52 7.57
C TRP B 123 -11.50 29.99 7.30
N THR B 124 -11.99 29.73 6.08
CA THR B 124 -13.40 29.88 5.74
C THR B 124 -13.95 28.47 5.61
N GLU B 125 -14.99 28.14 6.39
CA GLU B 125 -15.34 26.74 6.51
C GLU B 125 -15.89 26.21 5.19
N SER B 126 -15.23 25.16 4.70
CA SER B 126 -15.57 24.47 3.46
C SER B 126 -15.58 22.98 3.79
N LEU B 127 -16.74 22.36 3.65
CA LEU B 127 -16.92 20.96 3.99
C LEU B 127 -17.19 20.13 2.75
N SER B 128 -16.77 18.86 2.81
CA SER B 128 -17.07 17.95 1.72
C SER B 128 -17.29 16.56 2.29
N LEU B 129 -18.02 15.74 1.54
CA LEU B 129 -18.37 14.39 1.95
C LEU B 129 -18.00 13.43 0.85
N ILE B 130 -17.50 12.27 1.25
CA ILE B 130 -17.10 11.19 0.36
C ILE B 130 -17.88 9.99 0.83
N ARG B 131 -18.67 9.39 -0.03
CA ARG B 131 -19.33 8.19 0.43
C ARG B 131 -18.81 7.06 -0.44
N LEU B 132 -18.46 5.96 0.22
CA LEU B 132 -17.79 4.82 -0.41
C LEU B 132 -18.67 3.60 -0.14
N ALA B 133 -18.89 2.78 -1.16
CA ALA B 133 -19.71 1.59 -0.97
C ALA B 133 -18.89 0.46 -0.38
N VAL B 134 -19.40 -0.15 0.69
CA VAL B 134 -18.67 -1.25 1.33
C VAL B 134 -18.56 -2.47 0.43
N ARG B 135 -19.52 -2.64 -0.47
CA ARG B 135 -19.50 -3.80 -1.40
C ARG B 135 -19.59 -3.21 -2.80
N PRO B 136 -18.46 -2.82 -3.41
CA PRO B 136 -18.50 -2.13 -4.69
C PRO B 136 -19.14 -2.86 -5.88
N LYS B 137 -20.15 -2.25 -6.49
CA LYS B 137 -20.82 -2.81 -7.70
C LYS B 137 -19.87 -2.73 -8.90
N SER B 138 -19.90 -3.75 -9.74
CA SER B 138 -19.03 -3.79 -10.94
C SER B 138 -19.35 -2.67 -11.93
N ASP B 139 -20.62 -2.40 -12.16
CA ASP B 139 -20.95 -1.42 -13.23
C ASP B 139 -20.45 -0.05 -12.83
N SER B 140 -19.98 0.72 -13.82
CA SER B 140 -19.56 2.09 -13.46
C SER B 140 -20.79 2.81 -12.94
N GLY B 141 -20.64 3.49 -11.81
CA GLY B 141 -21.77 4.23 -11.21
C GLY B 141 -21.22 5.24 -10.23
N ASP B 142 -22.03 6.19 -9.81
CA ASP B 142 -21.59 7.08 -8.73
C ASP B 142 -21.55 6.21 -7.48
N TYR B 143 -22.17 5.04 -7.54
CA TYR B 143 -22.31 4.22 -6.32
C TYR B 143 -20.97 3.82 -5.72
N ASN B 144 -20.02 3.41 -6.54
CA ASN B 144 -18.78 2.92 -5.86
C ASN B 144 -18.12 4.07 -5.10
N GLN B 145 -18.03 5.24 -5.72
CA GLN B 145 -17.46 6.43 -5.04
C GLN B 145 -18.27 7.68 -5.37
N LYS B 146 -18.53 8.55 -4.40
CA LYS B 146 -19.24 9.82 -4.67
C LYS B 146 -18.64 10.93 -3.82
N TYR B 147 -18.26 12.02 -4.46
CA TYR B 147 -17.70 13.18 -3.77
C TYR B 147 -18.64 14.37 -3.91
N ILE B 148 -18.85 15.10 -2.81
CA ILE B 148 -19.84 16.17 -2.78
C ILE B 148 -19.32 17.31 -1.92
N ALA B 149 -19.28 18.52 -2.48
CA ALA B 149 -19.06 19.71 -1.67
C ALA B 149 -20.36 20.14 -1.01
N ILE B 150 -20.28 20.53 0.27
CA ILE B 150 -21.46 20.85 1.06
C ILE B 150 -21.64 22.36 1.12
N THR B 151 -22.76 22.84 0.58
CA THR B 151 -23.06 24.26 0.45
C THR B 151 -23.95 24.80 1.57
N LYS B 152 -24.84 23.98 2.12
CA LYS B 152 -25.80 24.45 3.11
C LYS B 152 -25.42 23.88 4.47
N VAL B 153 -24.94 24.75 5.34
CA VAL B 153 -24.61 24.39 6.71
C VAL B 153 -25.35 25.34 7.65
N GLU B 154 -26.16 24.78 8.55
CA GLU B 154 -26.89 25.54 9.55
C GLU B 154 -26.09 25.52 10.84
N ARG B 155 -25.61 26.67 11.27
CA ARG B 155 -24.74 26.74 12.45
C ARG B 155 -25.18 27.73 13.53
N GLY B 156 -26.29 28.43 13.35
CA GLY B 156 -26.77 29.31 14.41
C GLY B 156 -25.74 30.36 14.81
N LYS B 157 -25.56 30.49 16.13
CA LYS B 157 -24.67 31.54 16.67
C LYS B 157 -23.21 31.27 16.34
N TYR B 158 -22.80 30.01 16.24
CA TYR B 158 -21.40 29.69 15.93
C TYR B 158 -20.98 30.24 14.57
N ASP B 159 -19.72 30.66 14.51
CA ASP B 159 -19.18 31.36 13.35
C ASP B 159 -18.82 30.38 12.23
N LYS B 160 -18.32 29.21 12.59
CA LYS B 160 -18.00 28.16 11.64
C LYS B 160 -18.00 26.83 12.37
N VAL B 161 -18.21 25.73 11.63
CA VAL B 161 -18.31 24.41 12.23
C VAL B 161 -17.52 23.40 11.42
N MET B 162 -17.06 22.34 12.09
CA MET B 162 -16.15 21.38 11.49
C MET B 162 -16.32 20.01 12.14
N PRO B 163 -16.21 18.91 11.39
CA PRO B 163 -16.20 17.60 12.03
C PRO B 163 -14.90 17.40 12.80
N TYR B 164 -14.99 16.77 13.97
CA TYR B 164 -13.78 16.76 14.79
C TYR B 164 -13.85 15.53 15.73
N GLY B 165 -13.76 14.36 15.10
CA GLY B 165 -13.75 13.09 15.78
C GLY B 165 -13.63 11.99 14.74
N PRO B 166 -13.29 10.76 15.14
CA PRO B 166 -13.16 9.69 14.13
C PRO B 166 -14.47 9.17 13.57
N SER B 167 -15.43 8.78 14.42
CA SER B 167 -16.61 8.07 13.93
C SER B 167 -17.87 8.59 14.62
N GLY B 168 -19.03 8.23 14.05
CA GLY B 168 -20.33 8.73 14.45
C GLY B 168 -21.38 7.65 14.26
N ILE B 169 -22.64 8.00 14.55
CA ILE B 169 -23.71 7.01 14.54
C ILE B 169 -24.77 7.34 13.49
N LYS B 170 -25.67 6.38 13.31
CA LYS B 170 -26.86 6.50 12.48
C LYS B 170 -28.07 6.16 13.32
N GLN B 171 -29.13 6.94 13.15
CA GLN B 171 -30.42 6.69 13.78
C GLN B 171 -31.46 6.76 12.67
N GLY B 172 -32.03 5.61 12.34
CA GLY B 172 -32.94 5.58 11.20
C GLY B 172 -32.15 5.86 9.93
N ASP B 173 -32.57 6.89 9.19
CA ASP B 173 -31.81 7.37 8.05
C ASP B 173 -31.11 8.70 8.31
N THR B 174 -30.86 9.07 9.56
CA THR B 174 -30.19 10.32 9.84
C THR B 174 -28.84 10.05 10.52
N LEU B 175 -27.80 10.75 10.06
CA LEU B 175 -26.43 10.54 10.48
C LEU B 175 -25.98 11.64 11.44
N TYR B 176 -25.25 11.24 12.47
CA TYR B 176 -24.63 12.17 13.41
C TYR B 176 -23.12 11.97 13.43
N PHE B 177 -22.38 13.04 13.10
CA PHE B 177 -20.92 13.16 13.05
C PHE B 177 -20.40 13.95 14.24
N PRO B 178 -19.29 13.54 14.85
CA PRO B 178 -18.68 14.37 15.89
C PRO B 178 -18.20 15.65 15.26
N ALA B 179 -18.40 16.76 15.96
CA ALA B 179 -18.07 18.03 15.38
C ALA B 179 -17.75 19.03 16.47
N VAL B 180 -17.39 20.23 16.03
CA VAL B 180 -17.02 21.33 16.91
C VAL B 180 -17.50 22.61 16.23
N GLY B 181 -17.87 23.57 17.05
CA GLY B 181 -18.27 24.88 16.58
C GLY B 181 -17.30 25.91 17.16
N PHE B 182 -16.87 26.83 16.30
CA PHE B 182 -15.97 27.90 16.69
C PHE B 182 -16.85 29.09 17.02
N LEU B 183 -16.80 29.55 18.26
CA LEU B 183 -17.62 30.68 18.65
C LEU B 183 -16.74 31.81 19.14
N PRO B 184 -16.95 33.04 18.65
CA PRO B 184 -16.10 34.16 19.10
C PRO B 184 -16.24 34.40 20.59
N ARG B 185 -15.08 34.58 21.25
CA ARG B 185 -15.05 34.58 22.71
C ARG B 185 -15.89 35.70 23.31
N THR B 186 -16.11 36.79 22.57
CA THR B 186 -17.00 37.84 23.04
C THR B 186 -18.44 37.34 23.16
N GLU B 187 -18.88 36.53 22.20
CA GLU B 187 -20.23 35.97 22.25
C GLU B 187 -20.38 34.88 23.31
N PHE B 188 -19.29 34.30 23.79
CA PHE B 188 -19.39 33.22 24.77
C PHE B 188 -20.02 33.71 26.06
N GLN B 189 -21.06 33.00 26.50
CA GLN B 189 -21.76 33.31 27.72
C GLN B 189 -21.36 32.28 28.76
N TYR B 190 -20.68 32.73 29.81
CA TYR B 190 -20.20 31.85 30.87
C TYR B 190 -20.16 32.61 32.17
N ASN B 191 -20.71 32.02 33.22
CA ASN B 191 -20.69 32.58 34.56
C ASN B 191 -19.52 31.94 35.31
N ASP B 192 -18.48 32.74 35.59
CA ASP B 192 -17.26 32.21 36.19
C ASP B 192 -17.49 31.53 37.54
N SER B 193 -18.59 31.85 38.23
CA SER B 193 -18.86 31.19 39.50
C SER B 193 -18.94 29.68 39.33
N ASN B 194 -19.38 29.21 38.16
CA ASN B 194 -19.55 27.79 37.91
C ASN B 194 -18.24 27.02 38.02
N CYS B 195 -17.11 27.63 37.66
CA CYS B 195 -15.83 26.95 37.64
C CYS B 195 -15.48 26.43 39.03
N PRO B 196 -15.26 25.12 39.21
CA PRO B 196 -15.09 24.56 40.56
C PRO B 196 -13.66 24.58 41.05
N ILE B 197 -13.36 25.52 41.94
CA ILE B 197 -12.02 25.72 42.47
C ILE B 197 -11.94 25.39 43.95
N ILE B 198 -12.91 24.62 44.46
CA ILE B 198 -13.15 24.54 45.90
C ILE B 198 -11.92 24.02 46.64
N HIS B 199 -11.41 22.86 46.25
CA HIS B 199 -10.24 22.29 46.90
C HIS B 199 -8.98 22.40 46.05
N CYS B 200 -9.08 23.11 44.93
CA CYS B 200 -7.93 23.41 44.09
C CYS B 200 -7.30 24.71 44.58
N LYS B 201 -6.14 24.59 45.23
CA LYS B 201 -5.53 25.74 45.90
C LYS B 201 -4.97 26.75 44.91
N TYR B 202 -4.37 26.29 43.81
CA TYR B 202 -3.58 27.15 42.94
C TYR B 202 -4.37 27.65 41.74
N SER B 203 -5.66 27.36 41.66
CA SER B 203 -6.45 27.57 40.46
C SER B 203 -7.39 28.76 40.63
N LYS B 204 -7.32 29.70 39.69
CA LYS B 204 -8.14 30.91 39.69
C LYS B 204 -9.52 30.64 39.10
N ALA B 205 -10.44 31.59 39.35
CA ALA B 205 -11.82 31.44 38.92
C ALA B 205 -11.97 31.56 37.41
N GLU B 206 -11.18 32.42 36.76
CA GLU B 206 -11.41 32.61 35.32
C GLU B 206 -10.82 31.49 34.48
N ASN B 207 -10.04 30.62 35.09
CA ASN B 207 -9.32 29.59 34.31
C ASN B 207 -10.26 28.82 33.39
N CYS B 208 -11.41 28.41 33.92
CA CYS B 208 -12.32 27.54 33.13
C CYS B 208 -12.84 28.25 31.87
N ARG B 209 -13.20 29.52 31.98
CA ARG B 209 -13.66 30.30 30.82
C ARG B 209 -12.53 30.45 29.80
N LEU B 210 -11.32 30.69 30.29
CA LEU B 210 -10.19 30.94 29.38
C LEU B 210 -9.81 29.63 28.69
N SER B 211 -9.90 28.51 29.39
CA SER B 211 -9.47 27.27 28.77
C SER B 211 -10.38 26.81 27.64
N MET B 212 -11.49 27.51 27.38
CA MET B 212 -12.33 27.17 26.24
C MET B 212 -11.61 27.43 24.92
N GLY B 213 -10.66 28.37 24.90
CA GLY B 213 -9.84 28.58 23.73
C GLY B 213 -8.54 27.79 23.78
N VAL B 214 -7.89 27.71 22.61
CA VAL B 214 -6.55 27.14 22.53
C VAL B 214 -5.57 28.00 23.31
N ASN B 215 -5.69 29.31 23.18
CA ASN B 215 -4.84 30.27 23.86
C ASN B 215 -5.74 31.05 24.80
N SER B 216 -5.17 31.57 25.89
CA SER B 216 -6.00 32.34 26.81
C SER B 216 -6.58 33.59 26.15
N LYS B 217 -5.84 34.19 25.22
CA LYS B 217 -6.30 35.37 24.50
C LYS B 217 -6.85 35.05 23.10
N SER B 218 -7.18 33.78 22.84
CA SER B 218 -7.60 33.35 21.51
C SER B 218 -8.87 34.06 21.05
N HIS B 219 -9.03 34.13 19.72
CA HIS B 219 -10.19 34.79 19.14
C HIS B 219 -11.46 33.98 19.33
N TYR B 220 -11.39 32.67 19.17
CA TYR B 220 -12.55 31.80 19.29
C TYR B 220 -12.40 30.88 20.49
N ILE B 221 -13.50 30.24 20.84
CA ILE B 221 -13.51 29.07 21.70
C ILE B 221 -14.11 27.93 20.88
N LEU B 222 -13.82 26.71 21.30
CA LEU B 222 -14.28 25.54 20.57
C LEU B 222 -15.22 24.76 21.47
N ARG B 223 -16.44 24.52 21.00
CA ARG B 223 -17.41 23.73 21.75
C ARG B 223 -17.77 22.51 20.93
N SER B 224 -17.68 21.32 21.53
CA SER B 224 -18.03 20.11 20.80
C SER B 224 -19.53 19.99 20.60
N GLY B 225 -19.89 19.10 19.69
CA GLY B 225 -21.28 18.81 19.38
C GLY B 225 -21.33 17.77 18.30
N LEU B 226 -22.46 17.69 17.61
CA LEU B 226 -22.61 16.83 16.46
C LEU B 226 -22.99 17.66 15.25
N LEU B 227 -22.67 17.18 14.06
CA LEU B 227 -23.28 17.63 12.81
C LEU B 227 -24.31 16.59 12.37
N LYS B 228 -25.52 17.04 12.06
CA LYS B 228 -26.62 16.16 11.71
C LYS B 228 -26.89 16.23 10.22
N TYR B 229 -27.11 15.07 9.59
CA TYR B 229 -27.38 15.00 8.13
C TYR B 229 -28.49 14.00 7.89
N ASN B 230 -29.57 14.44 7.23
CA ASN B 230 -30.74 13.53 7.09
C ASN B 230 -30.85 13.06 5.65
N LEU B 231 -30.70 11.75 5.45
CA LEU B 231 -30.78 11.12 4.12
C LEU B 231 -32.20 11.25 3.57
N SER B 232 -33.19 11.11 4.43
CA SER B 232 -34.61 11.09 4.00
C SER B 232 -34.92 12.42 3.32
N LEU B 233 -34.34 13.50 3.82
CA LEU B 233 -34.53 14.83 3.22
C LEU B 233 -33.86 14.81 1.85
N GLY B 234 -34.24 15.71 0.96
CA GLY B 234 -33.78 15.68 -0.44
C GLY B 234 -32.38 16.24 -0.60
N GLY B 235 -31.91 16.45 -1.82
CA GLY B 235 -30.50 16.80 -2.08
C GLY B 235 -30.25 18.25 -1.76
N ASP B 236 -29.08 18.80 -2.10
CA ASP B 236 -28.75 20.14 -1.55
C ASP B 236 -28.77 19.87 -0.04
N ILE B 237 -28.03 18.81 0.34
CA ILE B 237 -27.93 18.35 1.74
C ILE B 237 -27.67 19.50 2.71
N ILE B 238 -28.23 19.40 3.91
CA ILE B 238 -28.03 20.44 4.95
C ILE B 238 -27.41 19.75 6.16
N LEU B 239 -26.37 20.34 6.73
CA LEU B 239 -25.76 19.79 7.95
C LEU B 239 -26.12 20.76 9.05
N GLN B 240 -26.64 20.26 10.17
CA GLN B 240 -27.09 21.12 11.28
C GLN B 240 -26.27 20.78 12.50
N PHE B 241 -25.74 21.77 13.20
CA PHE B 241 -24.84 21.49 14.33
C PHE B 241 -25.64 21.52 15.61
N ILE B 242 -25.55 20.46 16.41
CA ILE B 242 -26.21 20.50 17.74
C ILE B 242 -25.08 20.63 18.77
N GLU B 243 -25.11 21.69 19.56
CA GLU B 243 -24.06 21.94 20.56
C GLU B 243 -24.20 21.00 21.72
N ILE B 244 -23.09 20.64 22.34
CA ILE B 244 -23.16 19.80 23.55
C ILE B 244 -23.69 20.66 24.69
N ALA B 245 -24.20 20.05 25.74
CA ALA B 245 -24.73 20.73 26.92
C ALA B 245 -23.63 21.28 27.80
N ASP B 246 -23.98 22.19 28.72
CA ASP B 246 -23.02 22.83 29.64
C ASP B 246 -22.44 21.76 30.57
N ASN B 247 -23.11 20.63 30.72
CA ASN B 247 -22.63 19.66 31.73
C ASN B 247 -21.18 19.31 31.39
N ARG B 248 -20.30 19.41 32.37
CA ARG B 248 -18.87 19.02 32.23
C ARG B 248 -18.24 19.70 31.01
N LEU B 249 -18.48 20.99 30.78
CA LEU B 249 -17.91 21.56 29.53
C LEU B 249 -16.39 21.55 29.59
N THR B 250 -15.76 21.23 28.45
CA THR B 250 -14.30 21.26 28.28
C THR B 250 -14.12 21.76 26.84
N ILE B 251 -12.94 22.22 26.48
CA ILE B 251 -12.79 22.84 25.14
C ILE B 251 -13.11 21.73 24.14
N GLY B 252 -13.65 22.12 23.00
CA GLY B 252 -13.94 21.15 21.94
C GLY B 252 -12.79 20.21 21.74
N SER B 253 -13.06 18.94 21.92
CA SER B 253 -12.00 17.93 21.86
C SER B 253 -12.45 16.85 20.90
N PRO B 254 -11.55 16.22 20.15
CA PRO B 254 -11.96 15.15 19.29
C PRO B 254 -12.95 14.28 20.08
N SER B 255 -14.06 13.87 19.47
CA SER B 255 -15.07 13.09 20.20
C SER B 255 -15.55 11.95 19.32
N LYS B 256 -16.22 10.98 19.92
CA LYS B 256 -16.69 9.85 19.16
C LYS B 256 -18.05 9.45 19.72
N ILE B 257 -19.00 9.22 18.84
CA ILE B 257 -20.31 8.75 19.24
C ILE B 257 -20.56 7.42 18.56
N TYR B 258 -21.03 6.48 19.34
CA TYR B 258 -21.20 5.11 18.81
C TYR B 258 -22.45 4.51 19.41
N ASN B 259 -22.87 3.35 18.90
CA ASN B 259 -24.00 2.65 19.54
C ASN B 259 -23.43 1.40 20.17
N SER B 260 -23.64 1.23 21.47
CA SER B 260 -23.22 0.00 22.16
C SER B 260 -24.51 -0.62 22.69
N LEU B 261 -24.71 -1.91 22.45
CA LEU B 261 -26.02 -2.50 22.76
C LEU B 261 -26.99 -1.68 21.91
N GLY B 262 -28.11 -1.23 22.46
CA GLY B 262 -28.99 -0.42 21.60
C GLY B 262 -28.92 1.07 21.86
N GLN B 263 -28.05 1.51 22.76
CA GLN B 263 -28.08 2.94 23.18
C GLN B 263 -26.77 3.64 22.86
N PRO B 264 -26.82 4.87 22.33
CA PRO B 264 -25.61 5.60 21.96
C PRO B 264 -24.70 5.96 23.13
N VAL B 265 -23.37 5.90 22.92
CA VAL B 265 -22.40 6.31 23.97
C VAL B 265 -21.49 7.39 23.39
N PHE B 266 -20.87 8.25 24.21
CA PHE B 266 -20.12 9.39 23.73
C PHE B 266 -18.83 9.50 24.52
N TYR B 267 -17.75 9.85 23.80
CA TYR B 267 -16.42 10.06 24.41
C TYR B 267 -15.84 11.38 23.93
N GLN B 268 -15.52 12.28 24.86
CA GLN B 268 -14.86 13.55 24.48
C GLN B 268 -13.47 13.51 25.07
N ALA B 269 -12.47 13.74 24.22
CA ALA B 269 -11.08 13.65 24.65
C ALA B 269 -10.78 14.79 25.61
N SER B 270 -9.81 14.57 26.50
CA SER B 270 -9.47 15.56 27.53
C SER B 270 -8.22 16.35 27.10
N TYR B 271 -8.41 17.43 26.36
CA TYR B 271 -7.30 18.32 25.94
C TYR B 271 -7.17 19.48 26.92
N SER B 272 -8.01 19.52 27.96
CA SER B 272 -8.05 20.67 28.91
C SER B 272 -7.73 20.23 30.33
N TRP B 273 -8.06 21.06 31.31
CA TRP B 273 -7.71 20.79 32.73
C TRP B 273 -8.35 19.51 33.28
N ASP B 274 -9.59 19.21 32.96
CA ASP B 274 -10.12 17.92 33.45
C ASP B 274 -9.28 16.85 32.77
N THR B 275 -8.82 15.87 33.52
CA THR B 275 -7.88 14.91 32.91
C THR B 275 -8.53 13.54 32.98
N MET B 276 -9.55 13.43 33.80
CA MET B 276 -10.28 12.14 33.91
C MET B 276 -11.16 11.87 32.69
N ILE B 277 -11.19 10.62 32.24
CA ILE B 277 -11.92 10.25 31.00
C ILE B 277 -13.32 10.85 31.01
N LYS B 278 -13.75 11.32 29.85
CA LYS B 278 -15.11 11.84 29.70
C LYS B 278 -15.85 10.98 28.69
N LEU B 279 -16.75 10.14 29.18
CA LEU B 279 -17.58 9.29 28.32
C LEU B 279 -18.80 8.89 29.12
N GLY B 280 -19.89 8.62 28.40
CA GLY B 280 -21.10 8.17 29.05
C GLY B 280 -22.19 7.90 28.04
N ASP B 281 -23.31 7.37 28.55
CA ASP B 281 -24.50 7.28 27.74
C ASP B 281 -25.05 8.68 27.45
N VAL B 282 -25.75 8.78 26.33
CA VAL B 282 -26.35 10.03 25.91
C VAL B 282 -27.84 9.96 26.19
N ASP B 283 -28.34 10.89 27.00
CA ASP B 283 -29.77 10.94 27.27
C ASP B 283 -30.56 11.35 26.04
N THR B 284 -30.15 12.46 25.41
CA THR B 284 -30.86 13.05 24.29
C THR B 284 -29.88 13.36 23.18
N VAL B 285 -30.33 13.20 21.95
CA VAL B 285 -29.54 13.55 20.80
C VAL B 285 -29.89 14.95 20.29
N ASP B 286 -31.17 15.25 20.10
CA ASP B 286 -31.54 16.52 19.45
C ASP B 286 -31.01 17.73 20.21
N PRO B 287 -31.27 17.91 21.52
CA PRO B 287 -30.40 18.80 22.31
C PRO B 287 -29.30 17.99 22.98
N LEU B 288 -28.16 17.77 22.32
CA LEU B 288 -27.22 16.76 22.79
C LEU B 288 -26.84 16.98 24.23
N ARG B 289 -26.92 15.92 25.02
CA ARG B 289 -26.63 15.97 26.44
C ARG B 289 -26.15 14.60 26.90
N VAL B 290 -25.05 14.57 27.63
CA VAL B 290 -24.42 13.33 28.05
C VAL B 290 -24.28 13.33 29.57
N GLN B 291 -24.42 12.12 30.12
CA GLN B 291 -24.22 11.91 31.57
C GLN B 291 -22.88 11.21 31.71
N TRP B 292 -21.83 11.99 31.86
CA TRP B 292 -20.47 11.39 31.88
C TRP B 292 -20.31 10.50 33.10
N ARG B 293 -19.64 9.38 32.90
CA ARG B 293 -19.35 8.46 34.02
C ARG B 293 -18.35 9.14 34.95
N ASN B 294 -18.48 8.94 36.25
CA ASN B 294 -17.49 9.49 37.20
C ASN B 294 -16.34 8.51 37.30
N ASN B 295 -15.49 8.44 36.28
CA ASN B 295 -14.32 7.54 36.32
C ASN B 295 -13.20 8.20 37.11
N SER B 296 -12.52 7.43 37.93
CA SER B 296 -11.41 7.88 38.73
C SER B 296 -10.16 7.05 38.49
N VAL B 297 -10.13 6.20 37.46
CA VAL B 297 -8.98 5.36 37.19
C VAL B 297 -8.37 5.59 35.82
N ILE B 298 -9.05 6.24 34.87
CA ILE B 298 -8.45 6.34 33.50
C ILE B 298 -8.22 7.81 33.11
N SER B 299 -6.97 8.17 32.81
CA SER B 299 -6.64 9.58 32.48
C SER B 299 -5.72 9.66 31.26
N ARG B 300 -5.31 10.88 30.92
CA ARG B 300 -4.45 11.10 29.73
C ARG B 300 -3.09 11.63 30.15
N PRO B 301 -1.98 11.14 29.57
CA PRO B 301 -0.70 11.72 29.83
C PRO B 301 -0.78 13.16 29.34
N GLY B 302 -0.44 14.13 30.17
CA GLY B 302 -0.46 15.57 29.83
C GLY B 302 0.83 16.20 30.29
N GLN B 303 1.23 17.35 29.73
CA GLN B 303 2.57 17.91 30.08
C GLN B 303 2.43 19.20 30.90
N SER B 304 3.19 19.36 31.99
CA SER B 304 3.16 20.66 32.71
C SER B 304 1.85 20.98 33.46
N GLN B 305 1.14 22.04 33.07
CA GLN B 305 0.04 22.56 33.93
C GLN B 305 -1.02 21.49 34.20
N CYS B 306 -1.33 20.63 33.25
CA CYS B 306 -2.45 19.69 33.48
C CYS B 306 -1.95 18.27 33.27
N PRO B 307 -1.17 17.73 34.23
CA PRO B 307 -0.65 16.39 34.16
C PRO B 307 -1.72 15.35 34.50
N ARG B 308 -1.52 14.10 34.10
CA ARG B 308 -2.54 13.04 34.30
C ARG B 308 -3.06 13.04 35.74
N PHE B 309 -4.36 12.78 35.89
CA PHE B 309 -5.00 12.64 37.21
C PHE B 309 -5.25 14.03 37.78
N ASN B 310 -5.02 15.06 36.96
CA ASN B 310 -5.26 16.44 37.42
C ASN B 310 -6.75 16.73 37.38
N VAL B 311 -7.25 17.31 38.44
CA VAL B 311 -8.65 17.69 38.49
C VAL B 311 -8.81 19.20 38.69
N CYS B 312 -7.74 19.90 38.99
CA CYS B 312 -7.80 21.32 39.30
C CYS B 312 -7.80 22.15 38.02
N PRO B 313 -8.72 23.09 37.88
CA PRO B 313 -8.79 23.90 36.65
C PRO B 313 -7.53 24.72 36.44
N GLU B 314 -7.01 24.67 35.23
CA GLU B 314 -5.81 25.41 34.89
C GLU B 314 -5.92 25.77 33.42
N VAL B 315 -5.18 26.79 33.01
CA VAL B 315 -5.19 27.23 31.62
C VAL B 315 -4.14 26.41 30.89
N CYS B 316 -4.61 25.46 30.08
CA CYS B 316 -3.73 24.57 29.33
C CYS B 316 -4.53 23.97 28.18
N TRP B 317 -3.83 23.64 27.09
CA TRP B 317 -4.44 22.96 25.94
C TRP B 317 -3.45 21.89 25.50
N GLU B 318 -3.63 20.68 26.01
CA GLU B 318 -2.66 19.62 25.82
C GLU B 318 -3.33 18.30 26.19
N GLY B 319 -2.90 17.24 25.53
CA GLY B 319 -3.48 15.94 25.76
C GLY B 319 -3.46 15.11 24.49
N THR B 320 -4.09 13.94 24.58
CA THR B 320 -4.18 13.00 23.47
C THR B 320 -5.54 12.30 23.48
N TYR B 321 -5.98 11.90 22.30
CA TYR B 321 -7.26 11.20 22.15
C TYR B 321 -7.00 9.72 22.43
N ASN B 322 -7.51 9.24 23.56
CA ASN B 322 -7.46 7.82 23.91
C ASN B 322 -8.85 7.44 24.34
N ASP B 323 -9.56 6.70 23.49
CA ASP B 323 -10.97 6.47 23.70
C ASP B 323 -11.23 5.04 24.16
N ALA B 324 -12.44 4.85 24.70
CA ALA B 324 -12.90 3.57 25.20
C ALA B 324 -14.27 3.26 24.63
N PHE B 325 -14.65 2.00 24.72
CA PHE B 325 -15.85 1.47 24.10
C PHE B 325 -16.58 0.66 25.16
N LEU B 326 -17.91 0.78 25.21
CA LEU B 326 -18.71 0.16 26.25
C LEU B 326 -19.08 -1.28 25.86
N ILE B 327 -18.61 -2.26 26.64
CA ILE B 327 -18.86 -3.64 26.28
C ILE B 327 -19.93 -4.32 27.14
N ASP B 328 -20.20 -3.82 28.34
CA ASP B 328 -21.26 -4.37 29.20
C ASP B 328 -21.92 -3.22 29.95
N ARG B 329 -23.21 -2.96 29.66
CA ARG B 329 -23.86 -1.79 30.26
C ARG B 329 -24.33 -2.01 31.70
N LEU B 330 -24.70 -3.23 32.09
CA LEU B 330 -25.19 -3.42 33.45
C LEU B 330 -24.14 -3.05 34.49
N ASN B 331 -22.88 -3.36 34.23
CA ASN B 331 -21.78 -2.96 35.11
C ASN B 331 -21.01 -1.75 34.59
N TRP B 332 -21.34 -1.23 33.41
CA TRP B 332 -20.47 -0.27 32.72
C TRP B 332 -19.01 -0.69 32.76
N VAL B 333 -18.72 -1.78 32.07
CA VAL B 333 -17.35 -2.20 31.81
C VAL B 333 -16.98 -1.73 30.40
N SER B 334 -15.82 -1.08 30.29
CA SER B 334 -15.37 -0.49 29.04
C SER B 334 -14.00 -1.06 28.71
N ALA B 335 -13.68 -1.03 27.42
CA ALA B 335 -12.40 -1.47 26.92
C ALA B 335 -11.72 -0.32 26.20
N GLY B 336 -10.44 -0.14 26.47
CA GLY B 336 -9.76 0.95 25.79
C GLY B 336 -8.25 0.82 25.91
N VAL B 337 -7.54 1.65 25.16
CA VAL B 337 -6.06 1.68 25.27
C VAL B 337 -5.71 3.02 25.90
N TYR B 338 -4.84 2.99 26.89
CA TYR B 338 -4.49 4.23 27.62
C TYR B 338 -2.97 4.27 27.74
N LEU B 339 -2.41 5.47 27.89
CA LEU B 339 -0.94 5.57 27.94
C LEU B 339 -0.56 5.71 29.41
N ASN B 340 0.25 4.79 29.91
CA ASN B 340 0.60 4.81 31.35
C ASN B 340 1.79 5.71 31.60
N SER B 341 1.64 7.01 31.35
CA SER B 341 2.71 7.95 31.75
C SER B 341 2.03 9.22 32.24
N ASN B 342 2.51 9.81 33.31
CA ASN B 342 1.92 11.09 33.78
C ASN B 342 2.13 12.27 32.82
N GLN B 343 3.33 12.45 32.29
CA GLN B 343 3.58 13.66 31.45
C GLN B 343 4.07 13.33 30.04
N THR B 344 4.23 12.06 29.70
CA THR B 344 4.83 11.74 28.38
C THR B 344 3.97 10.69 27.68
N ALA B 345 4.06 10.63 26.35
CA ALA B 345 3.22 9.67 25.63
C ALA B 345 4.04 8.39 25.57
N GLU B 346 3.63 7.40 26.35
CA GLU B 346 4.45 6.18 26.48
C GLU B 346 3.62 5.02 27.02
N ASN B 347 4.19 3.82 27.01
CA ASN B 347 3.51 2.71 27.70
C ASN B 347 2.07 2.46 27.26
N PRO B 348 1.76 2.24 25.97
CA PRO B 348 0.39 1.96 25.63
C PRO B 348 -0.04 0.68 26.35
N VAL B 349 -1.22 0.70 26.99
CA VAL B 349 -1.76 -0.47 27.74
C VAL B 349 -3.22 -0.68 27.35
N PHE B 350 -3.63 -1.93 27.10
CA PHE B 350 -5.06 -2.20 26.81
C PHE B 350 -5.70 -2.62 28.12
N ALA B 351 -6.79 -1.97 28.47
CA ALA B 351 -7.37 -2.23 29.77
C ALA B 351 -8.88 -2.37 29.65
N VAL B 352 -9.42 -3.25 30.48
CA VAL B 352 -10.85 -3.41 30.69
C VAL B 352 -11.14 -2.93 32.11
N PHE B 353 -12.05 -1.95 32.21
CA PHE B 353 -12.17 -1.17 33.44
C PHE B 353 -13.62 -0.81 33.73
N LYS B 354 -13.85 -0.45 34.99
CA LYS B 354 -15.10 0.06 35.52
C LYS B 354 -14.85 1.49 35.97
N ASP B 355 -15.87 2.14 36.52
CA ASP B 355 -15.72 3.57 36.80
C ASP B 355 -14.61 3.84 37.80
N ASN B 356 -14.45 2.97 38.80
CA ASN B 356 -13.49 3.24 39.88
C ASN B 356 -12.49 2.11 40.06
N GLU B 357 -12.36 1.21 39.09
CA GLU B 357 -11.48 0.08 39.25
C GLU B 357 -11.13 -0.46 37.88
N ILE B 358 -9.89 -0.92 37.73
CA ILE B 358 -9.42 -1.50 36.48
C ILE B 358 -9.41 -3.01 36.67
N LEU B 359 -10.28 -3.70 35.94
CA LEU B 359 -10.38 -5.14 36.07
C LEU B 359 -9.11 -5.83 35.59
N TYR B 360 -8.71 -5.59 34.34
CA TYR B 360 -7.54 -6.31 33.85
C TYR B 360 -6.93 -5.67 32.59
N GLN B 361 -5.62 -5.87 32.43
CA GLN B 361 -4.84 -5.11 31.46
C GLN B 361 -3.75 -5.96 30.82
N VAL B 362 -3.28 -5.47 29.67
CA VAL B 362 -2.11 -6.01 28.97
C VAL B 362 -1.37 -4.86 28.32
N PRO B 363 -0.03 -4.82 28.36
CA PRO B 363 0.68 -3.81 27.57
C PRO B 363 0.79 -4.23 26.11
N LEU B 364 0.65 -3.27 25.21
CA LEU B 364 0.70 -3.55 23.78
C LEU B 364 2.09 -3.47 23.19
N ALA B 365 3.04 -2.87 23.90
CA ALA B 365 4.41 -2.79 23.44
C ALA B 365 5.31 -2.68 24.66
N GLU B 366 6.62 -2.69 24.41
CA GLU B 366 7.59 -2.60 25.50
C GLU B 366 7.39 -1.32 26.29
N ASP B 367 7.96 -1.29 27.50
CA ASP B 367 7.65 -0.26 28.47
C ASP B 367 8.20 1.13 28.16
N ASP B 368 9.27 1.28 27.38
CA ASP B 368 9.68 2.65 27.07
C ASP B 368 8.96 3.24 25.86
N THR B 369 8.40 2.40 24.99
CA THR B 369 8.02 2.81 23.64
C THR B 369 7.09 4.01 23.66
N ASN B 370 7.38 4.97 22.78
CA ASN B 370 6.55 6.15 22.65
C ASN B 370 5.35 5.81 21.77
N ALA B 371 4.18 6.25 22.19
CA ALA B 371 2.94 6.02 21.47
C ALA B 371 2.09 7.27 21.62
N GLN B 372 1.10 7.45 20.74
CA GLN B 372 0.37 8.70 20.81
C GLN B 372 -1.14 8.52 20.86
N LYS B 373 -1.78 8.30 19.72
CA LYS B 373 -3.22 8.36 19.60
C LYS B 373 -3.79 6.96 19.41
N THR B 374 -4.81 6.63 20.20
CA THR B 374 -5.40 5.29 20.17
C THR B 374 -6.91 5.39 19.99
N ILE B 375 -7.43 4.54 19.10
CA ILE B 375 -8.85 4.47 18.79
C ILE B 375 -9.29 3.02 18.95
N THR B 376 -10.34 2.80 19.74
CA THR B 376 -10.77 1.44 20.06
C THR B 376 -12.25 1.28 19.76
N ASP B 377 -12.57 0.26 18.97
CA ASP B 377 -13.94 -0.09 18.64
C ASP B 377 -14.13 -1.57 18.87
N CYS B 378 -15.16 -1.93 19.63
CA CYS B 378 -15.38 -3.32 19.98
C CYS B 378 -16.65 -3.75 19.26
N PHE B 379 -16.76 -5.02 18.98
CA PHE B 379 -17.91 -5.55 18.26
C PHE B 379 -18.05 -7.01 18.65
N LEU B 380 -19.04 -7.66 18.06
CA LEU B 380 -19.35 -9.04 18.39
C LEU B 380 -19.23 -9.88 17.12
N LEU B 381 -18.38 -10.90 17.17
CA LEU B 381 -18.15 -11.80 16.05
C LEU B 381 -18.29 -13.23 16.55
N GLU B 382 -19.16 -14.01 15.90
CA GLU B 382 -19.34 -15.42 16.22
C GLU B 382 -19.59 -15.63 17.71
N ASN B 383 -20.38 -14.72 18.30
CA ASN B 383 -20.82 -14.80 19.69
C ASN B 383 -19.61 -14.74 20.63
N VAL B 384 -18.64 -13.90 20.26
CA VAL B 384 -17.51 -13.56 21.12
C VAL B 384 -17.25 -12.08 20.93
N ILE B 385 -16.84 -11.40 22.00
CA ILE B 385 -16.61 -9.98 21.93
C ILE B 385 -15.15 -9.76 21.53
N TRP B 386 -14.95 -9.00 20.45
CA TRP B 386 -13.63 -8.70 19.93
C TRP B 386 -13.47 -7.19 19.93
N CYS B 387 -12.26 -6.72 20.17
CA CYS B 387 -11.97 -5.30 20.13
C CYS B 387 -10.83 -5.04 19.17
N ILE B 388 -11.02 -4.08 18.29
CA ILE B 388 -9.94 -3.61 17.43
C ILE B 388 -9.46 -2.29 18.00
N SER B 389 -8.16 -2.20 18.26
CA SER B 389 -7.56 -0.94 18.64
C SER B 389 -6.50 -0.56 17.62
N LEU B 390 -6.51 0.72 17.26
CA LEU B 390 -5.49 1.33 16.41
C LEU B 390 -4.66 2.22 17.31
N VAL B 391 -3.35 2.04 17.28
CA VAL B 391 -2.44 2.75 18.17
C VAL B 391 -1.36 3.38 17.33
N GLU B 392 -1.23 4.70 17.42
CA GLU B 392 -0.08 5.36 16.83
C GLU B 392 1.16 4.93 17.61
N ILE B 393 2.11 4.29 16.93
CA ILE B 393 3.35 3.81 17.60
C ILE B 393 4.53 4.51 16.95
N TYR B 394 5.71 4.47 17.58
CA TYR B 394 6.89 5.21 17.05
C TYR B 394 8.01 4.22 16.73
N ASP B 395 8.62 4.37 15.56
CA ASP B 395 9.76 3.49 15.21
C ASP B 395 11.03 4.30 15.37
N THR B 396 11.92 3.80 16.20
CA THR B 396 13.22 4.47 16.44
C THR B 396 13.98 4.46 15.12
N GLY B 397 13.93 3.38 14.37
CA GLY B 397 14.78 3.34 13.17
C GLY B 397 14.44 4.42 12.16
N ASP B 398 13.17 4.66 11.92
CA ASP B 398 12.75 5.66 10.90
C ASP B 398 12.47 7.03 11.52
N ASN B 399 12.54 7.15 12.84
CA ASN B 399 12.23 8.43 13.53
C ASN B 399 10.83 8.84 13.14
N VAL B 400 9.91 7.88 13.02
CA VAL B 400 8.55 8.16 12.50
C VAL B 400 7.50 7.39 13.29
N ILE B 401 6.26 7.88 13.31
CA ILE B 401 5.12 7.22 13.99
C ILE B 401 4.29 6.58 12.91
N ARG B 402 3.92 5.31 13.08
CA ARG B 402 3.04 4.62 12.12
C ARG B 402 2.00 3.86 12.94
N PRO B 403 0.76 3.66 12.46
CA PRO B 403 -0.28 2.96 13.22
C PRO B 403 0.02 1.46 13.31
N LYS B 404 -0.56 0.85 14.34
CA LYS B 404 -0.57 -0.59 14.51
C LYS B 404 -1.97 -0.98 14.95
N LEU B 405 -2.50 -2.05 14.38
CA LEU B 405 -3.84 -2.51 14.72
C LEU B 405 -3.79 -3.85 15.43
N PHE B 406 -4.39 -3.89 16.62
CA PHE B 406 -4.49 -5.07 17.44
C PHE B 406 -5.94 -5.54 17.51
N ALA B 407 -6.10 -6.86 17.55
CA ALA B 407 -7.35 -7.51 17.90
C ALA B 407 -7.18 -8.15 19.26
N VAL B 408 -8.14 -7.91 20.14
CA VAL B 408 -8.13 -8.45 21.49
C VAL B 408 -9.45 -9.15 21.74
N LYS B 409 -9.38 -10.40 22.21
CA LYS B 409 -10.57 -11.16 22.56
C LYS B 409 -10.84 -10.96 24.04
N ILE B 410 -12.01 -10.41 24.37
CA ILE B 410 -12.41 -10.28 25.77
C ILE B 410 -12.89 -11.65 26.24
N PRO B 411 -12.25 -12.23 27.24
CA PRO B 411 -12.53 -13.62 27.59
C PRO B 411 -13.73 -13.76 28.52
N ALA B 412 -14.55 -14.78 28.24
CA ALA B 412 -15.65 -15.14 29.13
C ALA B 412 -15.12 -15.69 30.45
N GLN B 413 -14.01 -16.42 30.40
CA GLN B 413 -13.39 -16.97 31.59
C GLN B 413 -12.50 -15.94 32.25
N CYS B 414 -12.60 -15.80 33.58
CA CYS B 414 -11.65 -14.94 34.27
C CYS B 414 -10.35 -15.68 34.55
N SER B 415 -10.39 -17.01 34.49
CA SER B 415 -9.18 -17.82 34.53
C SER B 415 -8.59 -17.91 33.13
N GLU B 416 -7.28 -18.11 33.06
CA GLU B 416 -6.65 -18.22 31.74
C GLU B 416 -7.04 -19.55 31.09
N GLN C 1 10.07 39.25 14.93
CA GLN C 1 8.96 38.31 14.83
C GLN C 1 9.27 36.98 15.54
N VAL C 2 9.77 35.95 14.85
CA VAL C 2 10.01 34.66 15.52
C VAL C 2 11.26 34.76 16.38
N GLN C 3 11.16 34.29 17.62
CA GLN C 3 12.27 34.33 18.56
C GLN C 3 12.15 33.24 19.61
N LEU C 4 13.32 32.85 20.12
CA LEU C 4 13.44 31.91 21.23
C LEU C 4 14.40 32.52 22.24
N LYS C 5 13.95 32.69 23.48
CA LYS C 5 14.77 33.26 24.54
C LYS C 5 14.91 32.23 25.65
N GLU C 6 16.12 32.02 26.15
CA GLU C 6 16.35 31.05 27.22
C GLU C 6 16.60 31.78 28.53
N SER C 7 15.94 31.30 29.60
CA SER C 7 16.25 31.70 30.96
C SER C 7 16.96 30.53 31.62
N GLY C 8 18.18 30.79 32.09
CA GLY C 8 19.03 29.78 32.68
C GLY C 8 19.66 30.27 33.96
N PRO C 9 20.09 29.34 34.81
CA PRO C 9 20.69 29.74 36.09
C PRO C 9 22.05 30.39 35.93
N GLY C 10 22.77 30.04 34.88
CA GLY C 10 24.11 30.54 34.63
C GLY C 10 25.16 29.73 35.35
N LEU C 11 24.90 29.40 36.62
CA LEU C 11 25.88 28.71 37.46
C LEU C 11 25.19 27.54 38.15
N VAL C 12 25.82 26.37 38.09
CA VAL C 12 25.25 25.14 38.63
C VAL C 12 26.33 24.40 39.42
N ALA C 13 26.02 24.06 40.67
CA ALA C 13 26.96 23.32 41.50
C ALA C 13 27.09 21.88 40.99
N PRO C 14 28.25 21.25 41.18
CA PRO C 14 28.44 19.89 40.65
C PRO C 14 27.46 18.89 41.24
N SER C 15 27.10 17.89 40.42
CA SER C 15 26.16 16.84 40.79
C SER C 15 24.82 17.42 41.26
N GLN C 16 24.37 18.46 40.56
CA GLN C 16 23.13 19.15 40.89
C GLN C 16 22.36 19.41 39.60
N SER C 17 21.07 19.70 39.74
CA SER C 17 20.18 19.77 38.60
C SER C 17 20.25 21.12 37.87
N LEU C 18 20.05 21.06 36.56
CA LEU C 18 19.95 22.20 35.67
C LEU C 18 18.51 22.35 35.20
N SER C 19 17.99 23.57 35.24
CA SER C 19 16.65 23.88 34.77
C SER C 19 16.73 25.08 33.83
N ILE C 20 16.26 24.91 32.60
CA ILE C 20 16.26 25.98 31.62
C ILE C 20 14.83 26.11 31.08
N THR C 21 14.34 27.34 30.98
CA THR C 21 13.03 27.58 30.38
C THR C 21 13.20 28.43 29.13
N CYS C 22 12.70 27.91 28.00
CA CYS C 22 12.72 28.56 26.71
C CYS C 22 11.36 29.18 26.46
N THR C 23 11.35 30.47 26.18
CA THR C 23 10.14 31.21 25.85
C THR C 23 10.12 31.47 24.36
N VAL C 24 9.09 30.98 23.69
CA VAL C 24 8.91 31.05 22.26
C VAL C 24 7.95 32.20 21.95
N SER C 25 8.29 32.99 20.95
CA SER C 25 7.41 34.07 20.52
C SER C 25 7.37 34.11 18.99
N GLY C 26 6.21 34.45 18.44
CA GLY C 26 6.05 34.58 17.01
C GLY C 26 5.50 33.34 16.32
N PHE C 27 5.39 32.22 17.02
CA PHE C 27 4.83 31.01 16.45
C PHE C 27 4.36 30.12 17.59
N SER C 28 3.56 29.13 17.24
CA SER C 28 2.92 28.26 18.23
C SER C 28 3.70 26.96 18.41
N LEU C 29 3.79 26.51 19.66
CA LEU C 29 4.45 25.24 19.97
C LEU C 29 3.71 24.04 19.37
N THR C 30 2.42 24.19 19.08
CA THR C 30 1.63 23.08 18.56
C THR C 30 1.99 22.70 17.13
N SER C 31 2.56 23.61 16.35
CA SER C 31 2.82 23.34 14.94
C SER C 31 4.30 23.15 14.60
N TYR C 32 5.21 23.23 15.58
CA TYR C 32 6.63 23.05 15.33
C TYR C 32 7.26 22.18 16.41
N ASP C 33 8.17 21.29 16.01
CA ASP C 33 8.95 20.50 16.95
C ASP C 33 10.09 21.35 17.52
N ILE C 34 10.53 21.02 18.73
CA ILE C 34 11.60 21.79 19.37
C ILE C 34 12.70 20.86 19.84
N SER C 35 13.95 21.18 19.50
CA SER C 35 15.12 20.44 19.94
C SER C 35 15.97 21.28 20.90
N TRP C 36 16.85 20.60 21.59
CA TRP C 36 17.80 21.29 22.48
C TRP C 36 19.20 20.86 22.06
N ILE C 37 20.06 21.80 21.70
CA ILE C 37 21.43 21.49 21.21
C ILE C 37 22.42 22.23 22.12
N ARG C 38 23.49 21.57 22.52
CA ARG C 38 24.46 22.18 23.46
C ARG C 38 25.83 22.30 22.81
N GLN C 39 26.47 23.46 22.94
CA GLN C 39 27.86 23.55 22.43
C GLN C 39 28.78 23.49 23.63
N PRO C 40 29.57 22.43 23.77
CA PRO C 40 30.45 22.29 24.90
C PRO C 40 31.57 23.30 24.65
N PRO C 41 32.25 23.81 25.69
CA PRO C 41 33.25 24.82 25.48
C PRO C 41 34.32 24.17 24.62
N GLY C 42 34.78 24.89 23.61
CA GLY C 42 35.88 24.36 22.78
C GLY C 42 35.49 23.01 22.22
N LYS C 43 34.23 22.84 21.84
CA LYS C 43 33.79 21.48 21.40
C LYS C 43 32.68 21.53 20.35
N GLY C 44 32.52 20.44 19.59
CA GLY C 44 31.49 20.37 18.55
C GLY C 44 30.08 20.30 19.11
N LEU C 45 29.10 20.76 18.34
CA LEU C 45 27.70 20.81 18.81
C LEU C 45 27.19 19.39 19.09
N GLU C 46 26.41 19.23 20.15
CA GLU C 46 25.82 17.92 20.53
C GLU C 46 24.30 18.06 20.64
N TRP C 47 23.53 17.12 20.08
CA TRP C 47 22.05 17.14 20.18
C TRP C 47 21.59 16.45 21.45
N LEU C 48 20.80 17.16 22.25
CA LEU C 48 20.30 16.62 23.51
C LEU C 48 18.97 15.86 23.35
N GLY C 49 17.99 16.46 22.69
CA GLY C 49 16.72 15.81 22.54
C GLY C 49 15.76 16.67 21.75
N VAL C 50 14.56 16.13 21.54
CA VAL C 50 13.51 16.80 20.79
C VAL C 50 12.18 16.47 21.45
N ILE C 51 11.27 17.45 21.42
CA ILE C 51 9.89 17.27 21.87
C ILE C 51 9.01 17.63 20.68
N TRP C 52 8.16 16.67 20.30
CA TRP C 52 7.23 16.84 19.21
C TRP C 52 6.04 17.67 19.65
N THR C 53 5.21 18.04 18.67
CA THR C 53 4.00 18.80 18.95
C THR C 53 3.02 18.02 19.82
N GLY C 54 2.84 16.73 19.53
CA GLY C 54 1.91 15.92 20.30
C GLY C 54 2.33 15.65 21.73
N GLY C 55 3.61 15.74 22.03
CA GLY C 55 4.15 15.37 23.32
C GLY C 55 5.12 14.23 23.28
N VAL C 56 5.29 13.58 22.12
CA VAL C 56 6.35 12.61 21.95
C VAL C 56 7.69 13.28 22.19
N THR C 57 8.51 12.67 23.04
CA THR C 57 9.83 13.19 23.36
C THR C 57 10.85 12.13 23.04
N ASN C 58 11.86 12.50 22.26
CA ASN C 58 12.97 11.62 21.91
C ASN C 58 14.24 12.18 22.52
N TYR C 59 15.05 11.31 23.10
CA TYR C 59 16.28 11.74 23.73
C TYR C 59 17.47 11.09 23.06
N ASN C 60 18.58 11.82 23.06
CA ASN C 60 19.87 11.23 22.77
C ASN C 60 20.14 10.16 23.81
N SER C 61 20.42 8.94 23.35
CA SER C 61 20.54 7.81 24.27
C SER C 61 21.59 8.04 25.35
N ALA C 62 22.63 8.82 25.04
CA ALA C 62 23.69 9.09 26.00
C ALA C 62 23.15 9.78 27.25
N PHE C 63 22.27 10.76 27.08
CA PHE C 63 21.76 11.55 28.18
C PHE C 63 20.46 11.02 28.78
N LEU C 64 20.00 9.85 28.36
CA LEU C 64 18.64 9.44 28.69
C LEU C 64 18.47 9.30 30.20
N SER C 65 19.52 8.85 30.89
CA SER C 65 19.45 8.61 32.33
C SER C 65 19.11 9.88 33.12
N ARG C 66 19.58 11.05 32.69
CA ARG C 66 19.46 12.28 33.46
C ARG C 66 18.87 13.47 32.70
N LEU C 67 18.35 13.30 31.49
CA LEU C 67 17.85 14.44 30.73
C LEU C 67 16.35 14.26 30.48
N SER C 68 15.58 15.34 30.68
CA SER C 68 14.15 15.27 30.46
C SER C 68 13.65 16.61 29.94
N ILE C 69 12.74 16.53 28.95
CA ILE C 69 12.22 17.70 28.25
C ILE C 69 10.69 17.69 28.32
N SER C 70 10.11 18.83 28.68
CA SER C 70 8.66 18.97 28.70
C SER C 70 8.31 20.32 28.08
N LYS C 71 7.02 20.59 27.92
CA LYS C 71 6.63 21.87 27.35
C LYS C 71 5.27 22.32 27.90
N ASP C 72 4.97 23.59 27.67
CA ASP C 72 3.70 24.19 28.04
C ASP C 72 3.20 24.96 26.82
N ASN C 73 2.24 24.35 26.11
CA ASN C 73 1.68 24.93 24.89
C ASN C 73 1.05 26.29 25.15
N SER C 74 0.34 26.42 26.28
CA SER C 74 -0.42 27.65 26.54
C SER C 74 0.51 28.82 26.85
N LYS C 75 1.55 28.59 27.66
CA LYS C 75 2.51 29.64 27.95
C LYS C 75 3.64 29.73 26.92
N SER C 76 3.53 28.95 25.83
CA SER C 76 4.50 28.98 24.73
C SER C 76 5.93 28.78 25.20
N GLN C 77 6.12 27.84 26.12
CA GLN C 77 7.47 27.65 26.66
C GLN C 77 7.83 26.16 26.71
N VAL C 78 9.14 25.90 26.70
CA VAL C 78 9.70 24.56 26.64
C VAL C 78 10.75 24.43 27.75
N PHE C 79 10.77 23.29 28.43
CA PHE C 79 11.56 23.14 29.65
C PHE C 79 12.57 22.02 29.44
N LEU C 80 13.81 22.27 29.86
CA LEU C 80 14.87 21.27 29.92
C LEU C 80 15.30 21.12 31.35
N LYS C 81 15.38 19.88 31.82
CA LYS C 81 15.92 19.56 33.13
C LYS C 81 16.99 18.49 32.95
N MET C 82 18.12 18.68 33.62
CA MET C 82 19.21 17.73 33.58
C MET C 82 19.69 17.47 35.00
N ASN C 83 20.04 16.22 35.31
CA ASN C 83 20.40 15.89 36.67
C ASN C 83 21.89 15.55 36.79
N SER C 84 22.40 15.64 38.01
CA SER C 84 23.75 15.22 38.37
C SER C 84 24.80 15.77 37.40
N LEU C 85 24.81 17.09 37.29
CA LEU C 85 25.73 17.76 36.36
C LEU C 85 27.16 17.69 36.87
N GLN C 86 28.11 17.56 35.94
CA GLN C 86 29.52 17.52 36.27
C GLN C 86 30.20 18.68 35.55
N THR C 87 31.53 18.75 35.67
CA THR C 87 32.25 19.85 35.02
C THR C 87 32.14 19.76 33.51
N ASP C 88 32.11 18.55 32.97
CA ASP C 88 32.03 18.37 31.51
C ASP C 88 30.78 19.02 30.93
N ASP C 89 29.69 19.08 31.71
CA ASP C 89 28.40 19.50 31.18
C ASP C 89 28.28 21.01 30.99
N THR C 90 29.28 21.79 31.42
CA THR C 90 29.23 23.23 31.19
C THR C 90 29.23 23.50 29.70
N ALA C 91 28.32 24.37 29.24
CA ALA C 91 28.21 24.61 27.80
C ALA C 91 27.23 25.75 27.56
N ILE C 92 26.99 26.01 26.28
CA ILE C 92 25.93 26.90 25.84
C ILE C 92 24.75 26.03 25.45
N TYR C 93 23.58 26.32 25.99
CA TYR C 93 22.38 25.55 25.71
C TYR C 93 21.46 26.38 24.83
N TYR C 94 21.07 25.77 23.71
CA TYR C 94 20.27 26.38 22.66
C TYR C 94 18.93 25.68 22.59
N CYS C 95 17.89 26.48 22.60
CA CYS C 95 16.54 26.06 22.24
C CYS C 95 16.37 26.30 20.74
N VAL C 96 16.02 25.26 19.99
CA VAL C 96 16.02 25.39 18.50
C VAL C 96 14.76 24.85 17.85
N ARG C 97 14.02 25.69 17.12
CA ARG C 97 12.82 25.26 16.35
C ARG C 97 13.24 24.42 15.15
N GLU C 98 12.41 23.47 14.78
CA GLU C 98 12.76 22.54 13.70
C GLU C 98 11.72 22.55 12.58
N GLY C 99 12.16 22.44 11.34
CA GLY C 99 11.20 22.20 10.26
C GLY C 99 11.73 21.11 9.34
N ASP C 100 11.01 20.02 9.16
CA ASP C 100 11.42 18.93 8.23
C ASP C 100 12.84 18.47 8.53
N TRP C 101 13.16 18.28 9.80
CA TRP C 101 14.48 17.68 10.16
C TRP C 101 15.66 18.62 9.92
N PHE C 102 15.43 19.92 9.89
CA PHE C 102 16.52 20.91 9.81
C PHE C 102 16.20 21.97 10.86
N PHE C 103 17.18 22.70 11.38
CA PHE C 103 16.79 23.74 12.37
C PHE C 103 16.71 25.12 11.72
N ASP C 104 15.49 25.60 11.47
CA ASP C 104 15.24 26.94 10.89
C ASP C 104 15.62 28.10 11.81
N VAL C 105 15.31 28.01 13.10
CA VAL C 105 15.52 29.18 13.98
C VAL C 105 16.22 28.75 15.27
N TRP C 106 17.28 29.46 15.64
CA TRP C 106 18.04 29.19 16.85
C TRP C 106 17.81 30.28 17.88
N GLY C 107 17.76 29.88 19.15
CA GLY C 107 17.73 30.84 20.22
C GLY C 107 19.08 31.49 20.42
N ALA C 108 19.07 32.60 21.16
CA ALA C 108 20.32 33.32 21.39
C ALA C 108 21.35 32.45 22.12
N GLY C 109 20.89 31.56 22.98
CA GLY C 109 21.76 30.69 23.76
C GLY C 109 21.91 31.18 25.19
N THR C 110 22.02 30.22 26.11
CA THR C 110 22.30 30.52 27.51
C THR C 110 23.56 29.77 27.92
N THR C 111 24.42 30.41 28.68
CA THR C 111 25.70 29.81 29.04
C THR C 111 25.65 29.32 30.48
N VAL C 112 25.95 28.03 30.67
CA VAL C 112 25.83 27.35 31.95
C VAL C 112 27.23 26.88 32.35
N THR C 113 27.68 27.33 33.52
CA THR C 113 28.97 26.97 34.07
C THR C 113 28.77 26.13 35.33
N VAL C 114 29.55 25.07 35.47
CA VAL C 114 29.48 24.16 36.61
C VAL C 114 30.76 24.33 37.43
N SER C 115 30.63 24.98 38.59
CA SER C 115 31.73 25.18 39.50
C SER C 115 31.14 25.41 40.89
N SER C 116 31.91 25.05 41.92
CA SER C 116 31.43 25.25 43.28
C SER C 116 31.40 26.73 43.67
N ALA C 117 32.31 27.53 43.14
CA ALA C 117 32.44 28.91 43.58
C ALA C 117 31.17 29.70 43.32
N SER C 118 30.91 30.68 44.18
CA SER C 118 29.70 31.48 44.08
C SER C 118 29.87 32.61 43.07
N THR C 119 28.73 33.14 42.62
CA THR C 119 28.76 34.20 41.62
C THR C 119 29.31 35.48 42.22
N LYS C 120 29.83 36.34 41.34
CA LYS C 120 30.29 37.64 41.81
C LYS C 120 30.17 38.67 40.70
N GLY C 121 29.72 39.87 41.08
CA GLY C 121 29.52 40.95 40.16
C GLY C 121 30.82 41.62 39.77
N PRO C 122 30.89 42.11 38.53
CA PRO C 122 32.11 42.75 38.07
C PRO C 122 32.22 44.20 38.52
N SER C 123 33.46 44.65 38.64
CA SER C 123 33.80 46.04 38.88
C SER C 123 34.16 46.66 37.53
N VAL C 124 33.56 47.81 37.22
CA VAL C 124 33.70 48.46 35.92
C VAL C 124 34.52 49.74 36.11
N PHE C 125 35.63 49.84 35.36
CA PHE C 125 36.53 50.98 35.41
C PHE C 125 36.67 51.64 34.04
N PRO C 126 36.67 52.98 33.99
CA PRO C 126 36.83 53.67 32.70
C PRO C 126 38.24 53.54 32.16
N LEU C 127 38.33 53.62 30.83
CA LEU C 127 39.60 53.66 30.10
C LEU C 127 39.57 54.97 29.32
N ALA C 128 40.27 56.00 29.81
CA ALA C 128 40.09 57.36 29.34
C ALA C 128 41.11 57.73 28.26
N PRO C 129 40.63 58.38 27.18
CA PRO C 129 41.53 58.83 26.14
C PRO C 129 42.34 60.01 26.67
N SER C 130 43.55 60.19 26.13
CA SER C 130 44.38 61.34 26.56
C SER C 130 44.57 62.27 25.37
N SER C 131 44.26 63.55 25.55
CA SER C 131 44.34 64.50 24.40
C SER C 131 45.80 64.57 23.93
N LYS C 132 46.76 64.61 24.86
CA LYS C 132 48.15 64.75 24.37
C LYS C 132 48.45 63.52 23.53
N SER C 133 48.04 62.35 24.00
CA SER C 133 48.16 61.13 23.18
C SER C 133 47.28 61.32 21.95
N THR C 134 46.11 61.91 22.16
CA THR C 134 45.15 62.07 21.04
C THR C 134 45.52 63.34 20.28
N SER C 135 46.64 63.30 19.55
CA SER C 135 47.07 64.45 18.73
C SER C 135 46.40 64.30 17.36
N GLY C 136 45.65 63.20 17.20
CA GLY C 136 45.02 62.90 15.90
C GLY C 136 43.54 62.65 16.07
N GLY C 137 42.77 62.79 15.00
CA GLY C 137 41.31 62.67 15.15
C GLY C 137 40.96 61.28 15.64
N THR C 138 41.63 60.23 15.17
CA THR C 138 41.24 58.92 15.73
C THR C 138 41.57 58.92 17.21
N ALA C 139 40.65 58.40 18.02
CA ALA C 139 40.86 58.38 19.49
C ALA C 139 40.30 57.07 20.02
N ALA C 140 40.78 56.62 21.18
CA ALA C 140 40.32 55.33 21.71
C ALA C 140 39.87 55.49 23.15
N LEU C 141 38.81 54.81 23.53
CA LEU C 141 38.32 54.83 24.90
C LEU C 141 37.58 53.55 25.19
N GLY C 142 37.41 53.24 26.47
CA GLY C 142 36.81 51.94 26.76
C GLY C 142 36.33 51.82 28.20
N CYS C 143 35.78 50.65 28.50
CA CYS C 143 35.68 50.15 29.86
C CYS C 143 36.44 48.84 30.04
N LEU C 144 36.93 48.67 31.26
CA LEU C 144 37.45 47.40 31.74
C LEU C 144 36.46 46.82 32.75
N VAL C 145 35.99 45.60 32.44
CA VAL C 145 35.04 44.90 33.35
C VAL C 145 35.86 43.78 33.98
N LYS C 146 35.91 43.74 35.30
CA LYS C 146 36.83 42.79 35.97
C LYS C 146 36.16 42.05 37.12
N ASP C 147 36.73 40.91 37.52
CA ASP C 147 36.26 40.14 38.69
C ASP C 147 34.82 39.62 38.66
N TYR C 148 34.34 39.08 37.54
CA TYR C 148 33.01 38.41 37.58
C TYR C 148 33.21 36.90 37.41
N PHE C 149 32.80 36.09 38.39
CA PHE C 149 32.91 34.62 38.30
C PHE C 149 32.05 33.93 37.25
N PRO C 150 30.76 34.27 37.05
CA PRO C 150 30.00 33.56 36.03
C PRO C 150 30.49 34.17 34.70
N GLU C 151 30.85 33.34 33.73
CA GLU C 151 31.48 33.86 32.50
C GLU C 151 30.64 34.79 31.64
N PRO C 152 29.33 34.59 31.40
CA PRO C 152 28.64 35.45 30.43
C PRO C 152 28.59 36.91 30.86
N VAL C 153 28.82 37.83 29.93
CA VAL C 153 28.73 39.29 30.22
C VAL C 153 28.40 40.03 28.93
N THR C 154 27.76 41.19 29.02
CA THR C 154 27.29 41.92 27.85
C THR C 154 27.66 43.39 27.98
N VAL C 155 28.18 43.99 26.92
CA VAL C 155 28.51 45.40 26.91
C VAL C 155 27.90 46.06 25.68
N SER C 156 27.27 47.22 25.89
CA SER C 156 26.70 48.05 24.85
C SER C 156 27.15 49.48 25.11
N TRP C 157 27.42 50.23 24.06
CA TRP C 157 27.84 51.62 24.23
C TRP C 157 26.66 52.55 24.01
N ASN C 158 26.34 53.34 25.04
CA ASN C 158 25.22 54.30 25.00
C ASN C 158 23.92 53.59 24.64
N SER C 159 23.66 52.49 25.35
CA SER C 159 22.45 51.67 25.16
C SER C 159 22.32 51.20 23.71
N GLY C 160 23.44 50.89 23.08
CA GLY C 160 23.45 50.37 21.74
C GLY C 160 23.45 51.41 20.64
N ALA C 161 23.53 52.70 20.99
CA ALA C 161 23.52 53.75 19.98
C ALA C 161 24.73 53.65 19.06
N LEU C 162 25.90 53.35 19.62
CA LEU C 162 27.13 53.24 18.85
C LEU C 162 27.47 51.77 18.67
N THR C 163 27.49 51.32 17.42
CA THR C 163 27.82 49.94 17.09
C THR C 163 29.03 49.82 16.15
N SER C 164 29.57 50.93 15.67
CA SER C 164 30.56 50.93 14.61
C SER C 164 31.94 51.23 15.18
N GLY C 165 32.92 50.38 14.85
CA GLY C 165 34.25 50.55 15.39
C GLY C 165 34.41 50.10 16.82
N VAL C 166 33.48 49.30 17.33
CA VAL C 166 33.51 48.80 18.70
C VAL C 166 34.20 47.44 18.69
N HIS C 167 35.07 47.21 19.67
CA HIS C 167 35.69 45.90 19.85
C HIS C 167 35.54 45.47 21.31
N THR C 168 34.89 44.33 21.52
CA THR C 168 34.71 43.76 22.84
C THR C 168 35.51 42.47 22.92
N PHE C 169 36.49 42.44 23.79
CA PHE C 169 37.45 41.36 23.76
C PHE C 169 36.94 40.13 24.50
N PRO C 170 37.38 38.94 24.10
CA PRO C 170 37.12 37.75 24.91
C PRO C 170 37.60 37.92 26.34
N ALA C 171 36.82 37.39 27.27
CA ALA C 171 37.25 37.40 28.66
C ALA C 171 38.45 36.49 28.85
N VAL C 172 39.20 36.78 29.90
CA VAL C 172 40.42 36.04 30.23
C VAL C 172 40.25 35.57 31.65
N LEU C 173 40.56 34.29 31.88
CA LEU C 173 40.40 33.74 33.23
C LEU C 173 41.62 34.22 34.01
N GLN C 174 41.44 34.96 35.11
CA GLN C 174 42.57 35.47 35.88
C GLN C 174 43.10 34.42 36.85
N SER C 175 44.29 34.68 37.41
CA SER C 175 44.84 33.74 38.39
C SER C 175 43.93 33.60 39.60
N SER C 176 43.17 34.65 39.94
CA SER C 176 42.27 34.60 41.09
C SER C 176 41.08 33.67 40.89
N GLY C 177 40.80 33.26 39.66
CA GLY C 177 39.62 32.49 39.35
C GLY C 177 38.48 33.29 38.78
N LEU C 178 38.75 34.52 38.33
CA LEU C 178 37.73 35.46 37.89
C LEU C 178 38.02 35.93 36.48
N TYR C 179 36.97 36.29 35.75
CA TYR C 179 37.18 36.79 34.41
C TYR C 179 37.37 38.31 34.39
N SER C 180 38.14 38.77 33.41
CA SER C 180 38.35 40.18 33.16
C SER C 180 38.34 40.37 31.65
N LEU C 181 37.70 41.45 31.20
CA LEU C 181 37.70 41.77 29.78
C LEU C 181 37.71 43.27 29.57
N SER C 182 37.98 43.64 28.33
CA SER C 182 38.01 45.02 27.91
C SER C 182 37.03 45.20 26.76
N SER C 183 36.30 46.32 26.78
CA SER C 183 35.50 46.73 25.65
C SER C 183 35.95 48.14 25.30
N VAL C 184 36.26 48.36 24.03
CA VAL C 184 36.81 49.64 23.58
C VAL C 184 36.07 50.09 22.33
N VAL C 185 36.19 51.37 22.04
CA VAL C 185 35.64 51.95 20.82
C VAL C 185 36.58 53.06 20.38
N THR C 186 36.69 53.22 19.06
CA THR C 186 37.50 54.26 18.44
C THR C 186 36.58 55.35 17.93
N VAL C 187 36.86 56.59 18.30
CA VAL C 187 35.99 57.70 17.92
C VAL C 187 36.84 58.88 17.48
N PRO C 188 36.26 59.76 16.67
CA PRO C 188 36.93 61.03 16.36
C PRO C 188 37.14 61.89 17.60
N SER C 189 38.37 62.38 17.77
CA SER C 189 38.70 63.22 18.91
C SER C 189 38.12 64.62 18.80
N SER C 190 37.72 65.04 17.61
CA SER C 190 36.94 66.27 17.54
C SER C 190 35.57 66.06 18.17
N SER C 191 35.10 64.82 18.24
CA SER C 191 33.84 64.52 18.92
C SER C 191 34.02 64.56 20.43
N LEU C 192 35.25 64.45 20.93
CA LEU C 192 35.51 64.57 22.36
C LEU C 192 34.89 65.85 22.91
N GLY C 193 34.15 65.71 24.00
CA GLY C 193 33.51 66.82 24.65
C GLY C 193 32.12 67.13 24.14
N THR C 194 31.87 66.86 22.86
CA THR C 194 30.55 67.07 22.26
C THR C 194 29.73 65.79 22.22
N GLN C 195 30.23 64.71 22.83
CA GLN C 195 29.51 63.45 22.86
C GLN C 195 29.84 62.74 24.17
N THR C 196 28.86 62.02 24.70
CA THR C 196 28.99 61.27 25.94
C THR C 196 28.99 59.78 25.66
N TYR C 197 29.91 59.06 26.30
CA TYR C 197 30.06 57.61 26.10
C TYR C 197 29.91 56.87 27.43
N ILE C 198 28.97 55.92 27.44
CA ILE C 198 28.61 55.14 28.62
C ILE C 198 28.87 53.66 28.33
N CYS C 199 29.32 52.93 29.33
CA CYS C 199 29.48 51.49 29.20
C CYS C 199 28.29 50.81 29.86
N ASN C 200 27.34 50.35 29.06
CA ASN C 200 26.17 49.68 29.59
C ASN C 200 26.59 48.22 29.69
N VAL C 201 26.98 47.80 30.89
CA VAL C 201 27.47 46.46 31.12
C VAL C 201 26.42 45.72 31.92
N ASN C 202 26.01 44.55 31.44
CA ASN C 202 25.00 43.76 32.11
C ASN C 202 25.53 42.36 32.36
N HIS C 203 25.38 41.91 33.61
CA HIS C 203 25.73 40.58 34.07
C HIS C 203 24.46 39.94 34.62
N LYS C 204 23.88 39.01 33.85
CA LYS C 204 22.62 38.38 34.25
C LYS C 204 22.77 37.51 35.49
N PRO C 205 23.79 36.65 35.62
CA PRO C 205 23.83 35.74 36.77
C PRO C 205 23.91 36.44 38.11
N SER C 206 24.46 37.65 38.18
CA SER C 206 24.44 38.43 39.40
C SER C 206 23.36 39.51 39.40
N ASN C 207 22.56 39.60 38.33
CA ASN C 207 21.61 40.69 38.13
C ASN C 207 22.24 42.04 38.43
N THR C 208 23.39 42.29 37.81
CA THR C 208 24.09 43.56 37.95
C THR C 208 24.05 44.34 36.63
N LYS C 209 23.59 45.59 36.71
CA LYS C 209 23.64 46.52 35.60
C LYS C 209 24.51 47.71 35.99
N VAL C 210 25.52 48.00 35.17
CA VAL C 210 26.47 49.06 35.45
C VAL C 210 26.51 50.00 34.26
N ASP C 211 26.54 51.30 34.55
CA ASP C 211 26.68 52.33 33.53
C ASP C 211 27.83 53.22 33.96
N LYS C 212 28.83 53.35 33.11
CA LYS C 212 29.99 54.16 33.46
C LYS C 212 30.11 55.30 32.47
N LYS C 213 30.90 56.31 32.86
CA LYS C 213 31.07 57.53 32.09
C LYS C 213 32.57 57.70 31.87
N VAL C 214 32.96 57.78 30.61
CA VAL C 214 34.36 57.87 30.21
C VAL C 214 34.67 59.30 29.84
N GLU C 215 35.76 59.84 30.39
CA GLU C 215 36.13 61.22 30.14
C GLU C 215 37.63 61.39 29.97
N ASP D 1 25.43 8.33 16.96
CA ASP D 1 26.32 7.19 16.92
C ASP D 1 26.89 7.07 15.51
N VAL D 2 26.66 8.11 14.71
CA VAL D 2 27.17 8.23 13.35
C VAL D 2 28.24 9.30 13.36
N LEU D 3 29.47 8.93 13.01
CA LEU D 3 30.57 9.89 13.09
C LEU D 3 30.62 10.84 11.91
N MET D 4 30.71 12.12 12.21
CA MET D 4 30.93 13.15 11.21
C MET D 4 32.37 13.63 11.31
N THR D 5 33.10 13.56 10.21
CA THR D 5 34.52 13.90 10.19
C THR D 5 34.75 14.96 9.13
N GLN D 6 35.21 16.13 9.56
CA GLN D 6 35.45 17.23 8.64
C GLN D 6 36.93 17.27 8.32
N THR D 7 37.25 17.44 7.04
CA THR D 7 38.63 17.20 6.63
C THR D 7 39.54 18.39 6.94
N PRO D 8 39.21 19.66 6.59
CA PRO D 8 40.13 20.74 6.95
C PRO D 8 39.71 21.41 8.24
N LEU D 9 40.52 21.35 9.30
CA LEU D 9 40.08 21.97 10.55
C LEU D 9 40.09 23.49 10.42
N SER D 10 41.08 24.04 9.71
CA SER D 10 41.08 25.43 9.30
C SER D 10 41.25 25.52 7.80
N LEU D 11 40.51 26.43 7.17
CA LEU D 11 40.70 26.75 5.76
C LEU D 11 40.89 28.26 5.59
N PRO D 12 42.09 28.71 5.19
CA PRO D 12 42.27 30.13 4.91
C PRO D 12 42.16 30.39 3.40
N VAL D 13 41.53 31.50 3.00
CA VAL D 13 41.23 31.67 1.58
C VAL D 13 41.08 33.16 1.29
N SER D 14 41.38 33.56 0.06
CA SER D 14 41.33 34.96 -0.37
C SER D 14 39.95 35.30 -0.88
N LEU D 15 39.61 36.59 -0.85
CA LEU D 15 38.32 37.00 -1.38
C LEU D 15 38.27 36.70 -2.88
N GLY D 16 37.12 36.22 -3.34
CA GLY D 16 36.96 35.83 -4.72
C GLY D 16 37.43 34.44 -5.04
N ASP D 17 38.05 33.75 -4.09
CA ASP D 17 38.54 32.39 -4.34
C ASP D 17 37.41 31.39 -4.13
N GLN D 18 37.75 30.11 -4.24
CA GLN D 18 36.80 29.04 -3.95
C GLN D 18 37.33 28.18 -2.82
N ALA D 19 36.44 27.91 -1.85
CA ALA D 19 36.74 27.14 -0.67
C ALA D 19 35.89 25.89 -0.69
N SER D 20 36.48 24.75 -0.32
CA SER D 20 35.76 23.49 -0.27
C SER D 20 36.01 22.80 1.06
N ILE D 21 34.92 22.46 1.75
CA ILE D 21 34.97 21.74 3.02
C ILE D 21 34.33 20.38 2.81
N SER D 22 34.88 19.36 3.43
CA SER D 22 34.36 18.02 3.25
C SER D 22 33.94 17.41 4.58
N CYS D 23 32.92 16.58 4.48
CA CYS D 23 32.31 15.88 5.59
C CYS D 23 32.24 14.42 5.20
N ARG D 24 32.65 13.55 6.11
CA ARG D 24 32.64 12.12 5.84
C ARG D 24 31.93 11.42 7.00
N SER D 25 31.03 10.50 6.65
CA SER D 25 30.19 9.83 7.63
C SER D 25 30.68 8.41 7.85
N SER D 26 30.70 8.00 9.13
CA SER D 26 31.20 6.67 9.49
C SER D 26 30.43 5.56 8.77
N GLN D 27 29.12 5.74 8.60
CA GLN D 27 28.27 4.74 7.98
C GLN D 27 27.34 5.44 7.00
N SER D 28 26.63 4.64 6.21
CA SER D 28 25.77 5.21 5.18
C SER D 28 24.66 6.03 5.82
N ILE D 29 24.39 7.17 5.22
CA ILE D 29 23.60 8.23 5.81
C ILE D 29 22.28 8.43 5.05
N VAL D 30 21.85 7.40 4.32
CA VAL D 30 20.59 7.48 3.55
C VAL D 30 19.43 6.97 4.41
N HIS D 31 18.34 7.73 4.46
CA HIS D 31 17.14 7.35 5.25
C HIS D 31 16.32 6.33 4.50
N SER D 32 15.35 5.73 5.19
CA SER D 32 14.42 4.77 4.53
C SER D 32 13.65 5.52 3.45
N ASN D 33 13.31 6.79 3.67
CA ASN D 33 12.56 7.61 2.70
C ASN D 33 13.43 7.72 1.45
N GLY D 34 14.74 7.59 1.60
CA GLY D 34 15.69 7.64 0.49
C GLY D 34 16.25 9.03 0.36
N ASN D 35 15.67 9.97 1.07
CA ASN D 35 16.28 11.31 1.11
C ASN D 35 17.51 11.19 2.02
N THR D 36 18.57 11.95 1.75
CA THR D 36 19.75 11.99 2.65
C THR D 36 19.68 13.32 3.37
N TYR D 37 19.44 13.31 4.66
CA TYR D 37 19.20 14.54 5.41
C TYR D 37 20.53 15.08 5.92
N LEU D 38 21.29 15.62 4.99
CA LEU D 38 22.62 16.14 5.31
C LEU D 38 22.54 17.65 5.20
N GLU D 39 22.97 18.33 6.25
CA GLU D 39 22.86 19.79 6.25
C GLU D 39 24.20 20.42 6.62
N TRP D 40 24.39 21.64 6.16
CA TRP D 40 25.56 22.47 6.44
C TRP D 40 25.10 23.73 7.13
N TYR D 41 25.68 23.97 8.31
CA TYR D 41 25.35 25.09 9.16
C TYR D 41 26.56 26.02 9.29
N LEU D 42 26.27 27.33 9.29
CA LEU D 42 27.25 28.38 9.52
C LEU D 42 27.02 29.09 10.85
N GLN D 43 28.07 29.13 11.66
CA GLN D 43 28.09 29.95 12.87
C GLN D 43 29.08 31.09 12.64
N LYS D 44 28.56 32.28 12.40
CA LYS D 44 29.35 33.49 12.35
C LYS D 44 29.75 33.87 13.78
N PRO D 45 30.83 34.62 13.96
CA PRO D 45 31.30 34.89 15.32
C PRO D 45 30.29 35.70 16.12
N GLY D 46 30.13 35.32 17.39
CA GLY D 46 29.17 35.98 18.26
C GLY D 46 27.73 35.85 17.81
N GLN D 47 27.35 34.70 17.27
CA GLN D 47 26.01 34.51 16.74
C GLN D 47 25.63 33.05 16.85
N SER D 48 24.32 32.80 16.90
CA SER D 48 23.86 31.42 16.85
C SER D 48 23.94 30.90 15.41
N PRO D 49 24.15 29.60 15.24
CA PRO D 49 24.27 29.05 13.89
C PRO D 49 23.04 29.33 13.03
N GLN D 50 23.25 29.30 11.73
CA GLN D 50 22.20 29.49 10.74
C GLN D 50 22.38 28.42 9.68
N LEU D 51 21.27 27.85 9.24
CA LEU D 51 21.34 26.78 8.26
C LEU D 51 21.74 27.33 6.89
N LEU D 52 22.56 26.58 6.18
CA LEU D 52 23.00 26.94 4.83
C LEU D 52 22.47 25.96 3.79
N ILE D 53 22.71 24.66 3.99
CA ILE D 53 22.33 23.65 3.02
C ILE D 53 21.53 22.57 3.74
N TYR D 54 20.44 22.13 3.13
CA TYR D 54 19.68 20.99 3.64
C TYR D 54 19.52 19.97 2.52
N LYS D 55 19.34 18.71 2.91
CA LYS D 55 19.19 17.61 1.97
C LYS D 55 20.32 17.62 0.93
N VAL D 56 21.56 17.62 1.43
CA VAL D 56 22.78 17.53 0.64
C VAL D 56 23.03 18.76 -0.21
N SER D 57 22.10 19.09 -1.11
CA SER D 57 22.34 20.14 -2.09
C SER D 57 21.34 21.29 -2.09
N ASN D 58 20.24 21.22 -1.34
CA ASN D 58 19.26 22.30 -1.35
C ASN D 58 19.68 23.44 -0.44
N ARG D 59 19.53 24.67 -0.94
CA ARG D 59 19.92 25.88 -0.22
C ARG D 59 18.73 26.47 0.52
N PHE D 60 18.92 26.72 1.82
CA PHE D 60 17.89 27.37 2.63
C PHE D 60 17.55 28.74 2.08
N SER D 61 16.32 29.17 2.31
CA SER D 61 15.87 30.46 1.79
C SER D 61 16.74 31.58 2.34
N GLY D 62 17.07 32.54 1.49
CA GLY D 62 17.96 33.62 1.86
C GLY D 62 19.44 33.32 1.70
N VAL D 63 19.81 32.18 1.15
CA VAL D 63 21.20 31.76 1.02
C VAL D 63 21.68 32.06 -0.41
N PRO D 64 22.77 32.80 -0.58
CA PRO D 64 23.20 33.19 -1.93
C PRO D 64 23.70 32.02 -2.74
N ASP D 65 23.64 32.20 -4.07
CA ASP D 65 23.91 31.11 -5.01
C ASP D 65 25.36 30.65 -5.05
N ARG D 66 26.31 31.41 -4.49
CA ARG D 66 27.69 30.94 -4.52
C ARG D 66 27.88 29.72 -3.62
N PHE D 67 27.10 29.62 -2.55
CA PHE D 67 27.08 28.42 -1.74
C PHE D 67 26.47 27.25 -2.50
N SER D 68 27.19 26.13 -2.55
CA SER D 68 26.69 24.95 -3.25
C SER D 68 27.07 23.72 -2.44
N GLY D 69 26.21 22.72 -2.46
CA GLY D 69 26.43 21.49 -1.74
C GLY D 69 26.33 20.30 -2.68
N SER D 70 27.10 19.25 -2.36
CA SER D 70 27.06 18.05 -3.18
C SER D 70 27.57 16.88 -2.35
N GLY D 71 27.20 15.68 -2.77
CA GLY D 71 27.65 14.52 -2.03
C GLY D 71 27.30 13.23 -2.73
N SER D 72 27.94 12.16 -2.28
CA SER D 72 27.64 10.81 -2.74
C SER D 72 28.09 9.83 -1.66
N GLY D 73 27.26 8.83 -1.40
CA GLY D 73 27.64 7.81 -0.45
C GLY D 73 27.88 8.40 0.92
N THR D 74 29.12 8.30 1.40
CA THR D 74 29.51 8.85 2.70
C THR D 74 30.43 10.07 2.58
N ASP D 75 30.67 10.59 1.38
CA ASP D 75 31.55 11.73 1.19
C ASP D 75 30.73 12.90 0.66
N PHE D 76 30.79 14.03 1.35
CA PHE D 76 30.00 15.21 1.06
C PHE D 76 30.90 16.44 1.06
N THR D 77 30.65 17.34 0.13
CA THR D 77 31.47 18.54 0.00
C THR D 77 30.59 19.78 -0.14
N LEU D 78 31.02 20.84 0.52
CA LEU D 78 30.41 22.16 0.44
C LEU D 78 31.41 23.09 -0.23
N LYS D 79 30.95 23.85 -1.22
CA LYS D 79 31.81 24.73 -1.99
C LYS D 79 31.27 26.15 -1.96
N ILE D 80 32.10 27.08 -1.51
CA ILE D 80 31.83 28.51 -1.56
C ILE D 80 32.76 29.09 -2.61
N ASN D 81 32.21 29.45 -3.76
CA ASN D 81 33.03 30.13 -4.78
C ASN D 81 32.87 31.63 -4.49
N ARG D 82 33.73 32.49 -5.05
CA ARG D 82 33.52 33.94 -4.84
C ARG D 82 33.43 34.23 -3.34
N VAL D 83 34.41 33.75 -2.57
CA VAL D 83 34.32 33.87 -1.09
C VAL D 83 34.24 35.35 -0.73
N GLU D 84 33.46 35.66 0.31
CA GLU D 84 33.19 37.06 0.71
C GLU D 84 33.44 37.16 2.21
N ALA D 85 33.62 38.37 2.73
CA ALA D 85 34.00 38.54 4.14
C ALA D 85 32.95 38.01 5.11
N GLU D 86 31.69 38.18 4.81
CA GLU D 86 30.60 37.76 5.72
C GLU D 86 30.73 36.25 5.90
N ASP D 87 31.24 35.57 4.89
CA ASP D 87 31.32 34.09 4.88
C ASP D 87 32.17 33.58 6.04
N LEU D 88 33.16 34.34 6.50
CA LEU D 88 34.06 33.78 7.53
C LEU D 88 33.26 33.37 8.76
N GLY D 89 33.58 32.20 9.30
CA GLY D 89 32.85 31.65 10.45
C GLY D 89 33.24 30.21 10.65
N LEU D 90 32.50 29.48 11.48
CA LEU D 90 32.75 28.04 11.64
C LEU D 90 31.63 27.30 10.91
N TYR D 91 31.98 26.37 10.02
CA TYR D 91 30.99 25.67 9.19
C TYR D 91 30.91 24.22 9.63
N TYR D 92 29.71 23.73 9.92
CA TYR D 92 29.55 22.36 10.47
C TYR D 92 28.66 21.52 9.56
N CYS D 93 28.90 20.22 9.51
CA CYS D 93 28.07 19.30 8.75
C CYS D 93 27.28 18.45 9.73
N PHE D 94 26.07 18.06 9.32
CA PHE D 94 25.17 17.41 10.26
C PHE D 94 24.19 16.48 9.55
N GLN D 95 23.77 15.43 10.27
CA GLN D 95 22.86 14.42 9.74
C GLN D 95 21.67 14.20 10.66
N ALA D 96 20.49 14.04 10.04
CA ALA D 96 19.28 13.66 10.75
C ALA D 96 18.71 12.35 10.21
N SER D 97 19.51 11.57 9.48
CA SER D 97 19.01 10.32 8.92
C SER D 97 18.95 9.19 9.94
N HIS D 98 19.45 9.38 11.15
CA HIS D 98 19.43 8.33 12.15
C HIS D 98 19.19 8.97 13.52
N VAL D 99 18.50 8.24 14.39
CA VAL D 99 17.88 8.78 15.60
C VAL D 99 18.78 9.61 16.51
N PRO D 100 20.04 9.25 16.73
CA PRO D 100 20.92 10.21 17.39
C PRO D 100 21.51 11.14 16.34
N TYR D 101 21.07 12.40 16.37
CA TYR D 101 21.58 13.39 15.43
C TYR D 101 23.01 13.76 15.81
N THR D 102 23.87 13.80 14.80
CA THR D 102 25.30 14.00 15.06
C THR D 102 25.83 15.13 14.20
N PHE D 103 26.80 15.84 14.74
CA PHE D 103 27.34 17.06 14.15
C PHE D 103 28.78 16.84 13.72
N GLY D 104 29.24 17.69 12.82
CA GLY D 104 30.64 17.68 12.46
C GLY D 104 31.50 18.26 13.57
N GLY D 105 32.81 18.12 13.40
CA GLY D 105 33.72 18.74 14.35
C GLY D 105 33.74 20.25 14.22
N GLY D 106 33.63 20.76 13.00
CA GLY D 106 33.76 22.16 12.73
C GLY D 106 34.88 22.45 11.76
N THR D 107 34.77 23.55 11.02
CA THR D 107 35.81 24.04 10.12
C THR D 107 35.84 25.54 10.24
N LYS D 108 37.01 26.11 10.50
CA LYS D 108 37.12 27.55 10.62
C LYS D 108 37.62 28.11 9.30
N LEU D 109 36.88 29.07 8.75
CA LEU D 109 37.20 29.67 7.45
C LEU D 109 37.74 31.07 7.69
N GLU D 110 38.94 31.30 7.17
CA GLU D 110 39.64 32.56 7.48
C GLU D 110 39.94 33.34 6.21
N ILE D 111 39.48 34.59 6.17
CA ILE D 111 39.78 35.46 5.01
C ILE D 111 41.28 35.74 5.01
N LYS D 112 41.89 35.77 3.83
CA LYS D 112 43.32 36.16 3.70
C LYS D 112 43.32 37.59 3.19
N ARG D 113 44.13 38.45 3.78
CA ARG D 113 44.05 39.89 3.47
C ARG D 113 45.43 40.49 3.30
N THR D 114 45.52 41.61 2.61
CA THR D 114 46.80 42.33 2.55
C THR D 114 47.18 42.65 4.00
N VAL D 115 48.47 42.85 4.28
CA VAL D 115 48.93 43.12 5.66
C VAL D 115 48.46 44.50 6.11
N ALA D 116 48.11 44.62 7.38
CA ALA D 116 47.66 45.89 7.96
C ALA D 116 48.44 46.13 9.25
N ALA D 117 48.59 47.39 9.67
CA ALA D 117 49.45 47.68 10.82
C ALA D 117 48.64 48.08 12.03
N PRO D 118 48.93 47.50 13.20
CA PRO D 118 48.12 47.75 14.36
C PRO D 118 48.21 49.17 14.89
N SER D 119 47.10 49.88 14.98
CA SER D 119 47.19 51.17 15.64
C SER D 119 47.21 50.92 17.13
N VAL D 120 48.19 51.50 17.81
CA VAL D 120 48.48 51.17 19.20
C VAL D 120 47.99 52.30 20.10
N PHE D 121 47.32 51.92 21.17
CA PHE D 121 46.84 52.86 22.18
C PHE D 121 47.13 52.26 23.54
N ILE D 122 47.47 53.10 24.51
CA ILE D 122 47.71 52.66 25.87
C ILE D 122 46.79 53.37 26.83
N PHE D 123 46.33 52.62 27.82
CA PHE D 123 45.39 53.09 28.82
C PHE D 123 46.00 52.85 30.19
N PRO D 124 46.20 53.89 30.98
CA PRO D 124 46.74 53.72 32.32
C PRO D 124 45.63 53.28 33.26
N PRO D 125 45.97 52.71 34.42
CA PRO D 125 44.93 52.32 35.36
C PRO D 125 44.13 53.52 35.81
N SER D 126 42.81 53.33 35.90
CA SER D 126 41.93 54.39 36.35
C SER D 126 42.17 54.68 37.83
N ASP D 127 41.79 55.90 38.24
CA ASP D 127 41.94 56.28 39.63
C ASP D 127 41.01 55.47 40.53
N GLU D 128 39.80 55.23 40.02
CA GLU D 128 38.79 54.47 40.76
C GLU D 128 39.29 53.07 41.06
N GLN D 129 39.94 52.43 40.07
CA GLN D 129 40.51 51.11 40.30
C GLN D 129 41.56 51.15 41.39
N LEU D 130 42.31 52.25 41.49
CA LEU D 130 43.39 52.31 42.46
C LEU D 130 42.86 52.50 43.87
N LYS D 131 41.70 53.15 44.02
CA LYS D 131 41.08 53.16 45.35
C LYS D 131 40.77 51.75 45.84
N SER D 132 40.39 50.85 44.92
CA SER D 132 40.14 49.46 45.28
C SER D 132 41.42 48.69 45.61
N GLY D 133 42.57 49.11 45.09
CA GLY D 133 43.83 48.48 45.44
C GLY D 133 44.51 47.57 44.41
N THR D 134 44.12 47.61 43.14
CA THR D 134 44.74 46.81 42.09
C THR D 134 45.14 47.73 40.94
N ALA D 135 46.19 47.36 40.21
CA ALA D 135 46.72 48.18 39.13
C ALA D 135 46.68 47.38 37.84
N SER D 136 46.14 47.99 36.78
CA SER D 136 46.01 47.34 35.49
C SER D 136 46.39 48.32 34.39
N VAL D 137 47.19 47.88 33.44
CA VAL D 137 47.60 48.72 32.32
C VAL D 137 47.11 48.01 31.06
N VAL D 138 46.52 48.77 30.14
CA VAL D 138 45.96 48.14 28.91
C VAL D 138 46.62 48.71 27.67
N CYS D 139 47.11 47.83 26.81
CA CYS D 139 47.70 48.27 25.52
C CYS D 139 46.84 47.63 24.44
N LEU D 140 46.38 48.43 23.48
CA LEU D 140 45.46 47.90 22.44
C LEU D 140 46.13 47.96 21.09
N LEU D 141 46.08 46.86 20.37
CA LEU D 141 46.59 46.83 18.98
C LEU D 141 45.30 46.68 18.18
N ASN D 142 45.08 47.52 17.18
CA ASN D 142 43.76 47.52 16.50
C ASN D 142 43.87 47.31 14.99
N ASN D 143 43.01 46.49 14.44
CA ASN D 143 42.93 46.31 12.97
C ASN D 143 44.24 45.86 12.34
N PHE D 144 44.94 44.89 12.92
CA PHE D 144 46.14 44.35 12.25
C PHE D 144 45.80 43.00 11.60
N TYR D 145 45.87 42.93 10.28
CA TYR D 145 45.49 41.66 9.62
C TYR D 145 46.43 40.50 9.89
N PRO D 146 47.76 40.62 9.82
CA PRO D 146 48.54 39.43 10.02
C PRO D 146 48.25 39.15 11.50
N ARG D 147 47.81 37.95 11.84
CA ARG D 147 47.38 37.73 13.25
C ARG D 147 48.55 37.82 14.21
N GLU D 148 49.71 37.36 13.78
CA GLU D 148 50.84 37.28 14.73
C GLU D 148 51.23 38.68 15.18
N ALA D 149 51.52 38.82 16.46
CA ALA D 149 51.91 40.12 17.02
C ALA D 149 52.68 39.86 18.31
N LYS D 150 53.68 40.69 18.62
CA LYS D 150 54.36 40.49 19.89
C LYS D 150 54.13 41.77 20.69
N VAL D 151 53.64 41.63 21.91
CA VAL D 151 53.46 42.81 22.78
C VAL D 151 54.42 42.61 23.95
N GLN D 152 55.26 43.60 24.22
CA GLN D 152 56.18 43.49 25.36
C GLN D 152 55.89 44.64 26.31
N TRP D 153 55.59 44.31 27.56
CA TRP D 153 55.32 45.33 28.60
C TRP D 153 56.64 45.52 29.34
N LYS D 154 57.16 46.74 29.36
CA LYS D 154 58.39 47.02 30.14
C LYS D 154 58.09 48.10 31.18
N VAL D 155 58.47 47.84 32.43
CA VAL D 155 58.26 48.84 33.51
C VAL D 155 59.63 49.29 34.01
N ASP D 156 59.86 50.60 34.05
CA ASP D 156 61.18 51.12 34.47
C ASP D 156 62.23 50.48 33.55
N ASN D 157 61.91 50.39 32.27
CA ASN D 157 62.86 49.81 31.29
C ASN D 157 63.12 48.36 31.69
N ALA D 158 62.14 47.72 32.31
CA ALA D 158 62.27 46.29 32.69
C ALA D 158 61.16 45.47 32.05
N LEU D 159 61.48 44.34 31.42
CA LEU D 159 60.45 43.58 30.67
C LEU D 159 60.04 42.39 31.52
N GLN D 160 58.73 42.19 31.74
CA GLN D 160 58.34 41.10 32.67
C GLN D 160 57.59 39.99 31.92
N SER D 161 58.07 38.74 32.00
CA SER D 161 57.47 37.59 31.26
C SER D 161 56.06 37.12 31.65
N GLY D 162 55.72 37.03 32.94
CA GLY D 162 54.42 36.39 33.27
C GLY D 162 53.23 37.26 33.62
N ASN D 163 53.43 38.52 33.97
CA ASN D 163 52.29 39.35 34.44
C ASN D 163 51.26 39.50 33.32
N SER D 164 51.73 39.66 32.08
CA SER D 164 50.83 39.97 30.94
C SER D 164 49.71 38.98 30.70
N GLN D 165 48.55 39.47 30.25
CA GLN D 165 47.43 38.60 29.82
C GLN D 165 46.91 39.18 28.51
N GLU D 166 46.51 38.35 27.54
CA GLU D 166 46.12 38.89 26.21
C GLU D 166 44.92 38.16 25.62
N SER D 167 43.95 38.91 25.07
CA SER D 167 42.80 38.31 24.37
C SER D 167 42.69 38.91 22.96
N VAL D 168 42.47 38.10 21.94
CA VAL D 168 42.35 38.59 20.54
C VAL D 168 40.92 38.43 20.02
N THR D 169 40.42 39.41 19.28
CA THR D 169 39.08 39.39 18.66
C THR D 169 39.06 38.51 17.41
N GLU D 170 37.90 37.98 17.06
CA GLU D 170 37.74 37.20 15.81
C GLU D 170 37.81 38.19 14.64
N GLN D 171 38.14 37.71 13.46
CA GLN D 171 38.37 38.66 12.36
C GLN D 171 37.10 39.46 12.15
N ASP D 172 37.24 40.78 11.99
CA ASP D 172 36.06 41.62 11.69
C ASP D 172 35.56 41.14 10.35
N SER D 173 34.25 41.05 10.20
CA SER D 173 33.72 40.64 8.89
C SER D 173 34.09 41.68 7.86
N LYS D 174 33.95 42.96 8.18
CA LYS D 174 34.19 43.98 7.12
C LYS D 174 35.64 44.05 6.62
N ASP D 175 36.64 44.05 7.51
CA ASP D 175 38.03 44.30 7.06
C ASP D 175 38.94 43.08 7.20
N SER D 176 38.41 42.00 7.74
CA SER D 176 39.23 40.78 7.93
C SER D 176 40.44 41.14 8.79
N THR D 177 40.25 42.02 9.77
CA THR D 177 41.37 42.49 10.60
C THR D 177 41.17 42.15 12.07
N TYR D 178 42.17 41.53 12.69
CA TYR D 178 42.12 41.20 14.13
C TYR D 178 42.45 42.41 15.01
N SER D 179 42.00 42.40 16.26
CA SER D 179 42.40 43.43 17.23
C SER D 179 42.81 42.71 18.53
N LEU D 180 43.81 43.20 19.27
CA LEU D 180 44.34 42.47 20.46
C LEU D 180 44.40 43.38 21.69
N SER D 181 44.08 42.84 22.85
CA SER D 181 44.22 43.62 24.11
C SER D 181 45.13 42.85 25.06
N SER D 182 46.13 43.52 25.61
CA SER D 182 47.02 42.90 26.63
C SER D 182 46.85 43.72 27.90
N THR D 183 46.60 43.07 29.02
CA THR D 183 46.49 43.79 30.30
C THR D 183 47.61 43.30 31.20
N LEU D 184 48.34 44.22 31.82
CA LEU D 184 49.42 43.83 32.76
C LEU D 184 48.94 44.18 34.16
N THR D 185 49.03 43.23 35.09
CA THR D 185 48.48 43.51 36.44
C THR D 185 49.62 43.57 37.45
N LEU D 186 49.66 44.66 38.22
CA LEU D 186 50.72 44.88 39.21
C LEU D 186 50.05 45.34 40.50
N SER D 187 50.68 45.09 41.64
CA SER D 187 50.09 45.57 42.93
C SER D 187 50.20 47.09 42.96
N LYS D 188 49.30 47.75 43.69
CA LYS D 188 49.31 49.23 43.66
C LYS D 188 50.67 49.66 44.21
N ALA D 189 51.16 48.96 45.24
CA ALA D 189 52.46 49.29 45.85
C ALA D 189 53.58 49.12 44.83
N ASP D 190 53.51 48.08 44.03
CA ASP D 190 54.53 47.97 42.95
C ASP D 190 54.30 49.15 42.00
N TYR D 191 53.02 49.47 41.74
CA TYR D 191 52.68 50.52 40.76
C TYR D 191 53.15 51.86 41.29
N GLU D 192 53.02 52.06 42.59
CA GLU D 192 53.55 53.30 43.19
C GLU D 192 55.05 53.30 42.98
N LYS D 193 55.68 52.13 43.13
CA LYS D 193 57.17 52.05 43.06
C LYS D 193 57.75 52.46 41.70
N HIS D 194 57.17 52.07 40.58
CA HIS D 194 57.84 52.39 39.30
C HIS D 194 57.01 53.40 38.50
N LYS D 195 57.65 54.45 37.97
CA LYS D 195 56.95 55.47 37.16
C LYS D 195 56.98 55.17 35.64
N LEU D 196 57.66 54.12 35.18
CA LEU D 196 57.71 53.92 33.71
C LEU D 196 56.79 52.77 33.29
N TYR D 197 55.98 52.99 32.25
CA TYR D 197 55.07 51.94 31.74
C TYR D 197 54.99 52.07 30.22
N ALA D 198 55.30 51.00 29.48
CA ALA D 198 55.35 51.15 28.02
C ALA D 198 54.87 49.88 27.33
N CYS D 199 54.28 50.01 26.15
CA CYS D 199 53.89 48.82 25.38
C CYS D 199 54.72 48.83 24.11
N GLU D 200 55.42 47.74 23.82
CA GLU D 200 56.24 47.65 22.59
C GLU D 200 55.63 46.58 21.71
N VAL D 201 55.18 46.96 20.54
CA VAL D 201 54.47 46.04 19.65
C VAL D 201 55.39 45.71 18.50
N THR D 202 55.25 44.50 18.00
CA THR D 202 56.04 44.02 16.87
C THR D 202 55.10 43.29 15.94
N HIS D 203 55.02 43.78 14.71
CA HIS D 203 54.08 43.26 13.72
C HIS D 203 54.76 43.31 12.36
N GLN D 204 54.34 42.40 11.47
CA GLN D 204 54.91 42.37 10.13
C GLN D 204 54.79 43.73 9.46
N GLY D 205 53.60 44.34 9.56
CA GLY D 205 53.29 45.62 8.97
C GLY D 205 54.03 46.81 9.55
N LEU D 206 54.71 46.64 10.66
CA LEU D 206 55.33 47.77 11.35
C LEU D 206 56.84 47.57 11.45
N SER D 207 57.49 48.53 12.14
CA SER D 207 58.92 48.47 12.44
C SER D 207 59.14 48.84 13.90
N SER D 208 58.68 47.96 14.80
CA SER D 208 58.86 48.07 16.25
C SER D 208 58.41 49.37 16.92
N PRO D 209 57.17 49.83 16.66
CA PRO D 209 56.67 51.00 17.39
C PRO D 209 56.38 50.70 18.86
N VAL D 210 56.65 51.68 19.73
CA VAL D 210 56.40 51.59 21.17
C VAL D 210 55.69 52.86 21.62
N THR D 211 54.79 52.74 22.58
CA THR D 211 54.02 53.88 23.06
C THR D 211 54.11 54.03 24.58
N LYS D 212 54.16 55.28 25.06
CA LYS D 212 54.24 55.67 26.51
C LYS D 212 54.96 54.64 27.32
N GLN E 1 -25.49 -19.71 -27.90
CA GLN E 1 -24.27 -18.92 -27.85
C GLN E 1 -23.08 -19.69 -27.25
N VAL E 2 -22.87 -19.64 -25.94
CA VAL E 2 -21.69 -20.24 -25.32
C VAL E 2 -21.81 -21.76 -25.32
N GLN E 3 -20.72 -22.43 -25.70
CA GLN E 3 -20.68 -23.88 -25.78
C GLN E 3 -19.25 -24.37 -25.65
N LEU E 4 -19.11 -25.58 -25.09
CA LEU E 4 -17.83 -26.28 -25.01
C LEU E 4 -18.05 -27.71 -25.48
N LYS E 5 -17.30 -28.16 -26.48
CA LYS E 5 -17.42 -29.52 -26.98
C LYS E 5 -16.08 -30.23 -26.87
N GLU E 6 -16.09 -31.45 -26.33
CA GLU E 6 -14.88 -32.25 -26.24
C GLU E 6 -14.93 -33.39 -27.24
N SER E 7 -13.82 -33.59 -27.96
CA SER E 7 -13.61 -34.78 -28.76
C SER E 7 -12.57 -35.63 -28.04
N GLY E 8 -12.94 -36.87 -27.75
CA GLY E 8 -12.11 -37.80 -27.02
C GLY E 8 -12.09 -39.14 -27.71
N PRO E 9 -11.05 -39.93 -27.45
CA PRO E 9 -10.91 -41.20 -28.16
C PRO E 9 -11.97 -42.22 -27.76
N GLY E 10 -12.52 -42.12 -26.56
CA GLY E 10 -13.50 -43.06 -26.06
C GLY E 10 -12.86 -44.26 -25.40
N LEU E 11 -11.79 -44.77 -26.01
CA LEU E 11 -11.11 -45.97 -25.55
C LEU E 11 -9.61 -45.73 -25.55
N VAL E 12 -8.94 -46.09 -24.46
CA VAL E 12 -7.50 -45.88 -24.35
C VAL E 12 -6.87 -47.13 -23.74
N ALA E 13 -5.83 -47.65 -24.39
CA ALA E 13 -5.16 -48.83 -23.89
C ALA E 13 -4.38 -48.52 -22.62
N PRO E 14 -4.23 -49.51 -21.73
CA PRO E 14 -3.51 -49.27 -20.48
C PRO E 14 -2.07 -48.82 -20.71
N SER E 15 -1.59 -47.97 -19.80
CA SER E 15 -0.26 -47.39 -19.87
C SER E 15 -0.02 -46.64 -21.18
N GLN E 16 -1.05 -45.95 -21.66
CA GLN E 16 -0.96 -45.23 -22.92
C GLN E 16 -1.62 -43.87 -22.78
N SER E 17 -1.29 -42.97 -23.70
CA SER E 17 -1.66 -41.57 -23.55
C SER E 17 -3.10 -41.29 -23.99
N LEU E 18 -3.70 -40.32 -23.30
CA LEU E 18 -5.03 -39.79 -23.58
C LEU E 18 -4.87 -38.38 -24.14
N SER E 19 -5.58 -38.09 -25.24
CA SER E 19 -5.60 -36.76 -25.82
C SER E 19 -7.05 -36.34 -26.04
N ILE E 20 -7.44 -35.22 -25.45
CA ILE E 20 -8.79 -34.68 -25.59
C ILE E 20 -8.70 -33.25 -26.09
N THR E 21 -9.52 -32.90 -27.07
CA THR E 21 -9.56 -31.52 -27.57
C THR E 21 -10.92 -30.90 -27.31
N CYS E 22 -10.90 -29.74 -26.66
CA CYS E 22 -12.07 -28.94 -26.36
C CYS E 22 -12.15 -27.80 -27.34
N THR E 23 -13.27 -27.70 -28.06
CA THR E 23 -13.52 -26.61 -28.97
C THR E 23 -14.59 -25.72 -28.35
N VAL E 24 -14.24 -24.47 -28.15
CA VAL E 24 -15.06 -23.48 -27.48
C VAL E 24 -15.73 -22.59 -28.51
N SER E 25 -17.00 -22.27 -28.28
CA SER E 25 -17.71 -21.32 -29.12
C SER E 25 -18.47 -20.34 -28.23
N GLY E 26 -18.59 -19.10 -28.71
CA GLY E 26 -19.29 -18.06 -27.99
C GLY E 26 -18.42 -17.12 -27.19
N PHE E 27 -17.13 -17.42 -27.03
CA PHE E 27 -16.24 -16.51 -26.33
C PHE E 27 -14.81 -16.82 -26.73
N SER E 28 -13.91 -15.94 -26.32
CA SER E 28 -12.49 -16.05 -26.62
C SER E 28 -11.77 -16.70 -25.45
N LEU E 29 -10.83 -17.59 -25.76
CA LEU E 29 -9.99 -18.16 -24.71
C LEU E 29 -9.11 -17.10 -24.05
N THR E 30 -8.86 -15.99 -24.74
CA THR E 30 -8.03 -14.92 -24.19
C THR E 30 -8.72 -14.19 -23.04
N SER E 31 -10.05 -14.29 -22.92
CA SER E 31 -10.79 -13.57 -21.89
C SER E 31 -11.35 -14.46 -20.77
N TYR E 32 -11.19 -15.78 -20.85
CA TYR E 32 -11.63 -16.68 -19.79
C TYR E 32 -10.58 -17.77 -19.54
N ASP E 33 -10.37 -18.11 -18.27
CA ASP E 33 -9.55 -19.25 -17.91
C ASP E 33 -10.35 -20.55 -18.09
N ILE E 34 -9.65 -21.64 -18.37
CA ILE E 34 -10.31 -22.90 -18.66
C ILE E 34 -9.75 -24.01 -17.76
N SER E 35 -10.65 -24.75 -17.11
CA SER E 35 -10.25 -25.88 -16.28
C SER E 35 -10.71 -27.20 -16.88
N TRP E 36 -9.97 -28.24 -16.52
CA TRP E 36 -10.31 -29.62 -16.85
C TRP E 36 -10.65 -30.34 -15.55
N ILE E 37 -11.83 -30.96 -15.54
CA ILE E 37 -12.38 -31.66 -14.37
C ILE E 37 -12.87 -33.03 -14.82
N ARG E 38 -12.71 -34.04 -13.98
CA ARG E 38 -13.17 -35.39 -14.33
C ARG E 38 -13.99 -35.98 -13.20
N GLN E 39 -14.94 -36.85 -13.56
CA GLN E 39 -15.67 -37.63 -12.57
C GLN E 39 -15.58 -39.10 -12.96
N PRO E 40 -15.05 -39.95 -12.09
CA PRO E 40 -14.97 -41.39 -12.37
C PRO E 40 -16.33 -42.06 -12.18
N PRO E 41 -16.40 -43.43 -12.15
CA PRO E 41 -17.72 -44.09 -12.08
C PRO E 41 -18.66 -43.65 -10.96
N GLY E 42 -18.23 -43.76 -9.71
CA GLY E 42 -19.12 -43.36 -8.62
C GLY E 42 -18.51 -42.28 -7.75
N LYS E 43 -17.23 -42.01 -8.00
CA LYS E 43 -16.45 -41.08 -7.21
C LYS E 43 -16.80 -39.63 -7.54
N GLY E 44 -16.57 -38.75 -6.58
CA GLY E 44 -16.83 -37.34 -6.75
C GLY E 44 -15.96 -36.71 -7.83
N LEU E 45 -16.42 -35.55 -8.31
CA LEU E 45 -15.65 -34.77 -9.27
C LEU E 45 -14.27 -34.47 -8.71
N GLU E 46 -13.27 -34.50 -9.59
CA GLU E 46 -11.89 -34.29 -9.21
C GLU E 46 -11.28 -33.25 -10.17
N TRP E 47 -10.57 -32.26 -9.63
CA TRP E 47 -10.11 -31.13 -10.42
C TRP E 47 -8.71 -31.41 -10.98
N LEU E 48 -8.60 -31.42 -12.31
CA LEU E 48 -7.36 -31.78 -12.99
C LEU E 48 -6.45 -30.58 -13.20
N GLY E 49 -6.97 -29.49 -13.74
CA GLY E 49 -6.05 -28.37 -13.95
C GLY E 49 -6.73 -27.16 -14.55
N VAL E 50 -5.93 -26.11 -14.72
CA VAL E 50 -6.41 -24.84 -15.27
C VAL E 50 -5.34 -24.20 -16.13
N ILE E 51 -5.78 -23.55 -17.20
CA ILE E 51 -4.95 -22.74 -18.10
C ILE E 51 -5.51 -21.34 -18.13
N TRP E 52 -4.67 -20.36 -17.80
CA TRP E 52 -5.03 -18.97 -17.83
C TRP E 52 -4.98 -18.42 -19.25
N THR E 53 -5.47 -17.19 -19.39
CA THR E 53 -5.41 -16.51 -20.67
C THR E 53 -3.96 -16.25 -21.10
N GLY E 54 -3.12 -15.83 -20.16
CA GLY E 54 -1.74 -15.54 -20.48
C GLY E 54 -0.94 -16.76 -20.89
N GLY E 55 -1.40 -17.94 -20.51
CA GLY E 55 -0.68 -19.18 -20.74
C GLY E 55 -0.24 -19.84 -19.46
N VAL E 56 -0.39 -19.16 -18.32
CA VAL E 56 -0.13 -19.76 -17.03
C VAL E 56 -1.02 -20.97 -16.83
N THR E 57 -0.40 -22.10 -16.47
CA THR E 57 -1.10 -23.35 -16.23
C THR E 57 -0.76 -23.84 -14.83
N ASN E 58 -1.80 -24.15 -14.06
CA ASN E 58 -1.61 -24.79 -12.76
C ASN E 58 -2.31 -26.14 -12.76
N TYR E 59 -1.66 -27.13 -12.18
CA TYR E 59 -2.17 -28.49 -12.15
C TYR E 59 -2.43 -28.96 -10.73
N ASN E 60 -3.37 -29.90 -10.62
CA ASN E 60 -3.45 -30.72 -9.42
C ASN E 60 -2.15 -31.49 -9.27
N SER E 61 -1.51 -31.32 -8.11
CA SER E 61 -0.19 -31.90 -7.91
C SER E 61 -0.20 -33.41 -8.08
N ALA E 62 -1.34 -34.05 -7.83
CA ALA E 62 -1.44 -35.50 -7.95
C ALA E 62 -1.12 -35.97 -9.36
N PHE E 63 -1.59 -35.25 -10.37
CA PHE E 63 -1.41 -35.62 -11.77
C PHE E 63 -0.20 -34.98 -12.43
N LEU E 64 0.66 -34.30 -11.66
CA LEU E 64 1.64 -33.43 -12.29
C LEU E 64 2.62 -34.23 -13.15
N SER E 65 2.95 -35.46 -12.71
CA SER E 65 3.94 -36.27 -13.40
C SER E 65 3.56 -36.57 -14.85
N ARG E 66 2.26 -36.75 -15.14
CA ARG E 66 1.79 -37.21 -16.45
C ARG E 66 0.70 -36.34 -17.08
N LEU E 67 0.37 -35.17 -16.54
CA LEU E 67 -0.71 -34.36 -17.10
C LEU E 67 -0.19 -33.02 -17.62
N SER E 68 -0.67 -32.62 -18.79
CA SER E 68 -0.31 -31.32 -19.35
C SER E 68 -1.47 -30.75 -20.16
N ILE E 69 -1.70 -29.45 -20.01
CA ILE E 69 -2.80 -28.74 -20.66
C ILE E 69 -2.24 -27.58 -21.46
N SER E 70 -2.69 -27.45 -22.71
CA SER E 70 -2.26 -26.37 -23.58
C SER E 70 -3.48 -25.80 -24.29
N LYS E 71 -3.29 -24.73 -25.06
CA LYS E 71 -4.43 -24.16 -25.79
C LYS E 71 -3.98 -23.48 -27.07
N ASP E 72 -4.97 -23.21 -27.93
CA ASP E 72 -4.78 -22.51 -29.20
C ASP E 72 -5.87 -21.43 -29.26
N ASN E 73 -5.50 -20.19 -28.90
CA ASN E 73 -6.46 -19.09 -28.90
C ASN E 73 -7.03 -18.82 -30.29
N SER E 74 -6.20 -18.96 -31.32
CA SER E 74 -6.66 -18.64 -32.66
C SER E 74 -7.72 -19.63 -33.13
N LYS E 75 -7.53 -20.91 -32.85
CA LYS E 75 -8.49 -21.94 -33.19
C LYS E 75 -9.53 -22.19 -32.10
N SER E 76 -9.53 -21.39 -31.03
CA SER E 76 -10.51 -21.52 -29.95
C SER E 76 -10.53 -22.93 -29.37
N GLN E 77 -9.35 -23.51 -29.15
CA GLN E 77 -9.26 -24.89 -28.69
C GLN E 77 -8.39 -24.99 -27.44
N VAL E 78 -8.67 -26.00 -26.64
CA VAL E 78 -7.94 -26.29 -25.42
C VAL E 78 -7.65 -27.79 -25.41
N PHE E 79 -6.44 -28.16 -25.03
CA PHE E 79 -5.98 -29.53 -25.18
C PHE E 79 -5.59 -30.10 -23.83
N LEU E 80 -5.99 -31.35 -23.59
CA LEU E 80 -5.57 -32.12 -22.44
C LEU E 80 -4.79 -33.33 -22.93
N LYS E 81 -3.62 -33.56 -22.34
CA LYS E 81 -2.83 -34.75 -22.58
C LYS E 81 -2.50 -35.40 -21.25
N MET E 82 -2.70 -36.71 -21.17
CA MET E 82 -2.38 -37.48 -19.98
C MET E 82 -1.58 -38.70 -20.39
N ASN E 83 -0.58 -39.05 -19.58
CA ASN E 83 0.34 -40.13 -19.93
C ASN E 83 0.11 -41.31 -18.98
N SER E 84 0.63 -42.47 -19.38
CA SER E 84 0.63 -43.67 -18.54
C SER E 84 -0.76 -43.88 -17.95
N LEU E 85 -1.76 -43.86 -18.81
CA LEU E 85 -3.13 -43.87 -18.34
C LEU E 85 -3.45 -45.26 -17.81
N GLN E 86 -4.18 -45.34 -16.71
CA GLN E 86 -4.35 -46.66 -16.11
C GLN E 86 -5.83 -46.96 -15.91
N THR E 87 -6.15 -48.08 -15.24
CA THR E 87 -7.54 -48.45 -15.03
C THR E 87 -8.27 -47.39 -14.21
N ASP E 88 -7.57 -46.79 -13.25
CA ASP E 88 -8.17 -45.84 -12.33
C ASP E 88 -8.80 -44.68 -13.09
N ASP E 89 -8.18 -44.30 -14.19
CA ASP E 89 -8.45 -43.05 -14.90
C ASP E 89 -9.69 -43.05 -15.78
N THR E 90 -10.36 -44.18 -15.98
CA THR E 90 -11.56 -44.18 -16.81
C THR E 90 -12.59 -43.26 -16.14
N ALA E 91 -13.18 -42.35 -16.90
CA ALA E 91 -14.07 -41.38 -16.28
C ALA E 91 -14.75 -40.54 -17.36
N ILE E 92 -15.55 -39.57 -16.91
CA ILE E 92 -16.08 -38.53 -17.77
C ILE E 92 -15.20 -37.30 -17.58
N TYR E 93 -14.70 -36.76 -18.67
CA TYR E 93 -13.84 -35.59 -18.65
C TYR E 93 -14.59 -34.38 -19.18
N TYR E 94 -14.59 -33.31 -18.39
CA TYR E 94 -15.31 -32.08 -18.64
C TYR E 94 -14.33 -30.94 -18.89
N CYS E 95 -14.58 -30.22 -19.97
CA CYS E 95 -13.99 -28.92 -20.25
C CYS E 95 -14.90 -27.85 -19.65
N VAL E 96 -14.31 -26.91 -18.92
CA VAL E 96 -15.12 -26.03 -18.09
C VAL E 96 -14.60 -24.59 -18.15
N ARG E 97 -15.51 -23.65 -18.37
CA ARG E 97 -15.17 -22.23 -18.40
C ARG E 97 -15.22 -21.66 -16.99
N GLU E 98 -14.13 -21.04 -16.58
CA GLU E 98 -13.99 -20.51 -15.24
C GLU E 98 -14.47 -19.07 -15.21
N GLY E 99 -15.00 -18.65 -14.07
CA GLY E 99 -15.30 -17.25 -13.86
C GLY E 99 -14.44 -16.74 -12.71
N ASP E 100 -15.05 -16.20 -11.67
CA ASP E 100 -14.27 -15.75 -10.50
C ASP E 100 -14.05 -16.95 -9.58
N TRP E 101 -13.21 -17.86 -10.05
CA TRP E 101 -12.82 -19.06 -9.29
C TRP E 101 -14.05 -19.93 -9.04
N PHE E 102 -14.90 -20.00 -10.05
CA PHE E 102 -16.05 -20.88 -10.05
C PHE E 102 -16.30 -21.28 -11.51
N PHE E 103 -17.11 -22.32 -11.69
CA PHE E 103 -17.35 -22.89 -13.01
C PHE E 103 -18.78 -22.56 -13.45
N ASP E 104 -18.91 -21.57 -14.33
CA ASP E 104 -20.24 -21.13 -14.74
C ASP E 104 -20.79 -21.99 -15.88
N VAL E 105 -19.94 -22.42 -16.81
CA VAL E 105 -20.38 -23.17 -17.98
C VAL E 105 -19.57 -24.45 -18.10
N TRP E 106 -20.27 -25.57 -18.25
CA TRP E 106 -19.66 -26.89 -18.36
C TRP E 106 -19.85 -27.44 -19.76
N GLY E 107 -18.83 -28.16 -20.24
CA GLY E 107 -18.98 -28.89 -21.48
C GLY E 107 -19.86 -30.10 -21.30
N ALA E 108 -20.31 -30.65 -22.43
CA ALA E 108 -21.19 -31.81 -22.37
C ALA E 108 -20.54 -32.98 -21.66
N GLY E 109 -19.23 -33.11 -21.79
CA GLY E 109 -18.50 -34.21 -21.21
C GLY E 109 -18.15 -35.24 -22.27
N THR E 110 -17.00 -35.87 -22.08
CA THR E 110 -16.59 -36.99 -22.92
C THR E 110 -16.33 -38.19 -22.01
N THR E 111 -16.77 -39.36 -22.42
CA THR E 111 -16.62 -40.53 -21.58
C THR E 111 -15.46 -41.36 -22.12
N VAL E 112 -14.46 -41.58 -21.28
CA VAL E 112 -13.21 -42.21 -21.65
C VAL E 112 -13.11 -43.50 -20.87
N THR E 113 -12.98 -44.60 -21.60
CA THR E 113 -12.86 -45.93 -21.01
C THR E 113 -11.45 -46.41 -21.30
N VAL E 114 -10.80 -46.95 -20.28
CA VAL E 114 -9.43 -47.45 -20.41
C VAL E 114 -9.54 -48.96 -20.33
N SER E 115 -9.39 -49.62 -21.47
CA SER E 115 -9.48 -51.06 -21.55
C SER E 115 -8.68 -51.53 -22.75
N SER E 116 -8.13 -52.73 -22.63
CA SER E 116 -7.38 -53.30 -23.75
C SER E 116 -8.29 -53.78 -24.87
N ALA E 117 -9.49 -54.27 -24.54
CA ALA E 117 -10.38 -54.84 -25.55
C ALA E 117 -10.81 -53.78 -26.54
N SER E 118 -11.06 -54.22 -27.78
CA SER E 118 -11.44 -53.29 -28.84
C SER E 118 -12.94 -52.99 -28.80
N THR E 119 -13.30 -51.91 -29.50
CA THR E 119 -14.68 -51.43 -29.53
C THR E 119 -15.56 -52.43 -30.27
N LYS E 120 -16.86 -52.34 -30.02
CA LYS E 120 -17.83 -53.20 -30.69
C LYS E 120 -19.11 -52.44 -30.95
N GLY E 121 -19.68 -52.65 -32.13
CA GLY E 121 -20.88 -51.98 -32.53
C GLY E 121 -22.12 -52.59 -31.89
N PRO E 122 -23.11 -51.76 -31.58
CA PRO E 122 -24.33 -52.28 -30.99
C PRO E 122 -25.27 -52.86 -32.03
N SER E 123 -26.01 -53.88 -31.62
CA SER E 123 -27.11 -54.40 -32.41
C SER E 123 -28.42 -53.88 -31.82
N VAL E 124 -29.28 -53.33 -32.67
CA VAL E 124 -30.53 -52.73 -32.22
C VAL E 124 -31.67 -53.63 -32.67
N PHE E 125 -32.44 -54.11 -31.70
CA PHE E 125 -33.57 -54.98 -31.97
C PHE E 125 -34.83 -54.31 -31.46
N PRO E 126 -35.91 -54.30 -32.23
CA PRO E 126 -37.14 -53.67 -31.77
C PRO E 126 -37.81 -54.51 -30.69
N LEU E 127 -38.53 -53.80 -29.82
CA LEU E 127 -39.36 -54.37 -28.78
C LEU E 127 -40.77 -53.93 -29.15
N ALA E 128 -41.57 -54.86 -29.65
CA ALA E 128 -42.77 -54.53 -30.40
C ALA E 128 -43.92 -54.24 -29.43
N PRO E 129 -44.75 -53.25 -29.73
CA PRO E 129 -45.88 -52.97 -28.85
C PRO E 129 -46.76 -54.19 -28.80
N SER E 130 -47.27 -54.47 -27.60
CA SER E 130 -48.00 -55.71 -27.41
C SER E 130 -49.30 -55.66 -28.19
N SER E 131 -49.54 -56.72 -28.96
CA SER E 131 -50.78 -56.82 -29.72
C SER E 131 -51.98 -56.77 -28.79
N LYS E 132 -51.83 -57.34 -27.59
CA LYS E 132 -52.89 -57.33 -26.59
C LYS E 132 -53.33 -55.91 -26.23
N SER E 133 -52.38 -54.99 -26.03
CA SER E 133 -52.71 -53.66 -25.51
C SER E 133 -53.53 -52.83 -26.49
N THR E 134 -54.72 -52.42 -26.05
CA THR E 134 -55.67 -51.69 -26.90
C THR E 134 -56.46 -50.73 -26.01
N SER E 135 -57.65 -50.33 -26.51
CA SER E 135 -58.67 -49.55 -25.80
C SER E 135 -58.38 -48.06 -25.67
N GLY E 136 -57.48 -47.50 -26.46
CA GLY E 136 -57.22 -46.08 -26.34
C GLY E 136 -56.37 -45.69 -25.14
N GLY E 137 -55.83 -46.66 -24.41
CA GLY E 137 -54.98 -46.38 -23.28
C GLY E 137 -53.53 -46.31 -23.72
N THR E 138 -52.64 -46.57 -22.77
CA THR E 138 -51.22 -46.40 -23.00
C THR E 138 -50.61 -47.72 -23.44
N ALA E 139 -49.96 -47.72 -24.59
CA ALA E 139 -49.22 -48.89 -25.05
C ALA E 139 -47.74 -48.59 -24.95
N ALA E 140 -46.94 -49.65 -24.93
CA ALA E 140 -45.51 -49.54 -24.68
C ALA E 140 -44.73 -50.18 -25.80
N LEU E 141 -43.62 -49.54 -26.19
CA LEU E 141 -42.75 -50.07 -27.22
C LEU E 141 -41.33 -49.56 -27.00
N GLY E 142 -40.35 -50.25 -27.57
CA GLY E 142 -38.99 -49.85 -27.26
C GLY E 142 -37.95 -50.37 -28.23
N CYS E 143 -36.71 -50.00 -27.95
CA CYS E 143 -35.53 -50.63 -28.50
C CYS E 143 -34.72 -51.34 -27.43
N LEU E 144 -33.99 -52.36 -27.87
CA LEU E 144 -33.01 -53.01 -26.97
C LEU E 144 -31.68 -52.90 -27.70
N VAL E 145 -30.73 -52.14 -27.18
CA VAL E 145 -29.42 -51.94 -27.86
C VAL E 145 -28.48 -52.91 -27.17
N LYS E 146 -27.78 -53.75 -27.92
CA LYS E 146 -27.02 -54.82 -27.25
C LYS E 146 -25.58 -54.98 -27.74
N ASP E 147 -24.73 -55.55 -26.91
CA ASP E 147 -23.33 -55.88 -27.28
C ASP E 147 -22.43 -54.71 -27.72
N TYR E 148 -22.48 -53.56 -27.04
CA TYR E 148 -21.50 -52.48 -27.39
C TYR E 148 -20.46 -52.30 -26.27
N PHE E 149 -19.19 -52.55 -26.56
CA PHE E 149 -18.10 -52.35 -25.55
C PHE E 149 -17.79 -50.93 -25.09
N PRO E 150 -17.68 -49.92 -25.96
CA PRO E 150 -17.34 -48.60 -25.44
C PRO E 150 -18.59 -48.17 -24.69
N GLU E 151 -18.44 -47.63 -23.49
CA GLU E 151 -19.64 -47.37 -22.66
C GLU E 151 -20.61 -46.32 -23.20
N PRO E 152 -20.19 -45.18 -23.77
CA PRO E 152 -21.19 -44.17 -24.14
C PRO E 152 -22.17 -44.61 -25.24
N VAL E 153 -23.47 -44.37 -25.09
CA VAL E 153 -24.46 -44.66 -26.18
C VAL E 153 -25.55 -43.59 -26.13
N THR E 154 -26.24 -43.35 -27.25
CA THR E 154 -27.26 -42.27 -27.29
C THR E 154 -28.48 -42.74 -28.08
N VAL E 155 -29.68 -42.60 -27.50
CA VAL E 155 -30.90 -42.96 -28.21
C VAL E 155 -31.85 -41.78 -28.20
N SER E 156 -32.43 -41.50 -29.36
CA SER E 156 -33.44 -40.47 -29.54
C SER E 156 -34.57 -41.03 -30.39
N TRP E 157 -35.81 -40.64 -30.10
CA TRP E 157 -36.93 -41.13 -30.90
C TRP E 157 -37.30 -40.10 -31.94
N ASN E 158 -37.25 -40.52 -33.21
CA ASN E 158 -37.56 -39.67 -34.36
C ASN E 158 -36.68 -38.42 -34.35
N SER E 159 -35.38 -38.64 -34.14
CA SER E 159 -34.38 -37.57 -34.08
C SER E 159 -34.79 -36.48 -33.09
N GLY E 160 -35.36 -36.90 -31.96
CA GLY E 160 -35.76 -35.98 -30.91
C GLY E 160 -37.17 -35.45 -30.99
N ALA E 161 -37.99 -35.94 -31.94
CA ALA E 161 -39.37 -35.47 -32.03
C ALA E 161 -40.15 -35.82 -30.77
N LEU E 162 -39.92 -37.01 -30.23
CA LEU E 162 -40.61 -37.49 -29.03
C LEU E 162 -39.67 -37.38 -27.82
N THR E 163 -40.08 -36.58 -26.84
CA THR E 163 -39.36 -36.47 -25.57
C THR E 163 -40.22 -36.84 -24.38
N SER E 164 -41.50 -37.14 -24.60
CA SER E 164 -42.48 -37.30 -23.53
C SER E 164 -42.77 -38.77 -23.30
N GLY E 165 -42.65 -39.20 -22.05
CA GLY E 165 -42.86 -40.60 -21.71
C GLY E 165 -41.75 -41.55 -22.09
N VAL E 166 -40.55 -41.05 -22.35
CA VAL E 166 -39.41 -41.88 -22.73
C VAL E 166 -38.61 -42.21 -21.50
N HIS E 167 -38.19 -43.47 -21.38
CA HIS E 167 -37.26 -43.88 -20.33
C HIS E 167 -36.14 -44.68 -20.98
N THR E 168 -34.91 -44.22 -20.82
CA THR E 168 -33.74 -44.92 -21.33
C THR E 168 -32.93 -45.42 -20.14
N PHE E 169 -32.83 -46.73 -20.00
CA PHE E 169 -32.32 -47.28 -18.77
C PHE E 169 -30.79 -47.28 -18.76
N PRO E 170 -30.21 -47.23 -17.56
CA PRO E 170 -28.75 -47.41 -17.43
C PRO E 170 -28.30 -48.70 -18.09
N ALA E 171 -27.12 -48.65 -18.70
CA ALA E 171 -26.55 -49.84 -19.27
C ALA E 171 -26.16 -50.83 -18.18
N VAL E 172 -26.09 -52.11 -18.55
CA VAL E 172 -25.74 -53.17 -17.63
C VAL E 172 -24.63 -54.01 -18.26
N LEU E 173 -23.58 -54.33 -17.50
CA LEU E 173 -22.54 -55.21 -18.00
C LEU E 173 -22.99 -56.66 -17.99
N GLN E 174 -22.90 -57.28 -19.16
CA GLN E 174 -23.17 -58.68 -19.35
C GLN E 174 -21.94 -59.47 -18.92
N SER E 175 -22.13 -60.79 -18.74
CA SER E 175 -21.00 -61.64 -18.40
C SER E 175 -19.95 -61.63 -19.51
N SER E 176 -20.36 -61.37 -20.75
CA SER E 176 -19.44 -61.35 -21.88
C SER E 176 -18.50 -60.16 -21.87
N GLY E 177 -18.80 -59.11 -21.11
CA GLY E 177 -17.99 -57.91 -21.14
C GLY E 177 -18.54 -56.81 -22.02
N LEU E 178 -19.79 -56.90 -22.44
CA LEU E 178 -20.40 -55.95 -23.37
C LEU E 178 -21.62 -55.35 -22.68
N TYR E 179 -21.90 -54.09 -23.00
CA TYR E 179 -23.06 -53.45 -22.39
C TYR E 179 -24.31 -53.70 -23.21
N SER E 180 -25.44 -53.70 -22.50
CA SER E 180 -26.76 -53.81 -23.11
C SER E 180 -27.68 -52.88 -22.37
N LEU E 181 -28.53 -52.17 -23.10
CA LEU E 181 -29.52 -51.32 -22.43
C LEU E 181 -30.82 -51.31 -23.22
N SER E 182 -31.86 -50.82 -22.56
CA SER E 182 -33.19 -50.75 -23.11
C SER E 182 -33.67 -49.31 -23.08
N SER E 183 -34.34 -48.89 -24.15
CA SER E 183 -35.00 -47.60 -24.20
C SER E 183 -36.45 -47.83 -24.58
N VAL E 184 -37.38 -47.25 -23.82
CA VAL E 184 -38.79 -47.51 -24.03
C VAL E 184 -39.57 -46.21 -24.06
N VAL E 185 -40.76 -46.29 -24.63
CA VAL E 185 -41.68 -45.15 -24.71
C VAL E 185 -43.12 -45.64 -24.63
N THR E 186 -43.96 -44.80 -24.03
CA THR E 186 -45.39 -45.02 -23.92
C THR E 186 -46.11 -44.09 -24.89
N VAL E 187 -47.06 -44.64 -25.62
CA VAL E 187 -47.79 -43.92 -26.67
C VAL E 187 -49.27 -44.19 -26.51
N PRO E 188 -50.12 -43.35 -27.10
CA PRO E 188 -51.55 -43.67 -27.16
C PRO E 188 -51.76 -44.97 -27.91
N SER E 189 -52.54 -45.88 -27.34
CA SER E 189 -52.75 -47.16 -28.00
C SER E 189 -53.59 -47.05 -29.25
N SER E 190 -54.35 -45.96 -29.41
CA SER E 190 -54.99 -45.68 -30.69
C SER E 190 -53.99 -45.27 -31.76
N SER E 191 -52.80 -44.79 -31.37
CA SER E 191 -51.79 -44.38 -32.33
C SER E 191 -51.13 -45.55 -33.05
N LEU E 192 -51.15 -46.75 -32.47
CA LEU E 192 -50.60 -47.92 -33.14
C LEU E 192 -51.24 -48.10 -34.52
N GLY E 193 -50.38 -48.33 -35.53
CA GLY E 193 -50.83 -48.51 -36.89
C GLY E 193 -50.90 -47.22 -37.70
N THR E 194 -51.07 -46.07 -37.03
CA THR E 194 -51.16 -44.78 -37.70
C THR E 194 -49.80 -44.06 -37.74
N GLN E 195 -49.22 -43.83 -36.57
CA GLN E 195 -47.95 -43.13 -36.43
C GLN E 195 -46.78 -44.09 -36.56
N THR E 196 -45.67 -43.57 -37.09
CA THR E 196 -44.44 -44.33 -37.25
C THR E 196 -43.44 -43.85 -36.22
N TYR E 197 -42.79 -44.79 -35.53
CA TYR E 197 -41.84 -44.48 -34.47
C TYR E 197 -40.48 -45.03 -34.82
N ILE E 198 -39.47 -44.17 -34.81
CA ILE E 198 -38.12 -44.52 -35.24
C ILE E 198 -37.19 -44.39 -34.05
N CYS E 199 -36.31 -45.37 -33.92
CA CYS E 199 -35.33 -45.51 -32.85
C CYS E 199 -33.94 -45.14 -33.37
N ASN E 200 -33.47 -43.96 -33.00
CA ASN E 200 -32.18 -43.39 -33.42
C ASN E 200 -31.09 -43.73 -32.42
N VAL E 201 -30.20 -44.66 -32.78
CA VAL E 201 -29.10 -45.09 -31.92
C VAL E 201 -27.80 -44.52 -32.47
N ASN E 202 -27.02 -43.88 -31.60
CA ASN E 202 -25.73 -43.32 -31.94
C ASN E 202 -24.70 -43.89 -30.98
N HIS E 203 -23.64 -44.50 -31.51
CA HIS E 203 -22.52 -45.01 -30.73
C HIS E 203 -21.27 -44.34 -31.28
N LYS E 204 -20.81 -43.31 -30.57
CA LYS E 204 -19.71 -42.49 -31.09
C LYS E 204 -18.39 -43.26 -31.17
N PRO E 205 -17.96 -44.01 -30.15
CA PRO E 205 -16.61 -44.60 -30.22
C PRO E 205 -16.41 -45.59 -31.36
N SER E 206 -17.47 -46.26 -31.81
CA SER E 206 -17.39 -47.10 -33.00
C SER E 206 -17.96 -46.40 -34.22
N ASN E 207 -18.43 -45.16 -34.07
CA ASN E 207 -19.14 -44.41 -35.11
C ASN E 207 -20.16 -45.28 -35.83
N THR E 208 -21.06 -45.84 -35.03
CA THR E 208 -22.19 -46.59 -35.56
C THR E 208 -23.42 -45.71 -35.39
N LYS E 209 -24.08 -45.43 -36.50
CA LYS E 209 -25.36 -44.74 -36.46
C LYS E 209 -26.39 -45.69 -37.02
N VAL E 210 -27.42 -45.97 -36.23
CA VAL E 210 -28.43 -46.96 -36.56
C VAL E 210 -29.78 -46.30 -36.44
N ASP E 211 -30.70 -46.58 -37.34
CA ASP E 211 -32.06 -46.04 -37.15
C ASP E 211 -33.03 -47.20 -37.33
N LYS E 212 -33.90 -47.43 -36.36
CA LYS E 212 -34.78 -48.62 -36.45
C LYS E 212 -36.22 -48.17 -36.19
N LYS E 213 -37.18 -48.87 -36.78
CA LYS E 213 -38.60 -48.52 -36.57
C LYS E 213 -39.29 -49.71 -35.92
N VAL E 214 -40.08 -49.47 -34.89
CA VAL E 214 -40.69 -50.64 -34.19
C VAL E 214 -42.15 -50.70 -34.63
N GLU E 215 -42.56 -51.83 -35.24
CA GLU E 215 -43.96 -51.99 -35.70
C GLU E 215 -44.49 -53.40 -35.40
N PRO E 216 -45.76 -53.56 -34.96
CA PRO E 216 -46.34 -54.88 -34.79
C PRO E 216 -46.66 -55.47 -36.17
N LYS E 217 -46.75 -56.79 -36.29
CA LYS E 217 -47.17 -57.41 -37.59
C LYS E 217 -48.09 -56.45 -38.32
N ASP F 1 -5.70 -30.76 -0.93
CA ASP F 1 -5.37 -31.41 0.33
C ASP F 1 -6.33 -30.97 1.41
N VAL F 2 -7.42 -30.31 0.98
CA VAL F 2 -8.46 -29.83 1.86
C VAL F 2 -9.67 -30.73 1.62
N LEU F 3 -10.05 -31.50 2.62
CA LEU F 3 -11.09 -32.51 2.46
C LEU F 3 -12.47 -31.88 2.66
N MET F 4 -13.37 -32.13 1.72
CA MET F 4 -14.76 -31.70 1.79
C MET F 4 -15.63 -32.92 2.08
N THR F 5 -16.42 -32.84 3.15
CA THR F 5 -17.22 -33.97 3.61
C THR F 5 -18.67 -33.54 3.74
N GLN F 6 -19.56 -34.18 2.98
CA GLN F 6 -20.98 -33.89 3.05
C GLN F 6 -21.66 -34.90 3.97
N THR F 7 -22.53 -34.41 4.85
CA THR F 7 -23.01 -35.26 5.94
C THR F 7 -24.15 -36.20 5.53
N PRO F 8 -25.23 -35.76 4.85
CA PRO F 8 -26.27 -36.74 4.50
C PRO F 8 -25.98 -37.33 3.13
N LEU F 9 -25.70 -38.63 3.04
CA LEU F 9 -25.35 -39.20 1.75
C LEU F 9 -26.56 -39.27 0.84
N SER F 10 -27.74 -39.57 1.40
CA SER F 10 -29.01 -39.36 0.74
C SER F 10 -29.88 -38.53 1.66
N LEU F 11 -30.61 -37.59 1.07
CA LEU F 11 -31.60 -36.83 1.80
C LEU F 11 -32.92 -37.04 1.10
N PRO F 12 -33.87 -37.73 1.72
CA PRO F 12 -35.19 -37.88 1.10
C PRO F 12 -36.13 -36.83 1.66
N VAL F 13 -36.99 -36.24 0.83
CA VAL F 13 -37.78 -35.11 1.27
C VAL F 13 -39.00 -34.97 0.38
N SER F 14 -40.10 -34.50 0.96
CA SER F 14 -41.37 -34.34 0.24
C SER F 14 -41.50 -32.92 -0.29
N LEU F 15 -42.32 -32.75 -1.33
CA LEU F 15 -42.51 -31.43 -1.92
C LEU F 15 -43.11 -30.46 -0.90
N GLY F 16 -42.65 -29.21 -0.94
CA GLY F 16 -43.05 -28.20 0.01
C GLY F 16 -42.25 -28.20 1.30
N ASP F 17 -41.35 -29.16 1.48
CA ASP F 17 -40.53 -29.26 2.68
C ASP F 17 -39.28 -28.39 2.55
N GLN F 18 -38.41 -28.50 3.56
CA GLN F 18 -37.10 -27.87 3.56
C GLN F 18 -36.02 -28.95 3.67
N ALA F 19 -34.99 -28.81 2.85
CA ALA F 19 -33.87 -29.73 2.79
C ALA F 19 -32.63 -28.98 3.24
N SER F 20 -31.82 -29.63 4.07
CA SER F 20 -30.58 -29.03 4.56
C SER F 20 -29.44 -30.01 4.34
N ILE F 21 -28.42 -29.57 3.63
CA ILE F 21 -27.23 -30.36 3.34
C ILE F 21 -26.06 -29.66 4.02
N SER F 22 -25.13 -30.44 4.57
CA SER F 22 -24.00 -29.85 5.26
C SER F 22 -22.70 -30.29 4.61
N CYS F 23 -21.74 -29.38 4.64
CA CYS F 23 -20.41 -29.55 4.09
C CYS F 23 -19.45 -29.13 5.20
N ARG F 24 -18.45 -29.97 5.46
CA ARG F 24 -17.47 -29.71 6.50
C ARG F 24 -16.09 -29.83 5.89
N SER F 25 -15.24 -28.87 6.20
CA SER F 25 -13.92 -28.76 5.60
C SER F 25 -12.86 -29.18 6.61
N SER F 26 -11.88 -29.97 6.13
CA SER F 26 -10.84 -30.47 7.02
C SER F 26 -10.10 -29.34 7.71
N GLN F 27 -9.88 -28.24 6.99
CA GLN F 27 -9.13 -27.11 7.53
C GLN F 27 -9.85 -25.83 7.13
N SER F 28 -9.36 -24.71 7.64
CA SER F 28 -10.00 -23.43 7.38
C SER F 28 -9.98 -23.13 5.89
N ILE F 29 -11.09 -22.59 5.40
CA ILE F 29 -11.31 -22.47 3.97
C ILE F 29 -11.31 -21.00 3.56
N VAL F 30 -10.73 -20.13 4.40
CA VAL F 30 -10.74 -18.66 4.14
C VAL F 30 -9.47 -18.24 3.40
N HIS F 31 -9.65 -17.50 2.32
CA HIS F 31 -8.54 -17.03 1.46
C HIS F 31 -7.87 -15.83 2.09
N SER F 32 -6.69 -15.48 1.59
CA SER F 32 -5.96 -14.27 2.05
C SER F 32 -6.82 -13.04 1.75
N ASN F 33 -7.55 -13.05 0.64
CA ASN F 33 -8.39 -11.90 0.21
C ASN F 33 -9.41 -11.72 1.33
N GLY F 34 -9.70 -12.79 2.05
CA GLY F 34 -10.64 -12.77 3.18
C GLY F 34 -11.99 -13.24 2.74
N ASN F 35 -12.18 -13.36 1.44
CA ASN F 35 -13.43 -13.98 0.96
C ASN F 35 -13.31 -15.47 1.22
N THR F 36 -14.42 -16.17 1.45
CA THR F 36 -14.37 -17.65 1.55
C THR F 36 -14.98 -18.14 0.25
N TYR F 37 -14.24 -18.94 -0.49
CA TYR F 37 -14.70 -19.34 -1.85
C TYR F 37 -15.30 -20.73 -1.80
N LEU F 38 -16.50 -20.82 -1.25
CA LEU F 38 -17.20 -22.09 -1.17
C LEU F 38 -18.39 -22.02 -2.10
N GLU F 39 -18.54 -23.02 -2.96
CA GLU F 39 -19.62 -23.02 -3.93
C GLU F 39 -20.43 -24.30 -3.83
N TRP F 40 -21.67 -24.19 -4.27
CA TRP F 40 -22.62 -25.28 -4.31
C TRP F 40 -23.05 -25.51 -5.76
N TYR F 41 -22.89 -26.74 -6.23
CA TYR F 41 -23.20 -27.19 -7.58
C TYR F 41 -24.29 -28.25 -7.56
N LEU F 42 -25.21 -28.18 -8.52
CA LEU F 42 -26.22 -29.20 -8.72
C LEU F 42 -25.98 -29.93 -10.03
N GLN F 43 -25.89 -31.25 -9.97
CA GLN F 43 -25.85 -32.08 -11.17
C GLN F 43 -27.17 -32.86 -11.24
N LYS F 44 -28.04 -32.43 -12.14
CA LYS F 44 -29.28 -33.12 -12.41
C LYS F 44 -28.99 -34.40 -13.19
N PRO F 45 -29.88 -35.40 -13.13
CA PRO F 45 -29.57 -36.68 -13.77
C PRO F 45 -29.46 -36.55 -15.28
N GLY F 46 -28.46 -37.23 -15.84
CA GLY F 46 -28.16 -37.14 -17.27
C GLY F 46 -27.74 -35.76 -17.72
N GLN F 47 -26.98 -35.05 -16.90
CA GLN F 47 -26.60 -33.67 -17.20
C GLN F 47 -25.27 -33.34 -16.52
N SER F 48 -24.61 -32.31 -17.05
CA SER F 48 -23.42 -31.75 -16.45
C SER F 48 -23.79 -30.90 -15.24
N PRO F 49 -22.91 -30.80 -14.25
CA PRO F 49 -23.23 -29.99 -13.07
C PRO F 49 -23.50 -28.54 -13.44
N GLN F 50 -24.24 -27.85 -12.57
CA GLN F 50 -24.51 -26.43 -12.75
C GLN F 50 -24.30 -25.73 -11.42
N LEU F 51 -23.67 -24.55 -11.47
CA LEU F 51 -23.40 -23.80 -10.26
C LEU F 51 -24.68 -23.21 -9.69
N LEU F 52 -24.80 -23.26 -8.37
CA LEU F 52 -25.94 -22.73 -7.63
C LEU F 52 -25.54 -21.58 -6.73
N ILE F 53 -24.53 -21.78 -5.90
CA ILE F 53 -24.13 -20.80 -4.89
C ILE F 53 -22.64 -20.54 -5.01
N TYR F 54 -22.23 -19.28 -4.97
CA TYR F 54 -20.82 -18.94 -4.89
C TYR F 54 -20.59 -18.02 -3.70
N LYS F 55 -19.35 -18.02 -3.20
CA LYS F 55 -18.97 -17.23 -2.04
C LYS F 55 -19.94 -17.45 -0.88
N VAL F 56 -20.11 -18.73 -0.53
CA VAL F 56 -20.88 -19.18 0.62
C VAL F 56 -22.38 -18.92 0.49
N SER F 57 -22.77 -17.66 0.30
CA SER F 57 -24.18 -17.30 0.35
C SER F 57 -24.74 -16.66 -0.92
N ASN F 58 -23.92 -16.30 -1.88
CA ASN F 58 -24.43 -15.61 -3.05
C ASN F 58 -25.01 -16.59 -4.05
N ARG F 59 -26.16 -16.24 -4.60
CA ARG F 59 -26.87 -17.10 -5.54
C ARG F 59 -26.42 -16.75 -6.95
N PHE F 60 -25.96 -17.76 -7.68
CA PHE F 60 -25.60 -17.57 -9.09
C PHE F 60 -26.84 -17.14 -9.85
N SER F 61 -26.64 -16.34 -10.90
CA SER F 61 -27.77 -15.76 -11.61
C SER F 61 -28.68 -16.85 -12.20
N GLY F 62 -29.98 -16.61 -12.11
CA GLY F 62 -30.96 -17.58 -12.55
C GLY F 62 -31.33 -18.62 -11.52
N VAL F 63 -30.79 -18.54 -10.32
CA VAL F 63 -31.06 -19.51 -9.26
C VAL F 63 -32.12 -18.91 -8.35
N PRO F 64 -33.26 -19.58 -8.13
CA PRO F 64 -34.35 -18.96 -7.40
C PRO F 64 -34.01 -18.73 -5.93
N ASP F 65 -34.71 -17.76 -5.34
CA ASP F 65 -34.38 -17.24 -4.02
C ASP F 65 -34.56 -18.26 -2.91
N ARG F 66 -35.28 -19.36 -3.15
CA ARG F 66 -35.46 -20.37 -2.11
C ARG F 66 -34.17 -21.12 -1.81
N PHE F 67 -33.28 -21.25 -2.79
CA PHE F 67 -31.95 -21.77 -2.53
C PHE F 67 -31.20 -20.79 -1.64
N SER F 68 -30.65 -21.29 -0.53
CA SER F 68 -29.97 -20.44 0.43
C SER F 68 -28.70 -21.13 0.92
N GLY F 69 -27.64 -20.36 1.10
CA GLY F 69 -26.40 -20.89 1.60
C GLY F 69 -25.89 -20.06 2.76
N SER F 70 -25.24 -20.73 3.71
CA SER F 70 -24.62 -20.00 4.81
C SER F 70 -23.58 -20.89 5.46
N GLY F 71 -22.64 -20.25 6.16
CA GLY F 71 -21.58 -21.02 6.79
C GLY F 71 -20.79 -20.15 7.74
N SER F 72 -20.00 -20.84 8.57
CA SER F 72 -19.13 -20.21 9.54
C SER F 72 -17.96 -21.15 9.79
N GLY F 73 -16.77 -20.60 9.82
CA GLY F 73 -15.60 -21.42 10.13
C GLY F 73 -15.45 -22.51 9.09
N THR F 74 -15.60 -23.76 9.54
CA THR F 74 -15.45 -24.93 8.68
C THR F 74 -16.77 -25.64 8.41
N ASP F 75 -17.90 -25.04 8.80
CA ASP F 75 -19.22 -25.65 8.64
C ASP F 75 -20.08 -24.81 7.72
N PHE F 76 -20.59 -25.43 6.67
CA PHE F 76 -21.45 -24.73 5.72
C PHE F 76 -22.66 -25.59 5.42
N THR F 77 -23.79 -24.94 5.28
CA THR F 77 -25.04 -25.62 5.02
C THR F 77 -25.78 -24.92 3.89
N LEU F 78 -26.37 -25.74 3.03
CA LEU F 78 -27.22 -25.30 1.93
C LEU F 78 -28.63 -25.74 2.26
N LYS F 79 -29.58 -24.82 2.13
CA LYS F 79 -30.97 -25.05 2.48
C LYS F 79 -31.84 -24.76 1.28
N ILE F 80 -32.60 -25.75 0.85
CA ILE F 80 -33.62 -25.60 -0.17
C ILE F 80 -34.95 -25.72 0.55
N ASN F 81 -35.62 -24.60 0.81
CA ASN F 81 -36.98 -24.75 1.31
C ASN F 81 -37.95 -24.68 0.14
N ARG F 82 -39.16 -25.18 0.39
CA ARG F 82 -40.19 -25.35 -0.65
C ARG F 82 -39.64 -26.20 -1.80
N VAL F 83 -39.19 -27.41 -1.45
CA VAL F 83 -38.58 -28.31 -2.42
C VAL F 83 -39.55 -28.55 -3.57
N GLU F 84 -39.01 -28.63 -4.77
CA GLU F 84 -39.79 -28.94 -5.96
C GLU F 84 -39.21 -30.17 -6.64
N ALA F 85 -40.00 -30.73 -7.57
CA ALA F 85 -39.56 -31.93 -8.28
C ALA F 85 -38.30 -31.67 -9.09
N GLU F 86 -38.21 -30.49 -9.71
CA GLU F 86 -37.06 -30.14 -10.55
C GLU F 86 -35.75 -30.25 -9.79
N ASP F 87 -35.77 -30.02 -8.47
CA ASP F 87 -34.58 -29.86 -7.64
C ASP F 87 -33.87 -31.13 -7.24
N LEU F 88 -34.14 -32.26 -7.87
CA LEU F 88 -33.50 -33.52 -7.47
C LEU F 88 -32.26 -33.86 -8.29
N GLY F 89 -31.26 -34.42 -7.62
CA GLY F 89 -30.06 -34.86 -8.28
C GLY F 89 -28.95 -34.93 -7.27
N LEU F 90 -27.74 -34.61 -7.69
CA LEU F 90 -26.57 -34.66 -6.83
C LEU F 90 -26.18 -33.23 -6.48
N TYR F 91 -26.00 -32.96 -5.20
CA TYR F 91 -25.55 -31.66 -4.75
C TYR F 91 -24.13 -31.80 -4.24
N TYR F 92 -23.25 -30.94 -4.72
CA TYR F 92 -21.84 -30.93 -4.34
C TYR F 92 -21.49 -29.57 -3.76
N CYS F 93 -20.58 -29.59 -2.79
CA CYS F 93 -19.93 -28.39 -2.32
C CYS F 93 -18.46 -28.48 -2.74
N PHE F 94 -17.85 -27.32 -3.01
CA PHE F 94 -16.48 -27.23 -3.55
C PHE F 94 -15.71 -26.06 -2.93
N GLN F 95 -14.38 -26.13 -2.83
CA GLN F 95 -13.57 -24.97 -2.35
C GLN F 95 -12.50 -24.53 -3.35
N ALA F 96 -12.45 -23.24 -3.69
CA ALA F 96 -11.35 -22.69 -4.53
C ALA F 96 -10.37 -21.91 -3.67
N SER F 97 -10.58 -21.87 -2.36
CA SER F 97 -9.75 -21.06 -1.45
C SER F 97 -8.31 -21.56 -1.45
N HIS F 98 -8.09 -22.86 -1.53
CA HIS F 98 -6.71 -23.44 -1.43
C HIS F 98 -6.39 -24.11 -2.76
N VAL F 99 -5.11 -24.19 -3.12
CA VAL F 99 -4.72 -24.56 -4.52
C VAL F 99 -5.18 -25.92 -4.99
N PRO F 100 -5.08 -27.03 -4.23
CA PRO F 100 -5.65 -28.24 -4.78
C PRO F 100 -7.09 -27.73 -4.70
N TYR F 101 -7.90 -27.94 -5.74
CA TYR F 101 -9.32 -27.54 -5.61
C TYR F 101 -10.05 -28.83 -5.29
N THR F 102 -10.83 -28.81 -4.23
CA THR F 102 -11.41 -30.08 -3.75
C THR F 102 -12.93 -30.00 -3.73
N PHE F 103 -13.59 -31.06 -4.18
CA PHE F 103 -15.06 -31.14 -4.14
C PHE F 103 -15.54 -32.06 -3.01
N GLY F 104 -16.84 -32.06 -2.71
CA GLY F 104 -17.49 -32.90 -1.74
C GLY F 104 -17.69 -34.33 -2.26
N GLY F 105 -18.15 -35.20 -1.36
CA GLY F 105 -18.50 -36.55 -1.77
C GLY F 105 -19.74 -36.57 -2.64
N GLY F 106 -20.69 -35.70 -2.35
CA GLY F 106 -21.97 -35.71 -3.02
C GLY F 106 -23.12 -35.92 -2.05
N THR F 107 -24.29 -35.46 -2.43
CA THR F 107 -25.52 -35.75 -1.70
C THR F 107 -26.61 -35.98 -2.72
N LYS F 108 -27.29 -37.10 -2.65
CA LYS F 108 -28.38 -37.35 -3.58
C LYS F 108 -29.69 -36.96 -2.89
N LEU F 109 -30.46 -36.08 -3.52
CA LEU F 109 -31.74 -35.63 -2.93
C LEU F 109 -32.82 -36.52 -3.52
N GLU F 110 -33.66 -37.08 -2.66
CA GLU F 110 -34.70 -38.03 -3.11
C GLU F 110 -36.04 -37.43 -2.71
N ILE F 111 -37.01 -37.43 -3.63
CA ILE F 111 -38.29 -36.75 -3.30
C ILE F 111 -39.32 -37.78 -2.85
N LYS F 112 -39.84 -37.66 -1.63
CA LYS F 112 -40.88 -38.57 -1.10
C LYS F 112 -42.18 -38.29 -1.85
N ARG F 113 -42.97 -39.32 -2.11
CA ARG F 113 -44.19 -39.15 -2.94
C ARG F 113 -45.26 -40.12 -2.47
N THR F 114 -46.52 -39.84 -2.81
CA THR F 114 -47.60 -40.80 -2.51
C THR F 114 -47.32 -42.05 -3.30
N VAL F 115 -47.67 -43.22 -2.76
CA VAL F 115 -47.31 -44.48 -3.44
C VAL F 115 -48.01 -44.52 -4.78
N ALA F 116 -47.29 -45.00 -5.79
CA ALA F 116 -47.84 -45.10 -7.15
C ALA F 116 -47.54 -46.50 -7.61
N ALA F 117 -48.42 -47.06 -8.42
CA ALA F 117 -48.25 -48.46 -8.80
C ALA F 117 -47.74 -48.54 -10.22
N PRO F 118 -46.92 -49.55 -10.54
CA PRO F 118 -46.33 -49.67 -11.88
C PRO F 118 -47.35 -50.14 -12.89
N SER F 119 -47.11 -49.79 -14.15
CA SER F 119 -47.78 -50.46 -15.25
C SER F 119 -46.77 -51.42 -15.88
N VAL F 120 -47.17 -52.67 -16.03
CA VAL F 120 -46.27 -53.76 -16.40
C VAL F 120 -46.52 -54.14 -17.85
N PHE F 121 -45.42 -54.36 -18.59
CA PHE F 121 -45.50 -54.77 -19.98
C PHE F 121 -44.45 -55.85 -20.25
N ILE F 122 -44.78 -56.82 -21.11
CA ILE F 122 -43.83 -57.85 -21.50
C ILE F 122 -43.57 -57.78 -23.00
N PHE F 123 -42.32 -58.03 -23.37
CA PHE F 123 -41.83 -57.91 -24.72
C PHE F 123 -41.18 -59.23 -25.14
N PRO F 124 -41.67 -59.86 -26.20
CA PRO F 124 -41.07 -61.10 -26.68
C PRO F 124 -39.83 -60.82 -27.50
N PRO F 125 -38.95 -61.81 -27.63
CA PRO F 125 -37.74 -61.62 -28.45
C PRO F 125 -38.08 -61.35 -29.91
N SER F 126 -37.35 -60.43 -30.52
CA SER F 126 -37.56 -60.10 -31.91
C SER F 126 -37.09 -61.25 -32.81
N ASP F 127 -37.65 -61.28 -34.02
CA ASP F 127 -37.24 -62.29 -35.00
C ASP F 127 -35.81 -62.05 -35.48
N GLU F 128 -35.40 -60.80 -35.63
CA GLU F 128 -34.02 -60.52 -36.01
C GLU F 128 -33.05 -61.04 -34.97
N GLN F 129 -33.38 -60.87 -33.68
CA GLN F 129 -32.47 -61.28 -32.62
C GLN F 129 -32.23 -62.79 -32.60
N LEU F 130 -33.26 -63.60 -32.86
CA LEU F 130 -33.04 -65.04 -32.67
C LEU F 130 -32.19 -65.60 -33.79
N LYS F 131 -32.16 -64.94 -34.94
CA LYS F 131 -31.22 -65.28 -36.00
C LYS F 131 -29.79 -65.24 -35.50
N SER F 132 -29.49 -64.33 -34.56
CA SER F 132 -28.17 -64.29 -33.97
C SER F 132 -27.90 -65.51 -33.09
N GLY F 133 -28.95 -66.11 -32.54
CA GLY F 133 -28.84 -67.32 -31.76
C GLY F 133 -28.91 -67.13 -30.27
N THR F 134 -29.27 -65.93 -29.81
CA THR F 134 -29.53 -65.66 -28.40
C THR F 134 -30.85 -64.93 -28.33
N ALA F 135 -31.67 -65.24 -27.32
CA ALA F 135 -33.01 -64.71 -27.21
C ALA F 135 -33.19 -64.01 -25.87
N SER F 136 -33.81 -62.84 -25.87
CA SER F 136 -33.98 -62.07 -24.66
C SER F 136 -35.42 -61.60 -24.53
N VAL F 137 -35.96 -61.74 -23.33
CA VAL F 137 -37.34 -61.40 -23.02
C VAL F 137 -37.28 -60.22 -22.07
N VAL F 138 -38.09 -59.20 -22.32
CA VAL F 138 -37.97 -57.97 -21.53
C VAL F 138 -39.27 -57.72 -20.79
N CYS F 139 -39.17 -57.50 -19.48
CA CYS F 139 -40.27 -57.04 -18.65
C CYS F 139 -40.02 -55.62 -18.21
N LEU F 140 -41.06 -54.79 -18.30
CA LEU F 140 -40.97 -53.40 -17.94
C LEU F 140 -41.99 -53.04 -16.87
N LEU F 141 -41.52 -52.31 -15.86
CA LEU F 141 -42.35 -51.67 -14.85
C LEU F 141 -42.23 -50.18 -15.03
N ASN F 142 -43.36 -49.47 -15.07
CA ASN F 142 -43.33 -48.05 -15.43
C ASN F 142 -44.05 -47.22 -14.38
N ASN F 143 -43.35 -46.17 -13.89
CA ASN F 143 -43.92 -45.11 -13.07
C ASN F 143 -44.54 -45.62 -11.77
N PHE F 144 -43.67 -46.18 -10.93
CA PHE F 144 -44.04 -46.58 -9.57
C PHE F 144 -43.16 -45.81 -8.60
N TYR F 145 -43.75 -45.23 -7.54
CA TYR F 145 -42.90 -44.43 -6.66
C TYR F 145 -42.01 -45.27 -5.76
N PRO F 146 -42.54 -46.09 -4.85
CA PRO F 146 -41.64 -46.79 -3.93
C PRO F 146 -40.66 -47.60 -4.75
N ARG F 147 -39.37 -47.28 -4.61
CA ARG F 147 -38.39 -47.81 -5.53
C ARG F 147 -38.33 -49.32 -5.43
N GLU F 148 -38.46 -49.84 -4.22
CA GLU F 148 -38.40 -51.28 -3.99
C GLU F 148 -39.50 -52.00 -4.74
N ALA F 149 -39.10 -52.91 -5.62
CA ALA F 149 -40.01 -53.74 -6.37
C ALA F 149 -39.31 -55.06 -6.62
N LYS F 150 -40.07 -56.14 -6.69
CA LYS F 150 -39.51 -57.45 -6.95
C LYS F 150 -40.01 -57.95 -8.28
N VAL F 151 -39.10 -58.47 -9.10
CA VAL F 151 -39.44 -59.06 -10.40
C VAL F 151 -38.97 -60.50 -10.39
N GLN F 152 -39.90 -61.42 -10.64
CA GLN F 152 -39.59 -62.84 -10.76
C GLN F 152 -39.94 -63.30 -12.16
N TRP F 153 -39.04 -64.10 -12.74
CA TRP F 153 -39.20 -64.61 -14.09
C TRP F 153 -39.59 -66.08 -14.00
N LYS F 154 -40.67 -66.45 -14.67
CA LYS F 154 -41.11 -67.85 -14.70
C LYS F 154 -41.26 -68.31 -16.15
N VAL F 155 -40.50 -69.33 -16.50
CA VAL F 155 -40.40 -69.83 -17.87
C VAL F 155 -41.03 -71.22 -17.92
N ASP F 156 -42.20 -71.29 -18.57
CA ASP F 156 -43.05 -72.48 -18.53
C ASP F 156 -43.20 -72.95 -17.09
N ASN F 157 -43.69 -72.04 -16.27
CA ASN F 157 -43.93 -72.34 -14.84
C ASN F 157 -42.62 -72.77 -14.21
N ALA F 158 -41.51 -72.16 -14.63
CA ALA F 158 -40.23 -72.45 -13.97
C ALA F 158 -39.64 -71.16 -13.39
N LEU F 159 -39.33 -71.16 -12.09
CA LEU F 159 -38.81 -69.95 -11.40
C LEU F 159 -37.40 -69.66 -11.90
N GLN F 160 -36.99 -68.40 -11.88
CA GLN F 160 -35.69 -68.02 -12.46
C GLN F 160 -34.54 -67.93 -11.47
N SER F 161 -33.39 -68.48 -11.84
CA SER F 161 -32.13 -68.31 -11.09
C SER F 161 -31.54 -67.06 -11.72
N GLY F 162 -30.25 -66.80 -11.56
CA GLY F 162 -29.78 -65.51 -12.11
C GLY F 162 -29.54 -65.62 -13.60
N ASN F 163 -30.61 -65.81 -14.37
CA ASN F 163 -30.55 -65.79 -15.84
C ASN F 163 -30.98 -64.39 -16.27
N SER F 164 -31.25 -63.51 -15.31
CA SER F 164 -31.81 -62.18 -15.63
C SER F 164 -31.03 -61.04 -14.97
N GLN F 165 -31.02 -59.86 -15.60
CA GLN F 165 -30.33 -58.66 -15.07
C GLN F 165 -31.31 -57.49 -15.10
N GLU F 166 -31.22 -56.58 -14.13
CA GLU F 166 -32.20 -55.45 -14.05
C GLU F 166 -31.55 -54.08 -14.12
N SER F 167 -32.25 -53.10 -14.69
CA SER F 167 -31.81 -51.72 -14.77
C SER F 167 -32.97 -50.84 -14.30
N VAL F 168 -32.65 -49.84 -13.47
CA VAL F 168 -33.65 -48.91 -12.97
C VAL F 168 -33.16 -47.49 -13.25
N THR F 169 -34.07 -46.62 -13.66
CA THR F 169 -33.73 -45.25 -13.98
C THR F 169 -33.58 -44.38 -12.74
N GLU F 170 -33.12 -43.16 -12.98
CA GLU F 170 -33.13 -42.12 -11.96
C GLU F 170 -34.56 -41.69 -11.70
N GLN F 171 -34.77 -41.02 -10.56
CA GLN F 171 -36.09 -40.49 -10.27
C GLN F 171 -36.49 -39.50 -11.35
N ASP F 172 -37.63 -39.74 -11.99
CA ASP F 172 -38.12 -38.82 -13.01
C ASP F 172 -38.28 -37.42 -12.44
N SER F 173 -37.79 -36.43 -13.19
CA SER F 173 -37.88 -35.03 -12.76
C SER F 173 -39.32 -34.55 -12.66
N LYS F 174 -40.22 -35.04 -13.51
CA LYS F 174 -41.58 -34.51 -13.51
C LYS F 174 -42.39 -34.97 -12.29
N ASP F 175 -42.59 -36.27 -12.15
CA ASP F 175 -43.54 -36.80 -11.16
C ASP F 175 -42.89 -37.64 -10.07
N SER F 176 -41.56 -37.74 -10.05
CA SER F 176 -40.81 -38.36 -8.95
C SER F 176 -41.03 -39.87 -8.87
N THR F 177 -41.22 -40.53 -10.00
CA THR F 177 -41.52 -41.96 -10.05
C THR F 177 -40.42 -42.69 -10.81
N TYR F 178 -40.12 -43.92 -10.38
CA TYR F 178 -39.10 -44.71 -11.05
C TYR F 178 -39.69 -45.58 -12.17
N SER F 179 -38.79 -46.10 -13.00
CA SER F 179 -39.13 -47.09 -14.00
C SER F 179 -38.00 -48.10 -14.08
N LEU F 180 -38.36 -49.34 -14.38
CA LEU F 180 -37.46 -50.48 -14.26
C LEU F 180 -37.65 -51.39 -15.47
N SER F 181 -36.56 -51.97 -15.96
CA SER F 181 -36.63 -53.02 -16.96
C SER F 181 -35.77 -54.18 -16.50
N SER F 182 -36.35 -55.37 -16.48
CA SER F 182 -35.64 -56.61 -16.19
C SER F 182 -35.62 -57.43 -17.46
N THR F 183 -34.42 -57.78 -17.92
CA THR F 183 -34.24 -58.54 -19.15
C THR F 183 -33.72 -59.94 -18.80
N LEU F 184 -34.36 -60.95 -19.36
CA LEU F 184 -33.98 -62.34 -19.21
C LEU F 184 -33.32 -62.79 -20.49
N THR F 185 -32.05 -63.19 -20.41
CA THR F 185 -31.27 -63.59 -21.57
C THR F 185 -31.10 -65.10 -21.55
N LEU F 186 -31.44 -65.75 -22.65
CA LEU F 186 -31.46 -67.19 -22.77
C LEU F 186 -30.80 -67.62 -24.08
N SER F 187 -30.27 -68.83 -24.07
CA SER F 187 -29.79 -69.43 -25.30
C SER F 187 -30.97 -69.68 -26.23
N LYS F 188 -30.76 -69.68 -27.54
CA LYS F 188 -31.94 -69.81 -28.44
C LYS F 188 -32.69 -71.12 -28.18
N ALA F 189 -31.97 -72.20 -27.89
CA ALA F 189 -32.65 -73.51 -27.78
C ALA F 189 -33.66 -73.47 -26.65
N ASP F 190 -33.31 -72.86 -25.52
CA ASP F 190 -34.24 -72.89 -24.38
C ASP F 190 -35.52 -72.15 -24.78
N TYR F 191 -35.41 -71.03 -25.49
CA TYR F 191 -36.62 -70.24 -25.81
C TYR F 191 -37.54 -71.08 -26.68
N GLU F 192 -36.96 -71.82 -27.61
CA GLU F 192 -37.78 -72.66 -28.51
C GLU F 192 -38.49 -73.72 -27.68
N LYS F 193 -37.78 -74.32 -26.71
CA LYS F 193 -38.30 -75.47 -25.94
C LYS F 193 -39.59 -75.21 -25.18
N HIS F 194 -39.82 -74.00 -24.70
CA HIS F 194 -41.03 -73.84 -23.85
C HIS F 194 -41.90 -72.71 -24.40
N LYS F 195 -43.20 -72.81 -24.16
CA LYS F 195 -44.11 -71.81 -24.75
C LYS F 195 -44.43 -70.69 -23.75
N LEU F 196 -44.39 -70.97 -22.46
CA LEU F 196 -44.79 -69.87 -21.53
C LEU F 196 -43.63 -69.10 -20.93
N TYR F 197 -43.64 -67.78 -21.07
CA TYR F 197 -42.63 -66.90 -20.44
C TYR F 197 -43.43 -65.89 -19.61
N ALA F 198 -43.06 -65.65 -18.36
CA ALA F 198 -43.93 -64.76 -17.56
C ALA F 198 -43.17 -63.86 -16.59
N CYS F 199 -43.67 -62.65 -16.38
CA CYS F 199 -43.10 -61.68 -15.46
C CYS F 199 -44.06 -61.45 -14.31
N GLU F 200 -43.65 -61.78 -13.10
CA GLU F 200 -44.47 -61.55 -11.92
C GLU F 200 -43.83 -60.45 -11.08
N VAL F 201 -44.58 -59.37 -10.88
CA VAL F 201 -44.07 -58.18 -10.21
C VAL F 201 -44.70 -58.10 -8.83
N THR F 202 -43.96 -57.52 -7.90
CA THR F 202 -44.45 -57.35 -6.53
C THR F 202 -44.11 -55.94 -6.07
N HIS F 203 -45.14 -55.17 -5.79
CA HIS F 203 -45.03 -53.77 -5.39
C HIS F 203 -46.16 -53.45 -4.42
N GLN F 204 -45.91 -52.47 -3.54
CA GLN F 204 -46.93 -52.04 -2.60
C GLN F 204 -48.21 -51.60 -3.32
N GLY F 205 -48.07 -50.85 -4.42
CA GLY F 205 -49.24 -50.35 -5.13
C GLY F 205 -50.12 -51.42 -5.73
N LEU F 206 -49.63 -52.65 -5.87
CA LEU F 206 -50.39 -53.76 -6.42
C LEU F 206 -50.44 -54.94 -5.46
N SER F 207 -51.00 -56.05 -5.96
CA SER F 207 -51.11 -57.31 -5.23
C SER F 207 -50.66 -58.46 -6.14
N SER F 208 -49.33 -58.54 -6.37
CA SER F 208 -48.71 -59.58 -7.18
C SER F 208 -49.28 -59.73 -8.59
N PRO F 209 -49.40 -58.64 -9.36
CA PRO F 209 -49.85 -58.77 -10.75
C PRO F 209 -48.82 -59.46 -11.60
N VAL F 210 -49.30 -60.22 -12.57
CA VAL F 210 -48.44 -60.96 -13.48
C VAL F 210 -48.90 -60.66 -14.90
N THR F 211 -47.93 -60.67 -15.82
CA THR F 211 -48.19 -60.42 -17.23
C THR F 211 -47.70 -61.66 -17.99
N LYS F 212 -48.38 -61.97 -19.09
CA LYS F 212 -48.15 -63.20 -19.84
C LYS F 212 -47.89 -64.40 -18.92
#